data_5KVB
# 
_entry.id   5KVB 
# 
_audit_conform.dict_name       mmcif_pdbx.dic 
_audit_conform.dict_version    5.379 
_audit_conform.dict_location   http://mmcif.pdb.org/dictionaries/ascii/mmcif_pdbx.dic 
# 
loop_
_database_2.database_id 
_database_2.database_code 
_database_2.pdbx_database_accession 
_database_2.pdbx_DOI 
PDB   5KVB         pdb_00005kvb 10.2210/pdb5kvb/pdb 
WWPDB D_1000222795 ?            ?                   
# 
_pdbx_database_status.status_code                     REL 
_pdbx_database_status.status_code_sf                  REL 
_pdbx_database_status.status_code_mr                  ? 
_pdbx_database_status.entry_id                        5KVB 
_pdbx_database_status.recvd_initial_deposition_date   2016-07-14 
_pdbx_database_status.SG_entry                        N 
_pdbx_database_status.deposit_site                    RCSB 
_pdbx_database_status.process_site                    RCSB 
_pdbx_database_status.status_code_cs                  ? 
_pdbx_database_status.methods_development_category    ? 
_pdbx_database_status.pdb_format_compatible           Y 
_pdbx_database_status.status_code_nmr_data            ? 
# 
loop_
_audit_author.name 
_audit_author.pdbx_ordinal 
'Dellas, N.'    1 
'Oakeshott, J.' 2 
'Pearce, S.L.'  3 
'Pandey, G.'    4 
'Pushiri, H.'   5 
# 
_citation.abstract                  ? 
_citation.abstract_id_CAS           ? 
_citation.book_id_ISBN              ? 
_citation.book_publisher            ? 
_citation.book_publisher_city       ? 
_citation.book_title                ? 
_citation.coordinate_linkage        ? 
_citation.country                   ? 
_citation.database_id_Medline       ? 
_citation.details                   ? 
_citation.id                        primary 
_citation.journal_abbrev            'to be published' 
_citation.journal_id_ASTM           ? 
_citation.journal_id_CSD            0353 
_citation.journal_id_ISSN           ? 
_citation.journal_full              ? 
_citation.journal_issue             ? 
_citation.journal_volume            ? 
_citation.language                  ? 
_citation.page_first                ? 
_citation.page_last                 ? 
_citation.title                     
'The crystal structure of hexachlorocyclohexane dehydrochlorinase LinA-type3 from Novosphingobium barchaimii LL02' 
_citation.year                      ? 
_citation.database_id_CSD           ? 
_citation.pdbx_database_id_DOI      ? 
_citation.pdbx_database_id_PubMed   ? 
_citation.unpublished_flag          ? 
# 
loop_
_citation_author.citation_id 
_citation_author.name 
_citation_author.ordinal 
_citation_author.identifier_ORCID 
primary 'Dellas, N.'    1 ? 
primary 'Oakeshott, J.' 2 ? 
primary 'Pearce, S.L.'  3 ? 
primary 'Pandey, G.'    4 ? 
primary 'Pushiri, H.'   5 ? 
# 
_cell.angle_alpha                  90.000 
_cell.angle_alpha_esd              ? 
_cell.angle_beta                   90.000 
_cell.angle_beta_esd               ? 
_cell.angle_gamma                  120.000 
_cell.angle_gamma_esd              ? 
_cell.entry_id                     5KVB 
_cell.details                      ? 
_cell.formula_units_Z              ? 
_cell.length_a                     50.169 
_cell.length_a_esd                 ? 
_cell.length_b                     50.169 
_cell.length_b_esd                 ? 
_cell.length_c                     147.968 
_cell.length_c_esd                 ? 
_cell.volume                       ? 
_cell.volume_esd                   ? 
_cell.Z_PDB                        9 
_cell.reciprocal_angle_alpha       ? 
_cell.reciprocal_angle_beta        ? 
_cell.reciprocal_angle_gamma       ? 
_cell.reciprocal_angle_alpha_esd   ? 
_cell.reciprocal_angle_beta_esd    ? 
_cell.reciprocal_angle_gamma_esd   ? 
_cell.reciprocal_length_a          ? 
_cell.reciprocal_length_b          ? 
_cell.reciprocal_length_c          ? 
_cell.reciprocal_length_a_esd      ? 
_cell.reciprocal_length_b_esd      ? 
_cell.reciprocal_length_c_esd      ? 
_cell.pdbx_unique_axis             ? 
# 
_symmetry.entry_id                         5KVB 
_symmetry.cell_setting                     ? 
_symmetry.Int_Tables_number                146 
_symmetry.space_group_name_Hall            ? 
_symmetry.space_group_name_H-M             'H 3' 
_symmetry.pdbx_full_space_group_name_H-M   ? 
# 
loop_
_entity.id 
_entity.type 
_entity.src_method 
_entity.pdbx_description 
_entity.formula_weight 
_entity.pdbx_number_of_molecules 
_entity.pdbx_ec 
_entity.pdbx_mutation 
_entity.pdbx_fragment 
_entity.details 
1 polymer man 'Gamma-hexachlorocyclohexane dehydrochlorinase' 17720.896 1   ? ? ? ? 
2 water   nat water                                           18.015    133 ? ? ? ? 
# 
_entity_poly.entity_id                      1 
_entity_poly.type                           'polypeptide(L)' 
_entity_poly.nstd_linkage                   no 
_entity_poly.nstd_monomer                   no 
_entity_poly.pdbx_seq_one_letter_code       
;MHHHHHHMSDLDRLASRAAIQDLYSDQLIGVDKRQEGRLASIWWDDAEWTVEGIGTYKGPEGALDLVNNVVWPRWHDFIH
YGTNLRLEFVSADKVNGIGDVLCLGNLVEGNQSILIAAVYTSEYERRDGVWKFSKLNGRMNYFTPLAGIHFVPPGA
;
_entity_poly.pdbx_seq_one_letter_code_can   
;MHHHHHHMSDLDRLASRAAIQDLYSDQLIGVDKRQEGRLASIWWDDAEWTVEGIGTYKGPEGALDLVNNVVWPRWHDFIH
YGTNLRLEFVSADKVNGIGDVLCLGNLVEGNQSILIAAVYTSEYERRDGVWKFSKLNGRMNYFTPLAGIHFVPPGA
;
_entity_poly.pdbx_strand_id                 A 
_entity_poly.pdbx_target_identifier         ? 
# 
loop_
_entity_poly_seq.entity_id 
_entity_poly_seq.num 
_entity_poly_seq.mon_id 
_entity_poly_seq.hetero 
1 1   MET n 
1 2   HIS n 
1 3   HIS n 
1 4   HIS n 
1 5   HIS n 
1 6   HIS n 
1 7   HIS n 
1 8   MET n 
1 9   SER n 
1 10  ASP n 
1 11  LEU n 
1 12  ASP n 
1 13  ARG n 
1 14  LEU n 
1 15  ALA n 
1 16  SER n 
1 17  ARG n 
1 18  ALA n 
1 19  ALA n 
1 20  ILE n 
1 21  GLN n 
1 22  ASP n 
1 23  LEU n 
1 24  TYR n 
1 25  SER n 
1 26  ASP n 
1 27  GLN n 
1 28  LEU n 
1 29  ILE n 
1 30  GLY n 
1 31  VAL n 
1 32  ASP n 
1 33  LYS n 
1 34  ARG n 
1 35  GLN n 
1 36  GLU n 
1 37  GLY n 
1 38  ARG n 
1 39  LEU n 
1 40  ALA n 
1 41  SER n 
1 42  ILE n 
1 43  TRP n 
1 44  TRP n 
1 45  ASP n 
1 46  ASP n 
1 47  ALA n 
1 48  GLU n 
1 49  TRP n 
1 50  THR n 
1 51  VAL n 
1 52  GLU n 
1 53  GLY n 
1 54  ILE n 
1 55  GLY n 
1 56  THR n 
1 57  TYR n 
1 58  LYS n 
1 59  GLY n 
1 60  PRO n 
1 61  GLU n 
1 62  GLY n 
1 63  ALA n 
1 64  LEU n 
1 65  ASP n 
1 66  LEU n 
1 67  VAL n 
1 68  ASN n 
1 69  ASN n 
1 70  VAL n 
1 71  VAL n 
1 72  TRP n 
1 73  PRO n 
1 74  ARG n 
1 75  TRP n 
1 76  HIS n 
1 77  ASP n 
1 78  PHE n 
1 79  ILE n 
1 80  HIS n 
1 81  TYR n 
1 82  GLY n 
1 83  THR n 
1 84  ASN n 
1 85  LEU n 
1 86  ARG n 
1 87  LEU n 
1 88  GLU n 
1 89  PHE n 
1 90  VAL n 
1 91  SER n 
1 92  ALA n 
1 93  ASP n 
1 94  LYS n 
1 95  VAL n 
1 96  ASN n 
1 97  GLY n 
1 98  ILE n 
1 99  GLY n 
1 100 ASP n 
1 101 VAL n 
1 102 LEU n 
1 103 CYS n 
1 104 LEU n 
1 105 GLY n 
1 106 ASN n 
1 107 LEU n 
1 108 VAL n 
1 109 GLU n 
1 110 GLY n 
1 111 ASN n 
1 112 GLN n 
1 113 SER n 
1 114 ILE n 
1 115 LEU n 
1 116 ILE n 
1 117 ALA n 
1 118 ALA n 
1 119 VAL n 
1 120 TYR n 
1 121 THR n 
1 122 SER n 
1 123 GLU n 
1 124 TYR n 
1 125 GLU n 
1 126 ARG n 
1 127 ARG n 
1 128 ASP n 
1 129 GLY n 
1 130 VAL n 
1 131 TRP n 
1 132 LYS n 
1 133 PHE n 
1 134 SER n 
1 135 LYS n 
1 136 LEU n 
1 137 ASN n 
1 138 GLY n 
1 139 ARG n 
1 140 MET n 
1 141 ASN n 
1 142 TYR n 
1 143 PHE n 
1 144 THR n 
1 145 PRO n 
1 146 LEU n 
1 147 ALA n 
1 148 GLY n 
1 149 ILE n 
1 150 HIS n 
1 151 PHE n 
1 152 VAL n 
1 153 PRO n 
1 154 PRO n 
1 155 GLY n 
1 156 ALA n 
# 
_entity_src_gen.entity_id                          1 
_entity_src_gen.pdbx_src_id                        1 
_entity_src_gen.pdbx_alt_source_flag               sample 
_entity_src_gen.pdbx_seq_type                      'Biological sequence' 
_entity_src_gen.pdbx_beg_seq_num                   1 
_entity_src_gen.pdbx_end_seq_num                   156 
_entity_src_gen.gene_src_common_name               ? 
_entity_src_gen.gene_src_genus                     ? 
_entity_src_gen.pdbx_gene_src_gene                 V474_07160 
_entity_src_gen.gene_src_species                   ? 
_entity_src_gen.gene_src_strain                    ? 
_entity_src_gen.gene_src_tissue                    ? 
_entity_src_gen.gene_src_tissue_fraction           ? 
_entity_src_gen.gene_src_details                   'DSMZ 25411' 
_entity_src_gen.pdbx_gene_src_fragment             ? 
_entity_src_gen.pdbx_gene_src_scientific_name      'Novosphingobium barchaimii LL02' 
_entity_src_gen.pdbx_gene_src_ncbi_taxonomy_id     1114963 
_entity_src_gen.pdbx_gene_src_variant              ? 
_entity_src_gen.pdbx_gene_src_cell_line            ? 
_entity_src_gen.pdbx_gene_src_atcc                 ? 
_entity_src_gen.pdbx_gene_src_organ                ? 
_entity_src_gen.pdbx_gene_src_organelle            ? 
_entity_src_gen.pdbx_gene_src_cell                 ? 
_entity_src_gen.pdbx_gene_src_cellular_location    ? 
_entity_src_gen.host_org_common_name               ? 
_entity_src_gen.pdbx_host_org_scientific_name      'Escherichia coli BL21(DE3)' 
_entity_src_gen.pdbx_host_org_ncbi_taxonomy_id     469008 
_entity_src_gen.host_org_genus                     ? 
_entity_src_gen.pdbx_host_org_gene                 ? 
_entity_src_gen.pdbx_host_org_organ                ? 
_entity_src_gen.host_org_species                   ? 
_entity_src_gen.pdbx_host_org_tissue               ? 
_entity_src_gen.pdbx_host_org_tissue_fraction      ? 
_entity_src_gen.pdbx_host_org_strain               ? 
_entity_src_gen.pdbx_host_org_variant              ? 
_entity_src_gen.pdbx_host_org_cell_line            ? 
_entity_src_gen.pdbx_host_org_atcc                 ? 
_entity_src_gen.pdbx_host_org_culture_collection   ? 
_entity_src_gen.pdbx_host_org_cell                 ? 
_entity_src_gen.pdbx_host_org_organelle            ? 
_entity_src_gen.pdbx_host_org_cellular_location    ? 
_entity_src_gen.pdbx_host_org_vector_type          plasmid 
_entity_src_gen.pdbx_host_org_vector               ? 
_entity_src_gen.host_org_details                   gateway 
_entity_src_gen.expression_system_id               ? 
_entity_src_gen.plasmid_name                       pDEST14 
_entity_src_gen.plasmid_details                    ? 
_entity_src_gen.pdbx_description                   ? 
# 
_struct_ref.id                         1 
_struct_ref.db_name                    UNP 
_struct_ref.db_code                    A0A0J7XEF9_9SPHN 
_struct_ref.pdbx_db_accession          A0A0J7XEF9 
_struct_ref.pdbx_db_isoform            ? 
_struct_ref.entity_id                  1 
_struct_ref.pdbx_seq_one_letter_code   
;MSDLDRLASRAAIQDLYSDQLIGVDKRQEGRLASIWWDDAEWTVEGIGTYKGPEGALDLVNNVVWPRWHDFIHYGTNLRL
EFVSADKVNGIGDVLCLGNLVEGNQSILIAAVYTSEYERRDGVWKFSKLNGRMNYFTPLAGIHFVPPGA
;
_struct_ref.pdbx_align_begin           1 
# 
_struct_ref_seq.align_id                      1 
_struct_ref_seq.ref_id                        1 
_struct_ref_seq.pdbx_PDB_id_code              5KVB 
_struct_ref_seq.pdbx_strand_id                A 
_struct_ref_seq.seq_align_beg                 8 
_struct_ref_seq.pdbx_seq_align_beg_ins_code   ? 
_struct_ref_seq.seq_align_end                 156 
_struct_ref_seq.pdbx_seq_align_end_ins_code   ? 
_struct_ref_seq.pdbx_db_accession             A0A0J7XEF9 
_struct_ref_seq.db_align_beg                  1 
_struct_ref_seq.pdbx_db_align_beg_ins_code    ? 
_struct_ref_seq.db_align_end                  149 
_struct_ref_seq.pdbx_db_align_end_ins_code    ? 
_struct_ref_seq.pdbx_auth_seq_align_beg       1 
_struct_ref_seq.pdbx_auth_seq_align_end       149 
# 
loop_
_struct_ref_seq_dif.align_id 
_struct_ref_seq_dif.pdbx_pdb_id_code 
_struct_ref_seq_dif.mon_id 
_struct_ref_seq_dif.pdbx_pdb_strand_id 
_struct_ref_seq_dif.seq_num 
_struct_ref_seq_dif.pdbx_pdb_ins_code 
_struct_ref_seq_dif.pdbx_seq_db_name 
_struct_ref_seq_dif.pdbx_seq_db_accession_code 
_struct_ref_seq_dif.db_mon_id 
_struct_ref_seq_dif.pdbx_seq_db_seq_num 
_struct_ref_seq_dif.details 
_struct_ref_seq_dif.pdbx_auth_seq_num 
_struct_ref_seq_dif.pdbx_ordinal 
1 5KVB MET A 1 ? UNP A0A0J7XEF9 ? ? 'initiating methionine' -6 1 
1 5KVB HIS A 2 ? UNP A0A0J7XEF9 ? ? 'expression tag'        -5 2 
1 5KVB HIS A 3 ? UNP A0A0J7XEF9 ? ? 'expression tag'        -4 3 
1 5KVB HIS A 4 ? UNP A0A0J7XEF9 ? ? 'expression tag'        -3 4 
1 5KVB HIS A 5 ? UNP A0A0J7XEF9 ? ? 'expression tag'        -2 5 
1 5KVB HIS A 6 ? UNP A0A0J7XEF9 ? ? 'expression tag'        -1 6 
1 5KVB HIS A 7 ? UNP A0A0J7XEF9 ? ? 'expression tag'        0  7 
# 
loop_
_chem_comp.id 
_chem_comp.type 
_chem_comp.mon_nstd_flag 
_chem_comp.name 
_chem_comp.pdbx_synonyms 
_chem_comp.formula 
_chem_comp.formula_weight 
ALA 'L-peptide linking' y ALANINE         ? 'C3 H7 N O2'     89.093  
ARG 'L-peptide linking' y ARGININE        ? 'C6 H15 N4 O2 1' 175.209 
ASN 'L-peptide linking' y ASPARAGINE      ? 'C4 H8 N2 O3'    132.118 
ASP 'L-peptide linking' y 'ASPARTIC ACID' ? 'C4 H7 N O4'     133.103 
CYS 'L-peptide linking' y CYSTEINE        ? 'C3 H7 N O2 S'   121.158 
GLN 'L-peptide linking' y GLUTAMINE       ? 'C5 H10 N2 O3'   146.144 
GLU 'L-peptide linking' y 'GLUTAMIC ACID' ? 'C5 H9 N O4'     147.129 
GLY 'peptide linking'   y GLYCINE         ? 'C2 H5 N O2'     75.067  
HIS 'L-peptide linking' y HISTIDINE       ? 'C6 H10 N3 O2 1' 156.162 
HOH non-polymer         . WATER           ? 'H2 O'           18.015  
ILE 'L-peptide linking' y ISOLEUCINE      ? 'C6 H13 N O2'    131.173 
LEU 'L-peptide linking' y LEUCINE         ? 'C6 H13 N O2'    131.173 
LYS 'L-peptide linking' y LYSINE          ? 'C6 H15 N2 O2 1' 147.195 
MET 'L-peptide linking' y METHIONINE      ? 'C5 H11 N O2 S'  149.211 
PHE 'L-peptide linking' y PHENYLALANINE   ? 'C9 H11 N O2'    165.189 
PRO 'L-peptide linking' y PROLINE         ? 'C5 H9 N O2'     115.130 
SER 'L-peptide linking' y SERINE          ? 'C3 H7 N O3'     105.093 
THR 'L-peptide linking' y THREONINE       ? 'C4 H9 N O3'     119.119 
TRP 'L-peptide linking' y TRYPTOPHAN      ? 'C11 H12 N2 O2'  204.225 
TYR 'L-peptide linking' y TYROSINE        ? 'C9 H11 N O3'    181.189 
VAL 'L-peptide linking' y VALINE          ? 'C5 H11 N O2'    117.146 
# 
_exptl.absorpt_coefficient_mu     ? 
_exptl.absorpt_correction_T_max   ? 
_exptl.absorpt_correction_T_min   ? 
_exptl.absorpt_correction_type    ? 
_exptl.absorpt_process_details    ? 
_exptl.entry_id                   5KVB 
_exptl.crystals_number            1 
_exptl.details                    ? 
_exptl.method                     'X-RAY DIFFRACTION' 
_exptl.method_details             ? 
# 
_exptl_crystal.colour                      ? 
_exptl_crystal.density_diffrn              ? 
_exptl_crystal.density_Matthews            2.14 
_exptl_crystal.density_method              ? 
_exptl_crystal.density_percent_sol         42.47 
_exptl_crystal.description                 ? 
_exptl_crystal.F_000                       ? 
_exptl_crystal.id                          1 
_exptl_crystal.preparation                 ? 
_exptl_crystal.size_max                    ? 
_exptl_crystal.size_mid                    ? 
_exptl_crystal.size_min                    ? 
_exptl_crystal.size_rad                    ? 
_exptl_crystal.colour_lustre               ? 
_exptl_crystal.colour_modifier             ? 
_exptl_crystal.colour_primary              ? 
_exptl_crystal.density_meas                ? 
_exptl_crystal.density_meas_esd            ? 
_exptl_crystal.density_meas_gt             ? 
_exptl_crystal.density_meas_lt             ? 
_exptl_crystal.density_meas_temp           ? 
_exptl_crystal.density_meas_temp_esd       ? 
_exptl_crystal.density_meas_temp_gt        ? 
_exptl_crystal.density_meas_temp_lt        ? 
_exptl_crystal.pdbx_crystal_image_url      ? 
_exptl_crystal.pdbx_crystal_image_format   ? 
_exptl_crystal.pdbx_mosaicity              ? 
_exptl_crystal.pdbx_mosaicity_esd          ? 
# 
_exptl_crystal_grow.apparatus       ? 
_exptl_crystal_grow.atmosphere      ? 
_exptl_crystal_grow.crystal_id      1 
_exptl_crystal_grow.details         ? 
_exptl_crystal_grow.method          'VAPOR DIFFUSION, SITTING DROP' 
_exptl_crystal_grow.method_ref      ? 
_exptl_crystal_grow.pH              6.05 
_exptl_crystal_grow.pressure        ? 
_exptl_crystal_grow.pressure_esd    ? 
_exptl_crystal_grow.seeding         ? 
_exptl_crystal_grow.seeding_ref     ? 
_exptl_crystal_grow.temp            293 
_exptl_crystal_grow.temp_details    ? 
_exptl_crystal_grow.temp_esd        ? 
_exptl_crystal_grow.time            ? 
_exptl_crystal_grow.pdbx_details    '20.5% PEG 1000, 10% propionate-cacodylate-bis tris propane' 
_exptl_crystal_grow.pdbx_pH_range   ? 
# 
_diffrn.ambient_environment    ? 
_diffrn.ambient_temp           100 
_diffrn.ambient_temp_details   ? 
_diffrn.ambient_temp_esd       ? 
_diffrn.crystal_id             1 
_diffrn.crystal_support        ? 
_diffrn.crystal_treatment      ? 
_diffrn.details                ? 
_diffrn.id                     1 
_diffrn.ambient_pressure       ? 
_diffrn.ambient_pressure_esd   ? 
_diffrn.ambient_pressure_gt    ? 
_diffrn.ambient_pressure_lt    ? 
_diffrn.ambient_temp_gt        ? 
_diffrn.ambient_temp_lt        ? 
# 
_diffrn_detector.details                      ? 
_diffrn_detector.detector                     CCD 
_diffrn_detector.diffrn_id                    1 
_diffrn_detector.type                         'ADSC QUANTUM 210r' 
_diffrn_detector.area_resol_mean              ? 
_diffrn_detector.dtime                        ? 
_diffrn_detector.pdbx_frames_total            ? 
_diffrn_detector.pdbx_collection_time_total   ? 
_diffrn_detector.pdbx_collection_date         2013-11-07 
# 
_diffrn_radiation.collimation                      ? 
_diffrn_radiation.diffrn_id                        1 
_diffrn_radiation.filter_edge                      ? 
_diffrn_radiation.inhomogeneity                    ? 
_diffrn_radiation.monochromator                    'Silicon Double Crystal' 
_diffrn_radiation.polarisn_norm                    ? 
_diffrn_radiation.polarisn_ratio                   ? 
_diffrn_radiation.probe                            ? 
_diffrn_radiation.type                             ? 
_diffrn_radiation.xray_symbol                      ? 
_diffrn_radiation.wavelength_id                    1 
_diffrn_radiation.pdbx_monochromatic_or_laue_m_l   M 
_diffrn_radiation.pdbx_wavelength_list             ? 
_diffrn_radiation.pdbx_wavelength                  ? 
_diffrn_radiation.pdbx_diffrn_protocol             'SINGLE WAVELENGTH' 
_diffrn_radiation.pdbx_analyzer                    ? 
_diffrn_radiation.pdbx_scattering_type             x-ray 
# 
_diffrn_radiation_wavelength.id           1 
_diffrn_radiation_wavelength.wavelength   0.953700 
_diffrn_radiation_wavelength.wt           1.0 
# 
_diffrn_source.current                     ? 
_diffrn_source.details                     ? 
_diffrn_source.diffrn_id                   1 
_diffrn_source.power                       ? 
_diffrn_source.size                        ? 
_diffrn_source.source                      SYNCHROTRON 
_diffrn_source.target                      ? 
_diffrn_source.type                        'AUSTRALIAN SYNCHROTRON BEAMLINE MX2' 
_diffrn_source.voltage                     ? 
_diffrn_source.take-off_angle              ? 
_diffrn_source.pdbx_wavelength_list        0.953700 
_diffrn_source.pdbx_wavelength             ? 
_diffrn_source.pdbx_synchrotron_beamline   MX2 
_diffrn_source.pdbx_synchrotron_site       'Australian Synchrotron' 
# 
_reflns.B_iso_Wilson_estimate            10.680 
_reflns.entry_id                         5KVB 
_reflns.data_reduction_details           ? 
_reflns.data_reduction_method            ? 
_reflns.d_resolution_high                1.450 
_reflns.d_resolution_low                 41.688 
_reflns.details                          ? 
_reflns.limit_h_max                      ? 
_reflns.limit_h_min                      ? 
_reflns.limit_k_max                      ? 
_reflns.limit_k_min                      ? 
_reflns.limit_l_max                      ? 
_reflns.limit_l_min                      ? 
_reflns.number_all                       24639 
_reflns.number_obs                       24639 
_reflns.observed_criterion               ? 
_reflns.observed_criterion_F_max         ? 
_reflns.observed_criterion_F_min         ? 
_reflns.observed_criterion_I_max         ? 
_reflns.observed_criterion_I_min         ? 
_reflns.observed_criterion_sigma_F       ? 
_reflns.observed_criterion_sigma_I       ? 
_reflns.percent_possible_obs             100.000 
_reflns.R_free_details                   ? 
_reflns.Rmerge_F_all                     ? 
_reflns.Rmerge_F_obs                     ? 
_reflns.Friedel_coverage                 ? 
_reflns.number_gt                        ? 
_reflns.threshold_expression             ? 
_reflns.pdbx_redundancy                  5.700 
_reflns.pdbx_Rmerge_I_obs                ? 
_reflns.pdbx_Rmerge_I_all                ? 
_reflns.pdbx_Rsym_value                  0.052 
_reflns.pdbx_netI_over_av_sigmaI         9.804 
_reflns.pdbx_netI_over_sigmaI            19.600 
_reflns.pdbx_res_netI_over_av_sigmaI_2   ? 
_reflns.pdbx_res_netI_over_sigmaI_2      ? 
_reflns.pdbx_chi_squared                 ? 
_reflns.pdbx_scaling_rejects             ? 
_reflns.pdbx_d_res_high_opt              ? 
_reflns.pdbx_d_res_low_opt               ? 
_reflns.pdbx_d_res_opt_method            ? 
_reflns.phase_calculation_details        ? 
_reflns.pdbx_Rrim_I_all                  0.057 
_reflns.pdbx_Rpim_I_all                  0.024 
_reflns.pdbx_d_opt                       ? 
_reflns.pdbx_number_measured_all         140021 
_reflns.pdbx_diffrn_id                   1 
_reflns.pdbx_ordinal                     1 
_reflns.pdbx_CC_half                     ? 
_reflns.pdbx_R_split                     ? 
# 
loop_
_reflns_shell.d_res_high 
_reflns_shell.d_res_low 
_reflns_shell.meanI_over_sigI_all 
_reflns_shell.meanI_over_sigI_obs 
_reflns_shell.number_measured_all 
_reflns_shell.number_measured_obs 
_reflns_shell.number_possible 
_reflns_shell.number_unique_all 
_reflns_shell.number_unique_obs 
_reflns_shell.percent_possible_all 
_reflns_shell.percent_possible_obs 
_reflns_shell.Rmerge_F_all 
_reflns_shell.Rmerge_F_obs 
_reflns_shell.Rmerge_I_all 
_reflns_shell.Rmerge_I_obs 
_reflns_shell.meanI_over_sigI_gt 
_reflns_shell.meanI_over_uI_all 
_reflns_shell.meanI_over_uI_gt 
_reflns_shell.number_measured_gt 
_reflns_shell.number_unique_gt 
_reflns_shell.percent_possible_gt 
_reflns_shell.Rmerge_F_gt 
_reflns_shell.Rmerge_I_gt 
_reflns_shell.pdbx_redundancy 
_reflns_shell.pdbx_Rsym_value 
_reflns_shell.pdbx_chi_squared 
_reflns_shell.pdbx_netI_over_sigmaI_all 
_reflns_shell.pdbx_netI_over_sigmaI_obs 
_reflns_shell.pdbx_Rrim_I_all 
_reflns_shell.pdbx_Rpim_I_all 
_reflns_shell.pdbx_rejects 
_reflns_shell.pdbx_ordinal 
_reflns_shell.pdbx_diffrn_id 
_reflns_shell.pdbx_CC_half 
_reflns_shell.pdbx_R_split 
1.450 1.530  ? 2.300  20136 ? ? 3600 ? 100.000 ? ? ? ? 0.335 ? ? ? ? ? ? ? ? 5.600 0.335 ? ? 5.000  ? 0.156 0 1  1 ? ? 
1.530 1.620  ? 3.400  19255 ? ? 3425 ? 100.000 ? ? ? ? 0.227 ? ? ? ? ? ? ? ? 5.600 0.227 ? ? 7.100  ? 0.105 0 2  1 ? ? 
1.620 1.730  ? 5.000  18147 ? ? 3204 ? 100.000 ? ? ? ? 0.154 ? ? ? ? ? ? ? ? 5.700 0.154 ? ? 9.900  ? 0.071 0 3  1 ? ? 
1.730 1.870  ? 7.600  16685 ? ? 2938 ? 100.000 ? ? ? ? 0.101 ? ? ? ? ? ? ? ? 5.700 0.101 ? ? 14.100 ? 0.046 0 4  1 ? ? 
1.870 2.050  ? 11.700 15712 ? ? 2757 ? 100.000 ? ? ? ? 0.063 ? ? ? ? ? ? ? ? 5.700 0.063 ? ? 20.700 ? 0.029 0 5  1 ? ? 
2.050 2.290  ? 13.100 14216 ? ? 2489 ? 100.000 ? ? ? ? 0.052 ? ? ? ? ? ? ? ? 5.700 0.052 ? ? 27.300 ? 0.024 0 6  1 ? ? 
2.290 2.650  ? 11.700 12426 ? ? 2166 ? 100.000 ? ? ? ? 0.054 ? ? ? ? ? ? ? ? 5.700 0.054 ? ? 30.800 ? 0.025 0 7  1 ? ? 
2.650 3.240  ? 17.400 10455 ? ? 1838 ? 100.000 ? ? ? ? 0.035 ? ? ? ? ? ? ? ? 5.700 0.035 ? ? 37.800 ? 0.016 0 8  1 ? ? 
3.240 4.590  ? 23.500 8395  ? ? 1442 ? 100.000 ? ? ? ? 0.024 ? ? ? ? ? ? ? ? 5.800 0.024 ? ? 47.500 ? 0.011 0 9  1 ? ? 
4.590 41.688 ? 13.500 4594  ? ? 780  ? 99.900  ? ? ? ? 0.029 ? ? ? ? ? ? ? ? 5.900 0.029 ? ? 47.100 ? 0.013 0 10 1 ? ? 
# 
_refine.aniso_B[1][1]                            ? 
_refine.aniso_B[1][2]                            ? 
_refine.aniso_B[1][3]                            ? 
_refine.aniso_B[2][2]                            ? 
_refine.aniso_B[2][3]                            ? 
_refine.aniso_B[3][3]                            ? 
_refine.B_iso_max                                52.360 
_refine.B_iso_mean                               13.2110 
_refine.B_iso_min                                3.330 
_refine.correlation_coeff_Fo_to_Fc               ? 
_refine.correlation_coeff_Fo_to_Fc_free          ? 
_refine.details                                  ? 
_refine.diff_density_max                         ? 
_refine.diff_density_max_esd                     ? 
_refine.diff_density_min                         ? 
_refine.diff_density_min_esd                     ? 
_refine.diff_density_rms                         ? 
_refine.diff_density_rms_esd                     ? 
_refine.entry_id                                 5KVB 
_refine.pdbx_refine_id                           'X-RAY DIFFRACTION' 
_refine.ls_abs_structure_details                 ? 
_refine.ls_abs_structure_Flack                   ? 
_refine.ls_abs_structure_Flack_esd               ? 
_refine.ls_abs_structure_Rogers                  ? 
_refine.ls_abs_structure_Rogers_esd              ? 
_refine.ls_d_res_high                            1.4500 
_refine.ls_d_res_low                             37.4650 
_refine.ls_extinction_coef                       ? 
_refine.ls_extinction_coef_esd                   ? 
_refine.ls_extinction_expression                 ? 
_refine.ls_extinction_method                     ? 
_refine.ls_goodness_of_fit_all                   ? 
_refine.ls_goodness_of_fit_all_esd               ? 
_refine.ls_goodness_of_fit_obs                   ? 
_refine.ls_goodness_of_fit_obs_esd               ? 
_refine.ls_hydrogen_treatment                    ? 
_refine.ls_matrix_type                           ? 
_refine.ls_number_constraints                    ? 
_refine.ls_number_parameters                     ? 
_refine.ls_number_reflns_all                     ? 
_refine.ls_number_reflns_obs                     24637 
_refine.ls_number_reflns_R_free                  1228 
_refine.ls_number_reflns_R_work                  23409 
_refine.ls_number_restraints                     ? 
_refine.ls_percent_reflns_obs                    100.0000 
_refine.ls_percent_reflns_R_free                 4.9800 
_refine.ls_R_factor_all                          ? 
_refine.ls_R_factor_obs                          0.1657 
_refine.ls_R_factor_R_free                       0.2004 
_refine.ls_R_factor_R_free_error                 ? 
_refine.ls_R_factor_R_free_error_details         ? 
_refine.ls_R_factor_R_work                       0.1639 
_refine.ls_R_Fsqd_factor_obs                     ? 
_refine.ls_R_I_factor_obs                        ? 
_refine.ls_redundancy_reflns_all                 ? 
_refine.ls_redundancy_reflns_obs                 ? 
_refine.ls_restrained_S_all                      ? 
_refine.ls_restrained_S_obs                      ? 
_refine.ls_shift_over_esd_max                    ? 
_refine.ls_shift_over_esd_mean                   ? 
_refine.ls_structure_factor_coef                 ? 
_refine.ls_weighting_details                     ? 
_refine.ls_weighting_scheme                      ? 
_refine.ls_wR_factor_all                         ? 
_refine.ls_wR_factor_obs                         ? 
_refine.ls_wR_factor_R_free                      ? 
_refine.ls_wR_factor_R_work                      ? 
_refine.occupancy_max                            ? 
_refine.occupancy_min                            ? 
_refine.solvent_model_details                    'FLAT BULK SOLVENT MODEL' 
_refine.solvent_model_param_bsol                 ? 
_refine.solvent_model_param_ksol                 ? 
_refine.ls_R_factor_gt                           ? 
_refine.ls_goodness_of_fit_gt                    ? 
_refine.ls_goodness_of_fit_ref                   ? 
_refine.ls_shift_over_su_max                     ? 
_refine.ls_shift_over_su_max_lt                  ? 
_refine.ls_shift_over_su_mean                    ? 
_refine.ls_shift_over_su_mean_lt                 ? 
_refine.pdbx_ls_sigma_I                          ? 
_refine.pdbx_ls_sigma_F                          1.990 
_refine.pdbx_ls_sigma_Fsqd                       ? 
_refine.pdbx_data_cutoff_high_absF               ? 
_refine.pdbx_data_cutoff_high_rms_absF           ? 
_refine.pdbx_data_cutoff_low_absF                ? 
_refine.pdbx_isotropic_thermal_model             ? 
_refine.pdbx_ls_cross_valid_method               'FREE R-VALUE' 
_refine.pdbx_method_to_determine_struct          'MOLECULAR REPLACEMENT' 
_refine.pdbx_starting_model                      3A76 
_refine.pdbx_stereochemistry_target_values       ML 
_refine.pdbx_R_Free_selection_details            0 
_refine.pdbx_stereochem_target_val_spec_case     ? 
_refine.pdbx_overall_ESU_R                       ? 
_refine.pdbx_overall_ESU_R_Free                  ? 
_refine.pdbx_solvent_vdw_probe_radii             1.1100 
_refine.pdbx_solvent_ion_probe_radii             ? 
_refine.pdbx_solvent_shrinkage_radii             0.9000 
_refine.pdbx_real_space_R                        ? 
_refine.pdbx_density_correlation                 ? 
_refine.pdbx_pd_number_of_powder_patterns        ? 
_refine.pdbx_pd_number_of_points                 ? 
_refine.pdbx_pd_meas_number_of_points            ? 
_refine.pdbx_pd_proc_ls_prof_R_factor            ? 
_refine.pdbx_pd_proc_ls_prof_wR_factor           ? 
_refine.pdbx_pd_Marquardt_correlation_coeff      ? 
_refine.pdbx_pd_Fsqrd_R_factor                   ? 
_refine.pdbx_pd_ls_matrix_band_width             ? 
_refine.pdbx_overall_phase_error                 ? 
_refine.pdbx_overall_SU_R_free_Cruickshank_DPI   ? 
_refine.pdbx_overall_SU_R_free_Blow_DPI          ? 
_refine.pdbx_overall_SU_R_Blow_DPI               ? 
_refine.pdbx_TLS_residual_ADP_flag               ? 
_refine.pdbx_diffrn_id                           1 
_refine.overall_SU_B                             ? 
_refine.overall_SU_ML                            ? 
_refine.overall_SU_R_Cruickshank_DPI             ? 
_refine.overall_SU_R_free                        ? 
_refine.overall_FOM_free_R_set                   ? 
_refine.overall_FOM_work_R_set                   ? 
_refine.pdbx_average_fsc_overall                 ? 
_refine.pdbx_average_fsc_work                    ? 
_refine.pdbx_average_fsc_free                    ? 
# 
_refine_hist.cycle_id                         final 
_refine_hist.pdbx_refine_id                   'X-RAY DIFFRACTION' 
_refine_hist.d_res_high                       1.4500 
_refine_hist.d_res_low                        37.4650 
_refine_hist.pdbx_number_atoms_ligand         0 
_refine_hist.number_atoms_solvent             133 
_refine_hist.number_atoms_total               1296 
_refine_hist.pdbx_number_residues_total       146 
_refine_hist.pdbx_B_iso_mean_solvent          19.76 
_refine_hist.pdbx_number_atoms_protein        1163 
_refine_hist.pdbx_number_atoms_nucleic_acid   0 
# 
loop_
_refine_ls_restr.pdbx_refine_id 
_refine_ls_restr.criterion 
_refine_ls_restr.dev_ideal 
_refine_ls_restr.dev_ideal_target 
_refine_ls_restr.number 
_refine_ls_restr.rejects 
_refine_ls_restr.type 
_refine_ls_restr.weight 
_refine_ls_restr.pdbx_restraint_function 
'X-RAY DIFFRACTION' ? 0.007  ? 1241 ? f_bond_d           ? ? 
'X-RAY DIFFRACTION' ? 1.053  ? 1695 ? f_angle_d          ? ? 
'X-RAY DIFFRACTION' ? 0.045  ? 180  ? f_chiral_restr     ? ? 
'X-RAY DIFFRACTION' ? 0.005  ? 221  ? f_plane_restr      ? ? 
'X-RAY DIFFRACTION' ? 12.298 ? 443  ? f_dihedral_angle_d ? ? 
# 
loop_
_refine_ls_shell.pdbx_refine_id 
_refine_ls_shell.d_res_high 
_refine_ls_shell.d_res_low 
_refine_ls_shell.number_reflns_all 
_refine_ls_shell.number_reflns_obs 
_refine_ls_shell.number_reflns_R_free 
_refine_ls_shell.number_reflns_R_work 
_refine_ls_shell.percent_reflns_obs 
_refine_ls_shell.percent_reflns_R_free 
_refine_ls_shell.R_factor_all 
_refine_ls_shell.R_factor_obs 
_refine_ls_shell.R_factor_R_free 
_refine_ls_shell.R_factor_R_free_error 
_refine_ls_shell.R_factor_R_work 
_refine_ls_shell.redundancy_reflns_all 
_refine_ls_shell.redundancy_reflns_obs 
_refine_ls_shell.wR_factor_all 
_refine_ls_shell.wR_factor_obs 
_refine_ls_shell.wR_factor_R_free 
_refine_ls_shell.wR_factor_R_work 
_refine_ls_shell.pdbx_total_number_of_bins_used 
_refine_ls_shell.pdbx_phase_error 
_refine_ls_shell.pdbx_fsc_work 
_refine_ls_shell.pdbx_fsc_free 
'X-RAY DIFFRACTION' 1.4500 1.5081  . . 137 2603 100.0000 . . . 0.2481 . 0.1999 . . . . . . . . . . 
'X-RAY DIFFRACTION' 1.5081 1.5767  . . 136 2607 100.0000 . . . 0.2057 . 0.1792 . . . . . . . . . . 
'X-RAY DIFFRACTION' 1.5767 1.6598  . . 137 2572 100.0000 . . . 0.2064 . 0.1731 . . . . . . . . . . 
'X-RAY DIFFRACTION' 1.6598 1.7638  . . 151 2583 100.0000 . . . 0.1919 . 0.1695 . . . . . . . . . . 
'X-RAY DIFFRACTION' 1.7638 1.9000  . . 140 2621 100.0000 . . . 0.2153 . 0.1696 . . . . . . . . . . 
'X-RAY DIFFRACTION' 1.9000 2.0912  . . 137 2579 100.0000 . . . 0.1999 . 0.1633 . . . . . . . . . . 
'X-RAY DIFFRACTION' 2.0912 2.3938  . . 137 2627 100.0000 . . . 0.2116 . 0.1711 . . . . . . . . . . 
'X-RAY DIFFRACTION' 2.3938 3.0157  . . 127 2609 100.0000 . . . 0.1981 . 0.1761 . . . . . . . . . . 
'X-RAY DIFFRACTION' 3.0157 3.74775 . . 126 2608 100.0000 . . . 0.1823 . 0.1406 . . . . . . . . . . 
# 
_struct.entry_id                     5KVB 
_struct.title                        
'The crystal structure of hexachlorocyclohexane dehydrochlorinase LinA-type3 from Novosphingobium barchaimii LL02' 
_struct.pdbx_model_details           ? 
_struct.pdbx_formula_weight          ? 
_struct.pdbx_formula_weight_method   ? 
_struct.pdbx_model_type_details      ? 
_struct.pdbx_CASP_flag               N 
# 
_struct_keywords.entry_id        5KVB 
_struct_keywords.text            'dehydrochlorinase, Lyase' 
_struct_keywords.pdbx_keywords   LYASE 
# 
loop_
_struct_asym.id 
_struct_asym.pdbx_blank_PDB_chainid_flag 
_struct_asym.pdbx_modified 
_struct_asym.entity_id 
_struct_asym.details 
A N N 1 ? 
B N N 2 ? 
# 
loop_
_struct_conf.conf_type_id 
_struct_conf.id 
_struct_conf.pdbx_PDB_helix_id 
_struct_conf.beg_label_comp_id 
_struct_conf.beg_label_asym_id 
_struct_conf.beg_label_seq_id 
_struct_conf.pdbx_beg_PDB_ins_code 
_struct_conf.end_label_comp_id 
_struct_conf.end_label_asym_id 
_struct_conf.end_label_seq_id 
_struct_conf.pdbx_end_PDB_ins_code 
_struct_conf.beg_auth_comp_id 
_struct_conf.beg_auth_asym_id 
_struct_conf.beg_auth_seq_id 
_struct_conf.end_auth_comp_id 
_struct_conf.end_auth_asym_id 
_struct_conf.end_auth_seq_id 
_struct_conf.pdbx_PDB_helix_class 
_struct_conf.details 
_struct_conf.pdbx_PDB_helix_length 
HELX_P HELX_P1 AA1 SER A 9   ? ARG A 34  ? SER A 2   ARG A 27  1 ? 26 
HELX_P HELX_P2 AA2 GLN A 35  ? SER A 41  ? GLN A 28  SER A 34  1 ? 7  
HELX_P HELX_P3 AA3 GLY A 59  ? VAL A 70  ? GLY A 52  VAL A 63  1 ? 12 
HELX_P HELX_P4 AA4 VAL A 71  ? PRO A 73  ? VAL A 64  PRO A 66  5 ? 3  
HELX_P HELX_P5 AA5 GLU A 109 ? ASN A 111 ? GLU A 102 ASN A 104 5 ? 3  
# 
_struct_conf_type.id          HELX_P 
_struct_conf_type.criteria    ? 
_struct_conf_type.reference   ? 
# 
_struct_sheet.id               AA1 
_struct_sheet.type             ? 
_struct_sheet.number_strands   6 
_struct_sheet.details          ? 
# 
loop_
_struct_sheet_order.sheet_id 
_struct_sheet_order.range_id_1 
_struct_sheet_order.range_id_2 
_struct_sheet_order.offset 
_struct_sheet_order.sense 
AA1 1 2 ? anti-parallel 
AA1 2 3 ? parallel      
AA1 3 4 ? anti-parallel 
AA1 4 5 ? anti-parallel 
AA1 5 6 ? anti-parallel 
# 
loop_
_struct_sheet_range.sheet_id 
_struct_sheet_range.id 
_struct_sheet_range.beg_label_comp_id 
_struct_sheet_range.beg_label_asym_id 
_struct_sheet_range.beg_label_seq_id 
_struct_sheet_range.pdbx_beg_PDB_ins_code 
_struct_sheet_range.end_label_comp_id 
_struct_sheet_range.end_label_asym_id 
_struct_sheet_range.end_label_seq_id 
_struct_sheet_range.pdbx_end_PDB_ins_code 
_struct_sheet_range.beg_auth_comp_id 
_struct_sheet_range.beg_auth_asym_id 
_struct_sheet_range.beg_auth_seq_id 
_struct_sheet_range.end_auth_comp_id 
_struct_sheet_range.end_auth_asym_id 
_struct_sheet_range.end_auth_seq_id 
AA1 1 GLY A 55  ? LYS A 58  ? GLY A 48  LYS A 51  
AA1 2 TRP A 43  ? VAL A 51  ? TRP A 36  VAL A 44  
AA1 3 VAL A 130 ? PRO A 145 ? VAL A 123 PRO A 138 
AA1 4 SER A 113 ? ARG A 127 ? SER A 106 ARG A 120 
AA1 5 LYS A 94  ? LEU A 107 ? LYS A 87  LEU A 100 
AA1 6 TRP A 75  ? SER A 91  ? TRP A 68  SER A 84  
# 
loop_
_pdbx_struct_sheet_hbond.sheet_id 
_pdbx_struct_sheet_hbond.range_id_1 
_pdbx_struct_sheet_hbond.range_id_2 
_pdbx_struct_sheet_hbond.range_1_label_atom_id 
_pdbx_struct_sheet_hbond.range_1_label_comp_id 
_pdbx_struct_sheet_hbond.range_1_label_asym_id 
_pdbx_struct_sheet_hbond.range_1_label_seq_id 
_pdbx_struct_sheet_hbond.range_1_PDB_ins_code 
_pdbx_struct_sheet_hbond.range_1_auth_atom_id 
_pdbx_struct_sheet_hbond.range_1_auth_comp_id 
_pdbx_struct_sheet_hbond.range_1_auth_asym_id 
_pdbx_struct_sheet_hbond.range_1_auth_seq_id 
_pdbx_struct_sheet_hbond.range_2_label_atom_id 
_pdbx_struct_sheet_hbond.range_2_label_comp_id 
_pdbx_struct_sheet_hbond.range_2_label_asym_id 
_pdbx_struct_sheet_hbond.range_2_label_seq_id 
_pdbx_struct_sheet_hbond.range_2_PDB_ins_code 
_pdbx_struct_sheet_hbond.range_2_auth_atom_id 
_pdbx_struct_sheet_hbond.range_2_auth_comp_id 
_pdbx_struct_sheet_hbond.range_2_auth_asym_id 
_pdbx_struct_sheet_hbond.range_2_auth_seq_id 
AA1 1 2 O TYR A 57  ? O TYR A 50  N TRP A 49  ? N TRP A 42  
AA1 2 3 N THR A 50  ? N THR A 43  O LEU A 136 ? O LEU A 129 
AA1 3 4 O THR A 144 ? O THR A 137 N LEU A 115 ? N LEU A 108 
AA1 4 5 O ILE A 116 ? O ILE A 109 N CYS A 103 ? N CYS A 96  
AA1 5 6 O LEU A 102 ? O LEU A 95  N TYR A 81  ? N TYR A 74  
# 
_atom_sites.entry_id                    5KVB 
_atom_sites.fract_transf_matrix[1][1]   0.00963895 
_atom_sites.fract_transf_matrix[1][2]   0.02087729 
_atom_sites.fract_transf_matrix[1][3]   0.00099394 
_atom_sites.fract_transf_matrix[2][1]   0.01374071 
_atom_sites.fract_transf_matrix[2][2]   0.00715328 
_atom_sites.fract_transf_matrix[2][3]   -0.01702233 
_atom_sites.fract_transf_matrix[3][1]   -0.00533964 
_atom_sites.fract_transf_matrix[3][2]   0.00261811 
_atom_sites.fract_transf_matrix[3][3]   -0.00321004 
_atom_sites.fract_transf_vector[1]      0.298010 
_atom_sites.fract_transf_vector[2]      0.268065 
_atom_sites.fract_transf_vector[3]      0.101223 
# 
loop_
_atom_type.symbol 
C 
N 
O 
S 
# 
loop_
_atom_site.group_PDB 
_atom_site.id 
_atom_site.type_symbol 
_atom_site.label_atom_id 
_atom_site.label_alt_id 
_atom_site.label_comp_id 
_atom_site.label_asym_id 
_atom_site.label_entity_id 
_atom_site.label_seq_id 
_atom_site.pdbx_PDB_ins_code 
_atom_site.Cartn_x 
_atom_site.Cartn_y 
_atom_site.Cartn_z 
_atom_site.occupancy 
_atom_site.B_iso_or_equiv 
_atom_site.pdbx_formal_charge 
_atom_site.auth_seq_id 
_atom_site.auth_comp_id 
_atom_site.auth_asym_id 
_atom_site.auth_atom_id 
_atom_site.pdbx_PDB_model_num 
ATOM   1    N N   . SER A 1 9   ? -26.621 8.182   -3.417  1.00 21.69 ? 2   SER A N   1 
ATOM   2    C CA  . SER A 1 9   ? -27.405 6.981   -3.689  1.00 22.62 ? 2   SER A CA  1 
ATOM   3    C C   . SER A 1 9   ? -26.658 5.738   -3.225  1.00 16.76 ? 2   SER A C   1 
ATOM   4    O O   . SER A 1 9   ? -25.416 5.704   -3.236  1.00 15.41 ? 2   SER A O   1 
ATOM   5    C CB  . SER A 1 9   ? -27.748 6.878   -5.183  1.00 24.18 ? 2   SER A CB  1 
ATOM   6    O OG  . SER A 1 9   ? -26.758 6.184   -5.935  1.00 16.95 ? 2   SER A OG  1 
ATOM   7    N N   . ASP A 1 10  ? -27.415 4.725   -2.810  1.00 16.27 ? 3   ASP A N   1 
ATOM   8    C CA  . ASP A 1 10  ? -26.820 3.475   -2.356  1.00 13.58 ? 3   ASP A CA  1 
ATOM   9    C C   . ASP A 1 10  ? -25.965 2.860   -3.454  1.00 11.98 ? 3   ASP A C   1 
ATOM   10   O O   . ASP A 1 10  ? -24.871 2.378   -3.180  1.00 11.38 ? 3   ASP A O   1 
ATOM   11   C CB  . ASP A 1 10  ? -27.897 2.476   -1.904  1.00 24.27 ? 3   ASP A CB  1 
ATOM   12   C CG  . ASP A 1 10  ? -28.257 2.621   -0.431  1.00 37.09 ? 3   ASP A CG  1 
ATOM   13   O OD1 . ASP A 1 10  ? -27.593 3.406   0.280   1.00 27.74 ? 3   ASP A OD1 1 
ATOM   14   O OD2 . ASP A 1 10  ? -29.195 1.928   0.022   1.00 31.79 ? 3   ASP A OD2 1 
ATOM   15   N N   . LEU A 1 11  ? -26.449 2.891   -4.693  1.00 9.31  ? 4   LEU A N   1 
ATOM   16   C CA  . LEU A 1 11  ? -25.725 2.287   -5.805  1.00 7.56  ? 4   LEU A CA  1 
ATOM   17   C C   . LEU A 1 11  ? -24.381 2.980   -5.995  1.00 9.30  ? 4   LEU A C   1 
ATOM   18   O O   . LEU A 1 11  ? -23.348 2.319   -6.077  1.00 8.59  ? 4   LEU A O   1 
ATOM   19   C CB  . LEU A 1 11  ? -26.550 2.337   -7.098  1.00 10.13 ? 4   LEU A CB  1 
ATOM   20   C CG  . LEU A 1 11  ? -25.881 1.691   -8.310  1.00 11.86 ? 4   LEU A CG  1 
ATOM   21   C CD1 . LEU A 1 11  ? -25.500 0.226   -8.035  1.00 14.57 ? 4   LEU A CD1 1 
ATOM   22   C CD2 . LEU A 1 11  ? -26.770 1.795   -9.550  1.00 14.07 ? 4   LEU A CD2 1 
ATOM   23   N N   . ASP A 1 12  ? -24.375 4.307   -6.031  1.00 9.40  ? 5   ASP A N   1 
ATOM   24   C CA  . ASP A 1 12  ? -23.116 5.041   -6.172  1.00 9.52  ? 5   ASP A CA  1 
ATOM   25   C C   . ASP A 1 12  ? -22.153 4.754   -5.024  1.00 8.61  ? 5   ASP A C   1 
ATOM   26   O O   . ASP A 1 12  ? -20.948 4.600   -5.232  1.00 9.07  ? 5   ASP A O   1 
ATOM   27   C CB  . ASP A 1 12  ? -23.371 6.549   -6.244  1.00 13.10 ? 5   ASP A CB  1 
ATOM   28   C CG  . ASP A 1 12  ? -22.083 7.345   -6.402  1.00 12.90 ? 5   ASP A CG  1 
ATOM   29   O OD1 . ASP A 1 12  ? -21.347 7.091   -7.378  1.00 19.81 ? 5   ASP A OD1 1 
ATOM   30   O OD2 . ASP A 1 12  ? -21.808 8.195   -5.537  1.00 16.32 ? 5   ASP A OD2 1 
ATOM   31   N N   . ARG A 1 13  ? -22.674 4.698   -3.805  1.00 6.90  ? 6   ARG A N   1 
ATOM   32   C CA  . ARG A 1 13  ? -21.849 4.424   -2.634  1.00 7.37  ? 6   ARG A CA  1 
ATOM   33   C C   . ARG A 1 13  ? -21.199 3.038   -2.729  1.00 6.61  ? 6   ARG A C   1 
ATOM   34   O O   . ARG A 1 13  ? -19.993 2.876   -2.447  1.00 6.53  ? 6   ARG A O   1 
ATOM   35   C CB  . ARG A 1 13  ? -22.683 4.542   -1.356  1.00 13.15 ? 6   ARG A CB  1 
ATOM   36   C CG  . ARG A 1 13  ? -21.875 4.486   -0.080  1.00 13.18 ? 6   ARG A CG  1 
ATOM   37   C CD  . ARG A 1 13  ? -22.742 4.792   1.143   1.00 16.73 ? 6   ARG A CD  1 
ATOM   38   N NE  . ARG A 1 13  ? -23.911 3.921   1.204   1.00 24.72 ? 6   ARG A NE  1 
ATOM   39   C CZ  . ARG A 1 13  ? -23.923 2.722   1.779   1.00 23.05 ? 6   ARG A CZ  1 
ATOM   40   N NH1 . ARG A 1 13  ? -22.827 2.247   2.353   1.00 31.06 ? 6   ARG A NH1 1 
ATOM   41   N NH2 . ARG A 1 13  ? -25.034 1.999   1.778   1.00 31.07 ? 6   ARG A NH2 1 
ATOM   42   N N   . LEU A 1 14  ? -21.980 2.042   -3.138  1.00 6.50  ? 7   LEU A N   1 
ATOM   43   C CA  . LEU A 1 14  ? -21.444 0.687   -3.264  1.00 5.26  ? 7   LEU A CA  1 
ATOM   44   C C   . LEU A 1 14  ? -20.425 0.602   -4.402  1.00 5.71  ? 7   LEU A C   1 
ATOM   45   O O   . LEU A 1 14  ? -19.383 -0.045  -4.260  1.00 4.90  ? 7   LEU A O   1 
ATOM   46   C CB  . LEU A 1 14  ? -22.581 -0.313  -3.474  1.00 6.65  ? 7   LEU A CB  1 
ATOM   47   C CG  . LEU A 1 14  ? -23.512 -0.479  -2.270  1.00 6.80  ? 7   LEU A CG  1 
ATOM   48   C CD1 . LEU A 1 14  ? -24.744 -1.278  -2.662  1.00 10.31 ? 7   LEU A CD1 1 
ATOM   49   C CD2 . LEU A 1 14  ? -22.778 -1.170  -1.121  1.00 9.36  ? 7   LEU A CD2 1 
ATOM   50   N N   . ALA A 1 15  ? -20.694 1.270   -5.523  1.00 4.97  ? 8   ALA A N   1 
ATOM   51   C CA  . ALA A 1 15  ? -19.741 1.273   -6.632  1.00 5.56  ? 8   ALA A CA  1 
ATOM   52   C C   . ALA A 1 15  ? -18.433 1.968   -6.242  1.00 5.30  ? 8   ALA A C   1 
ATOM   53   O O   . ALA A 1 15  ? -17.338 1.493   -6.586  1.00 5.83  ? 8   ALA A O   1 
ATOM   54   C CB  . ALA A 1 15  ? -20.368 1.935   -7.862  1.00 7.02  ? 8   ALA A CB  1 
ATOM   55   N N   . SER A 1 16  ? -18.542 3.050   -5.476  1.00 4.22  ? 9   SER A N   1 
ATOM   56   C CA  . SER A 1 16  ? -17.360 3.762   -4.995  1.00 5.89  ? 9   SER A CA  1 
ATOM   57   C C   . SER A 1 16  ? -16.532 2.895   -4.055  1.00 4.17  ? 9   SER A C   1 
ATOM   58   O O   . SER A 1 16  ? -15.303 2.805   -4.206  1.00 5.46  ? 9   SER A O   1 
ATOM   59   C CB  . SER A 1 16  ? -17.750 5.069   -4.292  1.00 5.12  ? 9   SER A CB  1 
ATOM   60   O OG  . SER A 1 16  ? -18.324 5.996   -5.219  1.00 6.76  ? 9   SER A OG  1 
ATOM   61   N N   . ARG A 1 17  ? -17.195 2.233   -3.111  1.00 4.07  ? 10  ARG A N   1 
ATOM   62   C CA  . ARG A 1 17  ? -16.486 1.329   -2.200  1.00 4.70  ? 10  ARG A CA  1 
ATOM   63   C C   . ARG A 1 17  ? -15.758 0.229   -2.966  1.00 4.23  ? 10  ARG A C   1 
ATOM   64   O O   . ARG A 1 17  ? -14.618 -0.094  -2.636  1.00 4.85  ? 10  ARG A O   1 
ATOM   65   C CB  . ARG A 1 17  ? -17.462 0.718   -1.177  1.00 5.53  ? 10  ARG A CB  1 
ATOM   66   C CG  . ARG A 1 17  ? -17.966 1.721   -0.126  1.00 6.46  ? 10  ARG A CG  1 
ATOM   67   C CD  . ARG A 1 17  ? -19.136 1.187   0.699   1.00 9.31  ? 10  ARG A CD  1 
ATOM   68   N NE  . ARG A 1 17  ? -18.842 -0.079  1.376   1.00 10.72 ? 10  ARG A NE  1 
ATOM   69   C CZ  . ARG A 1 17  ? -18.780 -0.253  2.692   1.00 9.97  ? 10  ARG A CZ  1 
ATOM   70   N NH1 . ARG A 1 17  ? -18.961 0.769   3.520   1.00 13.90 ? 10  ARG A NH1 1 
ATOM   71   N NH2 . ARG A 1 17  ? -18.540 -1.470  3.182   1.00 7.14  ? 10  ARG A NH2 1 
ATOM   72   N N   . ALA A 1 18  ? -16.387 -0.343  -3.993  1.00 3.33  ? 11  ALA A N   1 
ATOM   73   C CA  . ALA A 1 18  ? -15.735 -1.391  -4.776  1.00 4.43  ? 11  ALA A CA  1 
ATOM   74   C C   . ALA A 1 18  ? -14.502 -0.870  -5.512  1.00 4.17  ? 11  ALA A C   1 
ATOM   75   O O   . ALA A 1 18  ? -13.453 -1.519  -5.531  1.00 5.13  ? 11  ALA A O   1 
ATOM   76   C CB  . ALA A 1 18  ? -16.736 -2.014  -5.758  1.00 6.78  ? 11  ALA A CB  1 
ATOM   77   N N   . ALA A 1 19  ? -14.620 0.312   -6.106  1.00 4.08  ? 12  ALA A N   1 
ATOM   78   C CA  . ALA A 1 19  ? -13.493 0.907   -6.809  1.00 4.24  ? 12  ALA A CA  1 
ATOM   79   C C   . ALA A 1 19  ? -12.332 1.148   -5.838  1.00 3.91  ? 12  ALA A C   1 
ATOM   80   O O   . ALA A 1 19  ? -11.166 0.888   -6.174  1.00 5.33  ? 12  ALA A O   1 
ATOM   81   C CB  . ALA A 1 19  ? -13.910 2.198   -7.481  1.00 6.29  ? 12  ALA A CB  1 
ATOM   82   N N   . ILE A 1 20  ? -12.639 1.612   -4.625  1.00 4.23  ? 13  ILE A N   1 
ATOM   83   C CA  . ILE A 1 20  ? -11.594 1.953   -3.666  1.00 4.15  ? 13  ILE A CA  1 
ATOM   84   C C   . ILE A 1 20  ? -10.960 0.678   -3.095  1.00 4.83  ? 13  ILE A C   1 
ATOM   85   O O   . ILE A 1 20  ? -9.738  0.609   -2.946  1.00 5.38  ? 13  ILE A O   1 
ATOM   86   C CB  . ILE A 1 20  ? -12.166 2.872   -2.574  1.00 4.43  ? 13  ILE A CB  1 
ATOM   87   C CG1 . ILE A 1 20  ? -12.491 4.247   -3.189  1.00 5.08  ? 13  ILE A CG1 1 
ATOM   88   C CG2 . ILE A 1 20  ? -11.192 3.011   -1.403  1.00 4.46  ? 13  ILE A CG2 1 
ATOM   89   C CD1 . ILE A 1 20  ? -13.369 5.119   -2.298  1.00 5.48  ? 13  ILE A CD1 1 
ATOM   90   N N   . GLN A 1 21  ? -11.772 -0.345  -2.825  1.00 3.54  ? 14  GLN A N   1 
ATOM   91   C CA  . GLN A 1 21  ? -11.238 -1.639  -2.395  1.00 4.75  ? 14  GLN A CA  1 
ATOM   92   C C   . GLN A 1 21  ? -10.265 -2.210  -3.449  1.00 5.60  ? 14  GLN A C   1 
ATOM   93   O O   . GLN A 1 21  ? -9.197  -2.717  -3.102  1.00 6.02  ? 14  GLN A O   1 
ATOM   94   C CB  . GLN A 1 21  ? -12.391 -2.607  -2.086  1.00 5.50  ? 14  GLN A CB  1 
ATOM   95   C CG  . GLN A 1 21  ? -13.204 -2.190  -0.846  1.00 6.66  ? 14  GLN A CG  1 
ATOM   96   C CD  . GLN A 1 21  ? -14.640 -2.704  -0.863  1.00 8.90  ? 14  GLN A CD  1 
ATOM   97   O OE1 . GLN A 1 21  ? -15.069 -3.383  -1.798  1.00 8.37  ? 14  GLN A OE1 1 
ATOM   98   N NE2 . GLN A 1 21  ? -15.395 -2.363  0.174   1.00 10.86 ? 14  GLN A NE2 1 
ATOM   99   N N   . ASP A 1 22  ? -10.587 -2.061  -4.730  1.00 4.75  ? 15  ASP A N   1 
ATOM   100  C CA  . ASP A 1 22  ? -9.682  -2.469  -5.808  1.00 4.71  ? 15  ASP A CA  1 
ATOM   101  C C   . ASP A 1 22  ? -8.388  -1.626  -5.845  1.00 5.38  ? 15  ASP A C   1 
ATOM   102  O O   . ASP A 1 22  ? -7.299  -2.178  -6.042  1.00 5.82  ? 15  ASP A O   1 
ATOM   103  C CB  . ASP A 1 22  ? -10.382 -2.401  -7.182  1.00 4.96  ? 15  ASP A CB  1 
ATOM   104  C CG  . ASP A 1 22  ? -11.425 -3.501  -7.395  1.00 7.19  ? 15  ASP A CG  1 
ATOM   105  O OD1 . ASP A 1 22  ? -11.475 -4.473  -6.627  1.00 7.53  ? 15  ASP A OD1 1 
ATOM   106  O OD2 . ASP A 1 22  ? -12.192 -3.365  -8.376  1.00 10.01 ? 15  ASP A OD2 1 
ATOM   107  N N   . LEU A 1 23  ? -8.483  -0.309  -5.652  1.00 6.00  ? 16  LEU A N   1 
ATOM   108  C CA  . LEU A 1 23  ? -7.274  0.536   -5.598  1.00 5.52  ? 16  LEU A CA  1 
ATOM   109  C C   . LEU A 1 23  ? -6.321  0.042   -4.525  1.00 6.03  ? 16  LEU A C   1 
ATOM   110  O O   . LEU A 1 23  ? -5.100  -0.076  -4.744  1.00 6.63  ? 16  LEU A O   1 
ATOM   111  C CB  . LEU A 1 23  ? -7.634  2.006   -5.319  1.00 6.60  ? 16  LEU A CB  1 
ATOM   112  C CG  . LEU A 1 23  ? -8.369  2.749   -6.439  1.00 5.33  ? 16  LEU A CG  1 
ATOM   113  C CD1 . LEU A 1 23  ? -8.914  4.065   -5.894  1.00 7.89  ? 16  LEU A CD1 1 
ATOM   114  C CD2 . LEU A 1 23  ? -7.435  3.024   -7.624  1.00 7.52  ? 16  LEU A CD2 1 
ATOM   115  N N   . TYR A 1 24  ? -6.882  -0.233  -3.350  1.00 4.31  ? 17  TYR A N   1 
ATOM   116  C CA  . TYR A 1 24  ? -6.082  -0.613  -2.201  1.00 4.82  ? 17  TYR A CA  1 
ATOM   117  C C   . TYR A 1 24  ? -5.423  -1.982  -2.402  1.00 6.27  ? 17  TYR A C   1 
ATOM   118  O O   . TYR A 1 24  ? -4.224  -2.142  -2.151  1.00 6.27  ? 17  TYR A O   1 
ATOM   119  C CB  . TYR A 1 24  ? -6.946  -0.589  -0.951  1.00 7.68  ? 17  TYR A CB  1 
ATOM   120  C CG  . TYR A 1 24  ? -6.205  -0.851  0.335   1.00 8.08  ? 17  TYR A CG  1 
ATOM   121  C CD1 . TYR A 1 24  ? -5.528  0.165   1.007   1.00 6.47  ? 17  TYR A CD1 1 
ATOM   122  C CD2 . TYR A 1 24  ? -6.186  -2.116  0.876   1.00 6.90  ? 17  TYR A CD2 1 
ATOM   123  C CE1 . TYR A 1 24  ? -4.866  -0.090  2.207   1.00 6.78  ? 17  TYR A CE1 1 
ATOM   124  C CE2 . TYR A 1 24  ? -5.524  -2.377  2.059   1.00 8.33  ? 17  TYR A CE2 1 
ATOM   125  C CZ  . TYR A 1 24  ? -4.882  -1.374  2.715   1.00 8.82  ? 17  TYR A CZ  1 
ATOM   126  O OH  . TYR A 1 24  ? -4.235  -1.662  3.893   1.00 8.92  ? 17  TYR A OH  1 
ATOM   127  N N   . SER A 1 25  ? -6.176  -2.971  -2.866  1.00 5.77  ? 18  SER A N   1 
ATOM   128  C CA  . SER A 1 25  ? -5.550  -4.250  -3.171  1.00 5.32  ? 18  SER A CA  1 
ATOM   129  C C   . SER A 1 25  ? -4.499  -4.113  -4.279  1.00 5.16  ? 18  SER A C   1 
ATOM   130  O O   . SER A 1 25  ? -3.461  -4.787  -4.216  1.00 5.00  ? 18  SER A O   1 
ATOM   131  C CB  . SER A 1 25  ? -6.608  -5.284  -3.545  1.00 4.87  ? 18  SER A CB  1 
ATOM   132  O OG  . SER A 1 25  ? -7.316  -5.678  -2.372  1.00 7.11  ? 18  SER A OG  1 
ATOM   133  N N   . ASP A 1 26  ? -4.740  -3.238  -5.255  1.00 5.67  ? 19  ASP A N   1 
ATOM   134  C CA  . ASP A 1 26  ? -3.781  -3.011  -6.345  1.00 5.89  ? 19  ASP A CA  1 
ATOM   135  C C   . ASP A 1 26  ? -2.452  -2.445  -5.815  1.00 8.88  ? 19  ASP A C   1 
ATOM   136  O O   . ASP A 1 26  ? -1.394  -2.768  -6.351  1.00 7.06  ? 19  ASP A O   1 
ATOM   137  C CB  . ASP A 1 26  ? -4.362  -2.070  -7.420  1.00 4.61  ? 19  ASP A CB  1 
ATOM   138  C CG  . ASP A 1 26  ? -5.311  -2.774  -8.385  1.00 7.02  ? 19  ASP A CG  1 
ATOM   139  O OD1 . ASP A 1 26  ? -5.378  -4.028  -8.366  1.00 8.12  ? 19  ASP A OD1 1 
ATOM   140  O OD2 . ASP A 1 26  ? -5.987  -2.071  -9.173  1.00 8.52  ? 19  ASP A OD2 1 
ATOM   141  N N   . GLN A 1 27  ? -2.503  -1.639  -4.752  1.00 4.40  ? 20  GLN A N   1 
ATOM   142  C CA  . GLN A 1 27  ? -1.274  -1.156  -4.130  1.00 5.15  ? 20  GLN A CA  1 
ATOM   143  C C   . GLN A 1 27  ? -0.460  -2.331  -3.594  1.00 6.16  ? 20  GLN A C   1 
ATOM   144  O O   . GLN A 1 27  ? 0.739   -2.446  -3.861  1.00 6.96  ? 20  GLN A O   1 
ATOM   145  C CB  . GLN A 1 27  ? -1.584  -0.156  -3.003  1.00 5.30  ? 20  GLN A CB  1 
ATOM   146  C CG  . GLN A 1 27  ? -0.367  0.680   -2.521  1.00 6.34  ? 20  GLN A CG  1 
ATOM   147  C CD  . GLN A 1 27  ? 0.557   -0.042  -1.548  1.00 8.32  ? 20  GLN A CD  1 
ATOM   148  O OE1 . GLN A 1 27  ? 0.186   -1.043  -0.947  1.00 12.40 ? 20  GLN A OE1 1 
ATOM   149  N NE2 . GLN A 1 27  ? 1.769   0.487   -1.379  1.00 12.19 ? 20  GLN A NE2 1 
ATOM   150  N N   A LEU A 1 28  ? -1.114  -3.199  -2.832  0.47 4.99  ? 21  LEU A N   1 
ATOM   151  N N   B LEU A 1 28  ? -1.111  -3.205  -2.836  0.53 4.97  ? 21  LEU A N   1 
ATOM   152  C CA  A LEU A 1 28  ? -0.429  -4.340  -2.225  0.47 6.55  ? 21  LEU A CA  1 
ATOM   153  C CA  B LEU A 1 28  ? -0.411  -4.334  -2.223  0.53 6.53  ? 21  LEU A CA  1 
ATOM   154  C C   A LEU A 1 28  ? 0.123   -5.291  -3.286  0.47 6.87  ? 21  LEU A C   1 
ATOM   155  C C   B LEU A 1 28  ? 0.123   -5.302  -3.281  0.53 6.87  ? 21  LEU A C   1 
ATOM   156  O O   A LEU A 1 28  ? 1.291   -5.688  -3.234  0.47 6.72  ? 21  LEU A O   1 
ATOM   157  O O   B LEU A 1 28  ? 1.284   -5.721  -3.224  0.53 6.70  ? 21  LEU A O   1 
ATOM   158  C CB  A LEU A 1 28  ? -1.376  -5.094  -1.290  0.47 6.25  ? 21  LEU A CB  1 
ATOM   159  C CB  B LEU A 1 28  ? -1.329  -5.074  -1.243  0.53 6.25  ? 21  LEU A CB  1 
ATOM   160  C CG  A LEU A 1 28  ? -1.912  -4.312  -0.089  0.47 6.87  ? 21  LEU A CG  1 
ATOM   161  C CG  B LEU A 1 28  ? -1.419  -4.522  0.185   0.53 7.91  ? 21  LEU A CG  1 
ATOM   162  C CD1 A LEU A 1 28  ? -2.950  -5.130  0.662   0.47 8.01  ? 21  LEU A CD1 1 
ATOM   163  C CD1 B LEU A 1 28  ? -2.078  -3.154  0.224   0.53 6.84  ? 21  LEU A CD1 1 
ATOM   164  C CD2 A LEU A 1 28  ? -0.773  -3.902  0.839   0.47 10.60 ? 21  LEU A CD2 1 
ATOM   165  C CD2 B LEU A 1 28  ? -2.144  -5.483  1.116   0.53 7.26  ? 21  LEU A CD2 1 
ATOM   166  N N   . ILE A 1 29  ? -0.723  -5.660  -4.240  1.00 5.49  ? 22  ILE A N   1 
ATOM   167  C CA  . ILE A 1 29  ? -0.331  -6.588  -5.306  1.00 5.64  ? 22  ILE A CA  1 
ATOM   168  C C   . ILE A 1 29  ? 0.791   -5.992  -6.174  1.00 7.60  ? 22  ILE A C   1 
ATOM   169  O O   . ILE A 1 29  ? 1.761   -6.674  -6.516  1.00 8.35  ? 22  ILE A O   1 
ATOM   170  C CB  . ILE A 1 29  ? -1.558  -6.959  -6.186  1.00 4.56  ? 22  ILE A CB  1 
ATOM   171  C CG1 . ILE A 1 29  ? -2.591  -7.757  -5.377  1.00 5.57  ? 22  ILE A CG1 1 
ATOM   172  C CG2 . ILE A 1 29  ? -1.146  -7.783  -7.409  1.00 7.26  ? 22  ILE A CG2 1 
ATOM   173  C CD1 . ILE A 1 29  ? -3.985  -7.755  -5.998  1.00 7.52  ? 22  ILE A CD1 1 
ATOM   174  N N   . GLY A 1 30  ? 0.688   -4.706  -6.487  1.00 7.05  ? 23  GLY A N   1 
ATOM   175  C CA  . GLY A 1 30  ? 1.700   -4.051  -7.310  1.00 6.34  ? 23  GLY A CA  1 
ATOM   176  C C   . GLY A 1 30  ? 3.060   -4.043  -6.637  1.00 7.99  ? 23  GLY A C   1 
ATOM   177  O O   . GLY A 1 30  ? 4.074   -4.322  -7.279  1.00 9.33  ? 23  GLY A O   1 
ATOM   178  N N   . VAL A 1 31  ? 3.098   -3.771  -5.338  1.00 6.86  ? 24  VAL A N   1 
ATOM   179  C CA  . VAL A 1 31  ? 4.375   -3.765  -4.618  1.00 7.45  ? 24  VAL A CA  1 
ATOM   180  C C   . VAL A 1 31  ? 4.946   -5.191  -4.454  1.00 14.21 ? 24  VAL A C   1 
ATOM   181  O O   . VAL A 1 31  ? 6.161   -5.408  -4.568  1.00 12.63 ? 24  VAL A O   1 
ATOM   182  C CB  . VAL A 1 31  ? 4.226   -3.075  -3.238  1.00 8.53  ? 24  VAL A CB  1 
ATOM   183  C CG1 . VAL A 1 31  ? 5.462   -3.290  -2.374  1.00 16.76 ? 24  VAL A CG1 1 
ATOM   184  C CG2 . VAL A 1 31  ? 3.965   -1.588  -3.413  1.00 10.71 ? 24  VAL A CG2 1 
ATOM   185  N N   . ASP A 1 32  ? 4.075   -6.169  -4.215  1.00 7.59  ? 25  ASP A N   1 
ATOM   186  C CA  . ASP A 1 32  ? 4.514   -7.548  -3.984  1.00 9.39  ? 25  ASP A CA  1 
ATOM   187  C C   . ASP A 1 32  ? 4.969   -8.273  -5.247  1.00 9.63  ? 25  ASP A C   1 
ATOM   188  O O   . ASP A 1 32  ? 5.965   -9.004  -5.230  1.00 11.33 ? 25  ASP A O   1 
ATOM   189  C CB  . ASP A 1 32  ? 3.394   -8.375  -3.345  1.00 7.65  ? 25  ASP A CB  1 
ATOM   190  C CG  . ASP A 1 32  ? 3.139   -8.010  -1.897  1.00 8.99  ? 25  ASP A CG  1 
ATOM   191  O OD1 . ASP A 1 32  ? 4.019   -7.378  -1.268  1.00 9.79  ? 25  ASP A OD1 1 
ATOM   192  O OD2 . ASP A 1 32  ? 2.063   -8.379  -1.373  1.00 7.29  ? 25  ASP A OD2 1 
ATOM   193  N N   . LYS A 1 33  ? 4.210   -8.096  -6.322  1.00 8.58  ? 26  LYS A N   1 
ATOM   194  C CA  . LYS A 1 33  ? 4.469   -8.782  -7.589  1.00 10.33 ? 26  LYS A CA  1 
ATOM   195  C C   . LYS A 1 33  ? 5.423   -7.956  -8.450  1.00 14.54 ? 26  LYS A C   1 
ATOM   196  O O   . LYS A 1 33  ? 5.812   -8.383  -9.540  1.00 13.32 ? 26  LYS A O   1 
ATOM   197  C CB  . LYS A 1 33  ? 3.150   -9.052  -8.346  1.00 7.97  ? 26  LYS A CB  1 
ATOM   198  C CG  . LYS A 1 33  ? 2.348   -10.286 -7.890  1.00 8.83  ? 26  LYS A CG  1 
ATOM   199  C CD  . LYS A 1 33  ? 1.999   -10.272 -6.408  1.00 9.58  ? 26  LYS A CD  1 
ATOM   200  C CE  . LYS A 1 33  ? 1.038   -11.403 -6.055  1.00 8.36  ? 26  LYS A CE  1 
ATOM   201  N NZ  . LYS A 1 33  ? 0.939   -11.553 -4.571  1.00 7.76  ? 26  LYS A NZ  1 
ATOM   202  N N   . ARG A 1 34  ? 5.785   -6.771  -7.952  1.00 12.84 ? 27  ARG A N   1 
ATOM   203  C CA  . ARG A 1 34  ? 6.643   -5.826  -8.675  1.00 13.48 ? 27  ARG A CA  1 
ATOM   204  C C   . ARG A 1 34  ? 6.069   -5.565  -10.078 1.00 13.94 ? 27  ARG A C   1 
ATOM   205  O O   . ARG A 1 34  ? 6.772   -5.663  -11.091 1.00 16.68 ? 27  ARG A O   1 
ATOM   206  C CB  . ARG A 1 34  ? 8.097   -6.347  -8.707  1.00 10.49 ? 27  ARG A CB  1 
ATOM   207  C CG  . ARG A 1 34  ? 8.619   -6.661  -7.308  1.00 15.80 ? 27  ARG A CG  1 
ATOM   208  C CD  . ARG A 1 34  ? 10.134  -6.814  -7.227  1.00 14.98 ? 27  ARG A CD  1 
ATOM   209  N NE  . ARG A 1 34  ? 10.542  -6.974  -5.831  1.00 20.23 ? 27  ARG A NE  1 
ATOM   210  C CZ  . ARG A 1 34  ? 11.797  -7.118  -5.416  1.00 23.40 ? 27  ARG A CZ  1 
ATOM   211  N NH1 . ARG A 1 34  ? 12.794  -7.128  -6.289  1.00 26.05 ? 27  ARG A NH1 1 
ATOM   212  N NH2 . ARG A 1 34  ? 12.050  -7.249  -4.122  1.00 18.96 ? 27  ARG A NH2 1 
ATOM   213  N N   . GLN A 1 35  ? 4.774   -5.235  -10.113 1.00 11.02 ? 28  GLN A N   1 
ATOM   214  C CA  . GLN A 1 35  ? 4.051   -4.856  -11.325 1.00 10.10 ? 28  GLN A CA  1 
ATOM   215  C C   . GLN A 1 35  ? 3.950   -3.338  -11.425 1.00 14.29 ? 28  GLN A C   1 
ATOM   216  O O   . GLN A 1 35  ? 3.094   -2.710  -10.792 1.00 12.16 ? 28  GLN A O   1 
ATOM   217  C CB  . GLN A 1 35  ? 2.641   -5.473  -11.350 1.00 12.92 ? 28  GLN A CB  1 
ATOM   218  C CG  . GLN A 1 35  ? 2.628   -6.995  -11.449 1.00 11.29 ? 28  GLN A CG  1 
ATOM   219  C CD  . GLN A 1 35  ? 1.252   -7.611  -11.208 1.00 14.25 ? 28  GLN A CD  1 
ATOM   220  O OE1 . GLN A 1 35  ? 0.290   -6.920  -10.856 1.00 18.39 ? 28  GLN A OE1 1 
ATOM   221  N NE2 . GLN A 1 35  ? 1.163   -8.925  -11.382 1.00 17.51 ? 28  GLN A NE2 1 
ATOM   222  N N   . GLU A 1 36  ? 4.822   -2.737  -12.226 1.00 17.89 ? 29  GLU A N   1 
ATOM   223  C CA  . GLU A 1 36  ? 4.908   -1.283  -12.244 1.00 15.87 ? 29  GLU A CA  1 
ATOM   224  C C   . GLU A 1 36  ? 3.663   -0.638  -12.838 1.00 14.42 ? 29  GLU A C   1 
ATOM   225  O O   . GLU A 1 36  ? 3.239   0.413   -12.366 1.00 16.11 ? 29  GLU A O   1 
ATOM   226  C CB  . GLU A 1 36  ? 6.168   -0.836  -12.990 1.00 16.94 ? 29  GLU A CB  1 
ATOM   227  C CG  . GLU A 1 36  ? 7.430   -0.988  -12.146 1.00 21.35 ? 29  GLU A CG  1 
ATOM   228  C CD  . GLU A 1 36  ? 8.690   -0.622  -12.903 1.00 24.66 ? 29  GLU A CD  1 
ATOM   229  O OE1 . GLU A 1 36  ? 8.777   -0.935  -14.109 1.00 38.50 ? 29  GLU A OE1 1 
ATOM   230  O OE2 . GLU A 1 36  ? 9.586   -0.003  -12.290 1.00 21.96 ? 29  GLU A OE2 1 
ATOM   231  N N   . GLY A 1 37  ? 3.054   -1.272  -13.838 1.00 15.18 ? 30  GLY A N   1 
ATOM   232  C CA  . GLY A 1 37  ? 1.832   -0.765  -14.435 1.00 13.80 ? 30  GLY A CA  1 
ATOM   233  C C   . GLY A 1 37  ? 0.662   -0.689  -13.460 1.00 13.25 ? 30  GLY A C   1 
ATOM   234  O O   . GLY A 1 37  ? -0.026  0.331   -13.368 1.00 14.78 ? 30  GLY A O   1 
ATOM   235  N N   . ARG A 1 38  ? 0.440   -1.774  -12.728 1.00 11.59 ? 31  ARG A N   1 
ATOM   236  C CA  . ARG A 1 38  ? -0.634  -1.812  -11.744 1.00 11.40 ? 31  ARG A CA  1 
ATOM   237  C C   . ARG A 1 38  ? -0.386  -0.775  -10.651 1.00 10.32 ? 31  ARG A C   1 
ATOM   238  O O   . ARG A 1 38  ? -1.294  -0.031  -10.280 1.00 10.46 ? 31  ARG A O   1 
ATOM   239  C CB  . ARG A 1 38  ? -0.771  -3.214  -11.131 1.00 9.77  ? 31  ARG A CB  1 
ATOM   240  C CG  . ARG A 1 38  ? -1.878  -3.312  -10.069 1.00 9.87  ? 31  ARG A CG  1 
ATOM   241  C CD  . ARG A 1 38  ? -1.947  -4.687  -9.377  1.00 9.25  ? 31  ARG A CD  1 
ATOM   242  N NE  . ARG A 1 38  ? -2.110  -5.792  -10.325 1.00 14.52 ? 31  ARG A NE  1 
ATOM   243  C CZ  . ARG A 1 38  ? -3.275  -6.305  -10.698 1.00 11.06 ? 31  ARG A CZ  1 
ATOM   244  N NH1 . ARG A 1 38  ? -4.415  -5.841  -10.205 1.00 16.08 ? 31  ARG A NH1 1 
ATOM   245  N NH2 . ARG A 1 38  ? -3.307  -7.311  -11.568 1.00 23.63 ? 31  ARG A NH2 1 
ATOM   246  N N   . LEU A 1 39  ? 0.839   -0.718  -10.148 1.00 10.62 ? 32  LEU A N   1 
ATOM   247  C CA  . LEU A 1 39  ? 1.167   0.196   -9.061  1.00 8.50  ? 32  LEU A CA  1 
ATOM   248  C C   . LEU A 1 39  ? 1.057   1.670   -9.467  1.00 12.44 ? 32  LEU A C   1 
ATOM   249  O O   . LEU A 1 39  ? 0.621   2.503   -8.667  1.00 11.97 ? 32  LEU A O   1 
ATOM   250  C CB  . LEU A 1 39  ? 2.581   -0.096  -8.533  1.00 10.64 ? 32  LEU A CB  1 
ATOM   251  C CG  . LEU A 1 39  ? 3.091   0.707   -7.333  1.00 9.88  ? 32  LEU A CG  1 
ATOM   252  C CD1 . LEU A 1 39  ? 2.155   0.634   -6.113  1.00 10.53 ? 32  LEU A CD1 1 
ATOM   253  C CD2 . LEU A 1 39  ? 4.481   0.234   -6.955  1.00 13.21 ? 32  LEU A CD2 1 
ATOM   254  N N   . ALA A 1 40  ? 1.442   1.991   -10.700 1.00 11.51 ? 33  ALA A N   1 
ATOM   255  C CA  . ALA A 1 40  ? 1.390   3.379   -11.159 1.00 11.88 ? 33  ALA A CA  1 
ATOM   256  C C   . ALA A 1 40  ? -0.041  3.873   -11.379 1.00 11.22 ? 33  ALA A C   1 
ATOM   257  O O   . ALA A 1 40  ? -0.319  5.062   -11.224 1.00 11.99 ? 33  ALA A O   1 
ATOM   258  C CB  . ALA A 1 40  ? 2.201   3.542   -12.448 1.00 14.32 ? 33  ALA A CB  1 
ATOM   259  N N   . SER A 1 41  ? -0.943  2.954   -11.717 1.00 9.50  ? 34  SER A N   1 
ATOM   260  C CA  . SER A 1 41  ? -2.297  3.277   -12.155 1.00 8.56  ? 34  SER A CA  1 
ATOM   261  C C   . SER A 1 41  ? -3.212  3.854   -11.069 1.00 8.53  ? 34  SER A C   1 
ATOM   262  O O   . SER A 1 41  ? -4.236  4.455   -11.388 1.00 11.09 ? 34  SER A O   1 
ATOM   263  C CB  . SER A 1 41  ? -2.978  2.024   -12.737 1.00 12.11 ? 34  SER A CB  1 
ATOM   264  O OG  . SER A 1 41  ? -3.213  1.050   -11.731 1.00 15.83 ? 34  SER A OG  1 
ATOM   265  N N   . ILE A 1 42  ? -2.848  3.673   -9.805  1.00 9.05  ? 35  ILE A N   1 
ATOM   266  C CA  . ILE A 1 42  ? -3.767  3.932   -8.694  1.00 7.57  ? 35  ILE A CA  1 
ATOM   267  C C   . ILE A 1 42  ? -3.620  5.308   -8.028  1.00 4.76  ? 35  ILE A C   1 
ATOM   268  O O   . ILE A 1 42  ? -4.362  5.609   -7.085  1.00 5.78  ? 35  ILE A O   1 
ATOM   269  C CB  . ILE A 1 42  ? -3.604  2.855   -7.587  1.00 7.67  ? 35  ILE A CB  1 
ATOM   270  C CG1 . ILE A 1 42  ? -2.233  2.989   -6.915  1.00 7.37  ? 35  ILE A CG1 1 
ATOM   271  C CG2 . ILE A 1 42  ? -3.796  1.443   -8.152  1.00 10.00 ? 35  ILE A CG2 1 
ATOM   272  C CD1 . ILE A 1 42  ? -1.879  1.859   -5.921  1.00 11.31 ? 35  ILE A CD1 1 
ATOM   273  N N   . TRP A 1 43  ? -2.689  6.139   -8.513  1.00 7.13  ? 36  TRP A N   1 
ATOM   274  C CA  . TRP A 1 43  ? -2.340  7.417   -7.862  1.00 6.81  ? 36  TRP A CA  1 
ATOM   275  C C   . TRP A 1 43  ? -2.696  8.652   -8.683  1.00 5.81  ? 36  TRP A C   1 
ATOM   276  O O   . TRP A 1 43  ? -2.351  8.728   -9.865  1.00 8.44  ? 36  TRP A O   1 
ATOM   277  C CB  . TRP A 1 43  ? -0.830  7.502   -7.584  1.00 6.95  ? 36  TRP A CB  1 
ATOM   278  C CG  . TRP A 1 43  ? -0.215  6.324   -6.894  1.00 6.31  ? 36  TRP A CG  1 
ATOM   279  C CD1 . TRP A 1 43  ? 0.378   5.250   -7.496  1.00 8.02  ? 36  TRP A CD1 1 
ATOM   280  C CD2 . TRP A 1 43  ? -0.137  6.092   -5.486  1.00 6.08  ? 36  TRP A CD2 1 
ATOM   281  N NE1 . TRP A 1 43  ? 0.830   4.365   -6.546  1.00 9.11  ? 36  TRP A NE1 1 
ATOM   282  C CE2 . TRP A 1 43  ? 0.513   4.851   -5.302  1.00 7.79  ? 36  TRP A CE2 1 
ATOM   283  C CE3 . TRP A 1 43  ? -0.561  6.807   -4.363  1.00 6.51  ? 36  TRP A CE3 1 
ATOM   284  C CZ2 . TRP A 1 43  ? 0.766   4.316   -4.031  1.00 10.14 ? 36  TRP A CZ2 1 
ATOM   285  C CZ3 . TRP A 1 43  ? -0.312  6.276   -3.100  1.00 7.46  ? 36  TRP A CZ3 1 
ATOM   286  C CH2 . TRP A 1 43  ? 0.351   5.044   -2.947  1.00 7.69  ? 36  TRP A CH2 1 
ATOM   287  N N   . TRP A 1 44  ? -3.302  9.651   -8.052  1.00 6.64  ? 37  TRP A N   1 
ATOM   288  C CA  . TRP A 1 44  ? -3.341  10.985  -8.676  1.00 6.40  ? 37  TRP A CA  1 
ATOM   289  C C   . TRP A 1 44  ? -1.913  11.527  -8.765  1.00 7.22  ? 37  TRP A C   1 
ATOM   290  O O   . TRP A 1 44  ? -1.042  11.133  -7.990  1.00 7.81  ? 37  TRP A O   1 
ATOM   291  C CB  . TRP A 1 44  ? -4.222  11.949  -7.879  1.00 6.72  ? 37  TRP A CB  1 
ATOM   292  C CG  . TRP A 1 44  ? -5.680  11.606  -7.902  1.00 7.61  ? 37  TRP A CG  1 
ATOM   293  C CD1 . TRP A 1 44  ? -6.486  11.360  -6.823  1.00 8.16  ? 37  TRP A CD1 1 
ATOM   294  C CD2 . TRP A 1 44  ? -6.506  11.474  -9.063  1.00 8.30  ? 37  TRP A CD2 1 
ATOM   295  N NE1 . TRP A 1 44  ? -7.766  11.082  -7.249  1.00 7.15  ? 37  TRP A NE1 1 
ATOM   296  C CE2 . TRP A 1 44  ? -7.806  11.142  -8.619  1.00 7.50  ? 37  TRP A CE2 1 
ATOM   297  C CE3 . TRP A 1 44  ? -6.273  11.591  -10.440 1.00 10.76 ? 37  TRP A CE3 1 
ATOM   298  C CZ2 . TRP A 1 44  ? -8.865  10.924  -9.500  1.00 12.05 ? 37  TRP A CZ2 1 
ATOM   299  C CZ3 . TRP A 1 44  ? -7.326  11.377  -11.313 1.00 11.85 ? 37  TRP A CZ3 1 
ATOM   300  C CH2 . TRP A 1 44  ? -8.605  11.045  -10.841 1.00 10.91 ? 37  TRP A CH2 1 
ATOM   301  N N   . ASP A 1 45  ? -1.666  12.438  -9.701  1.00 8.17  ? 38  ASP A N   1 
ATOM   302  C CA  . ASP A 1 45  ? -0.304  12.944  -9.878  1.00 8.18  ? 38  ASP A CA  1 
ATOM   303  C C   . ASP A 1 45  ? 0.198   13.741  -8.677  1.00 7.28  ? 38  ASP A C   1 
ATOM   304  O O   . ASP A 1 45  ? 1.426   13.859  -8.481  1.00 7.80  ? 38  ASP A O   1 
ATOM   305  C CB  . ASP A 1 45  ? -0.205  13.790  -11.151 1.00 9.41  ? 38  ASP A CB  1 
ATOM   306  C CG  . ASP A 1 45  ? -0.238  12.948  -12.415 1.00 12.12 ? 38  ASP A CG  1 
ATOM   307  O OD1 . ASP A 1 45  ? 0.012   11.728  -12.340 1.00 16.18 ? 38  ASP A OD1 1 
ATOM   308  O OD2 . ASP A 1 45  ? -0.490  13.514  -13.498 1.00 20.26 ? 38  ASP A OD2 1 
ATOM   309  N N   . ASP A 1 46  ? -0.723  14.260  -7.859  1.00 8.16  ? 39  ASP A N   1 
ATOM   310  C CA  . ASP A 1 46  ? -0.341  14.957  -6.633  1.00 6.97  ? 39  ASP A CA  1 
ATOM   311  C C   . ASP A 1 46  ? -0.561  14.124  -5.363  1.00 8.49  ? 39  ASP A C   1 
ATOM   312  O O   . ASP A 1 46  ? -0.507  14.646  -4.255  1.00 9.56  ? 39  ASP A O   1 
ATOM   313  C CB  . ASP A 1 46  ? -1.082  16.304  -6.530  1.00 9.19  ? 39  ASP A CB  1 
ATOM   314  C CG  . ASP A 1 46  ? -2.597  16.154  -6.568  1.00 11.84 ? 39  ASP A CG  1 
ATOM   315  O OD1 . ASP A 1 46  ? -3.099  15.124  -7.075  1.00 12.09 ? 39  ASP A OD1 1 
ATOM   316  O OD2 . ASP A 1 46  ? -3.294  17.078  -6.086  1.00 15.07 ? 39  ASP A OD2 1 
ATOM   317  N N   . ALA A 1 47  ? -0.781  12.821  -5.523  1.00 8.22  ? 40  ALA A N   1 
ATOM   318  C CA  . ALA A 1 47  ? -0.927  11.946  -4.354  1.00 8.22  ? 40  ALA A CA  1 
ATOM   319  C C   . ALA A 1 47  ? 0.382   11.842  -3.583  1.00 6.97  ? 40  ALA A C   1 
ATOM   320  O O   . ALA A 1 47  ? 1.463   11.869  -4.183  1.00 9.56  ? 40  ALA A O   1 
ATOM   321  C CB  . ALA A 1 47  ? -1.402  10.552  -4.780  1.00 7.43  ? 40  ALA A CB  1 
ATOM   322  N N   . GLU A 1 48  ? 0.289   11.729  -2.263  1.00 8.38  ? 41  GLU A N   1 
ATOM   323  C CA  . GLU A 1 48  ? 1.467   11.620  -1.410  1.00 8.38  ? 41  GLU A CA  1 
ATOM   324  C C   . GLU A 1 48  ? 1.511   10.302  -0.636  1.00 9.24  ? 41  GLU A C   1 
ATOM   325  O O   . GLU A 1 48  ? 0.588   9.971   0.100   1.00 10.44 ? 41  GLU A O   1 
ATOM   326  C CB  . GLU A 1 48  ? 1.529   12.802  -0.436  1.00 13.63 ? 41  GLU A CB  1 
ATOM   327  C CG  . GLU A 1 48  ? 1.813   14.135  -1.125  1.00 17.05 ? 41  GLU A CG  1 
ATOM   328  C CD  . GLU A 1 48  ? 2.014   15.281  -0.145  1.00 28.44 ? 41  GLU A CD  1 
ATOM   329  O OE1 . GLU A 1 48  ? 1.510   15.197  0.995   1.00 38.63 ? 41  GLU A OE1 1 
ATOM   330  O OE2 . GLU A 1 48  ? 2.683   16.267  -0.521  1.00 37.91 ? 41  GLU A OE2 1 
ATOM   331  N N   . TRP A 1 49  ? 2.599   9.566   -0.817  1.00 8.61  ? 42  TRP A N   1 
ATOM   332  C CA  . TRP A 1 49  ? 2.843   8.328   -0.084  1.00 9.52  ? 42  TRP A CA  1 
ATOM   333  C C   . TRP A 1 49  ? 3.985   8.585   0.891   1.00 10.81 ? 42  TRP A C   1 
ATOM   334  O O   . TRP A 1 49  ? 5.115   8.835   0.470   1.00 10.95 ? 42  TRP A O   1 
ATOM   335  C CB  . TRP A 1 49  ? 3.169   7.197   -1.068  1.00 9.27  ? 42  TRP A CB  1 
ATOM   336  C CG  . TRP A 1 49  ? 3.441   5.817   -0.475  1.00 8.30  ? 42  TRP A CG  1 
ATOM   337  C CD1 . TRP A 1 49  ? 3.309   5.423   0.830   1.00 13.15 ? 42  TRP A CD1 1 
ATOM   338  C CD2 . TRP A 1 49  ? 3.875   4.658   -1.198  1.00 9.10  ? 42  TRP A CD2 1 
ATOM   339  N NE1 . TRP A 1 49  ? 3.647   4.087   0.959   1.00 10.59 ? 42  TRP A NE1 1 
ATOM   340  C CE2 . TRP A 1 49  ? 4.004   3.603   -0.270  1.00 8.99  ? 42  TRP A CE2 1 
ATOM   341  C CE3 . TRP A 1 49  ? 4.173   4.414   -2.542  1.00 8.59  ? 42  TRP A CE3 1 
ATOM   342  C CZ2 . TRP A 1 49  ? 4.413   2.322   -0.651  1.00 9.20  ? 42  TRP A CZ2 1 
ATOM   343  C CZ3 . TRP A 1 49  ? 4.587   3.143   -2.917  1.00 12.42 ? 42  TRP A CZ3 1 
ATOM   344  C CH2 . TRP A 1 49  ? 4.707   2.114   -1.971  1.00 9.37  ? 42  TRP A CH2 1 
ATOM   345  N N   A THR A 1 50  ? 3.665   8.551   2.182   0.70 10.41 ? 43  THR A N   1 
ATOM   346  N N   B THR A 1 50  ? 3.687   8.549   2.184   0.30 10.53 ? 43  THR A N   1 
ATOM   347  C CA  A THR A 1 50  ? 4.644   8.777   3.245   0.70 14.31 ? 43  THR A CA  1 
ATOM   348  C CA  B THR A 1 50  ? 4.710   8.783   3.197   0.30 14.31 ? 43  THR A CA  1 
ATOM   349  C C   A THR A 1 50  ? 4.939   7.491   4.014   0.70 15.92 ? 43  THR A C   1 
ATOM   350  C C   B THR A 1 50  ? 4.952   7.536   4.039   0.30 15.99 ? 43  THR A C   1 
ATOM   351  O O   A THR A 1 50  ? 4.023   6.817   4.491   0.70 17.82 ? 43  THR A O   1 
ATOM   352  O O   B THR A 1 50  ? 4.022   6.922   4.568   0.30 17.63 ? 43  THR A O   1 
ATOM   353  C CB  A THR A 1 50  ? 4.159   9.842   4.256   0.70 14.15 ? 43  THR A CB  1 
ATOM   354  C CB  B THR A 1 50  ? 4.337   9.962   4.118   0.30 14.00 ? 43  THR A CB  1 
ATOM   355  O OG1 A THR A 1 50  ? 3.038   9.336   4.992   0.70 27.24 ? 43  THR A OG1 1 
ATOM   356  O OG1 B THR A 1 50  ? 5.244   10.018  5.227   0.30 13.73 ? 43  THR A OG1 1 
ATOM   357  C CG2 A THR A 1 50  ? 3.760   11.122  3.559   0.70 6.26  ? 43  THR A CG2 1 
ATOM   358  C CG2 B THR A 1 50  ? 2.947   9.785   4.652   0.30 20.77 ? 43  THR A CG2 1 
ATOM   359  N N   . VAL A 1 51  ? 6.219   7.160   4.142   1.00 23.46 ? 44  VAL A N   1 
ATOM   360  C CA  . VAL A 1 51  ? 6.626   6.042   4.978   1.00 28.91 ? 44  VAL A CA  1 
ATOM   361  C C   . VAL A 1 51  ? 7.394   6.617   6.160   1.00 30.19 ? 44  VAL A C   1 
ATOM   362  O O   . VAL A 1 51  ? 8.369   7.341   5.974   1.00 20.18 ? 44  VAL A O   1 
ATOM   363  C CB  . VAL A 1 51  ? 7.495   5.029   4.212   1.00 35.42 ? 44  VAL A CB  1 
ATOM   364  C CG1 . VAL A 1 51  ? 7.823   3.837   5.099   1.00 36.09 ? 44  VAL A CG1 1 
ATOM   365  C CG2 . VAL A 1 51  ? 6.786   4.573   2.943   1.00 29.82 ? 44  VAL A CG2 1 
ATOM   366  N N   . GLU A 1 52  ? 6.936   6.323   7.372   1.00 36.77 ? 45  GLU A N   1 
ATOM   367  C CA  . GLU A 1 52  ? 7.567   6.866   8.569   1.00 29.94 ? 45  GLU A CA  1 
ATOM   368  C C   . GLU A 1 52  ? 9.042   6.471   8.634   1.00 37.72 ? 45  GLU A C   1 
ATOM   369  O O   . GLU A 1 52  ? 9.371   5.289   8.735   1.00 37.40 ? 45  GLU A O   1 
ATOM   370  C CB  . GLU A 1 52  ? 6.834   6.392   9.825   1.00 38.14 ? 45  GLU A CB  1 
ATOM   371  N N   . GLY A 1 53  ? 9.923   7.465   8.551   1.00 38.80 ? 46  GLY A N   1 
ATOM   372  C CA  . GLY A 1 53  ? 11.354  7.224   8.606   1.00 39.33 ? 46  GLY A CA  1 
ATOM   373  C C   . GLY A 1 53  ? 12.064  7.327   7.268   1.00 41.00 ? 46  GLY A C   1 
ATOM   374  O O   . GLY A 1 53  ? 13.286  7.456   7.218   1.00 40.01 ? 46  GLY A O   1 
ATOM   375  N N   . ILE A 1 54  ? 11.303  7.265   6.180   1.00 37.69 ? 47  ILE A N   1 
ATOM   376  C CA  . ILE A 1 54  ? 11.885  7.329   4.842   1.00 35.79 ? 47  ILE A CA  1 
ATOM   377  C C   . ILE A 1 54  ? 11.607  8.670   4.170   1.00 36.58 ? 47  ILE A C   1 
ATOM   378  O O   . ILE A 1 54  ? 12.508  9.290   3.605   1.00 39.41 ? 47  ILE A O   1 
ATOM   379  C CB  . ILE A 1 54  ? 11.353  6.200   3.943   1.00 34.93 ? 47  ILE A CB  1 
ATOM   380  C CG1 . ILE A 1 54  ? 11.778  4.839   4.495   1.00 43.32 ? 47  ILE A CG1 1 
ATOM   381  C CG2 . ILE A 1 54  ? 11.864  6.370   2.521   1.00 28.42 ? 47  ILE A CG2 1 
ATOM   382  C CD1 . ILE A 1 54  ? 11.317  3.667   3.653   1.00 40.75 ? 47  ILE A CD1 1 
ATOM   383  N N   . GLY A 1 55  ? 10.356  9.113   4.233   1.00 28.37 ? 48  GLY A N   1 
ATOM   384  C CA  . GLY A 1 55  ? 9.984   10.398  3.668   1.00 17.97 ? 48  GLY A CA  1 
ATOM   385  C C   . GLY A 1 55  ? 8.682   10.353  2.884   1.00 16.51 ? 48  GLY A C   1 
ATOM   386  O O   . GLY A 1 55  ? 7.917   9.389   2.982   1.00 20.54 ? 48  GLY A O   1 
ATOM   387  N N   . THR A 1 56  ? 8.445   11.406  2.106   1.00 16.03 ? 49  THR A N   1 
ATOM   388  C CA  . THR A 1 56  ? 7.247   11.524  1.273   1.00 14.82 ? 49  THR A CA  1 
ATOM   389  C C   . THR A 1 56  ? 7.559   11.465  -0.226  1.00 14.75 ? 49  THR A C   1 
ATOM   390  O O   . THR A 1 56  ? 8.427   12.192  -0.723  1.00 15.27 ? 49  THR A O   1 
ATOM   391  C CB  . THR A 1 56  ? 6.506   12.833  1.575   1.00 16.39 ? 49  THR A CB  1 
ATOM   392  O OG1 . THR A 1 56  ? 6.199   12.897  2.974   1.00 23.09 ? 49  THR A OG1 1 
ATOM   393  C CG2 . THR A 1 56  ? 5.218   12.926  0.762   1.00 14.55 ? 49  THR A CG2 1 
ATOM   394  N N   . TYR A 1 57  ? 6.836   10.608  -0.948  1.00 11.37 ? 50  TYR A N   1 
ATOM   395  C CA  . TYR A 1 57  ? 6.999   10.458  -2.390  1.00 9.92  ? 50  TYR A CA  1 
ATOM   396  C C   . TYR A 1 57  ? 5.687   10.800  -3.095  1.00 12.11 ? 50  TYR A C   1 
ATOM   397  O O   . TYR A 1 57  ? 4.615   10.533  -2.552  1.00 11.55 ? 50  TYR A O   1 
ATOM   398  C CB  . TYR A 1 57  ? 7.458   9.038   -2.728  1.00 11.94 ? 50  TYR A CB  1 
ATOM   399  C CG  . TYR A 1 57  ? 8.905   8.789   -2.347  1.00 15.33 ? 50  TYR A CG  1 
ATOM   400  C CD1 . TYR A 1 57  ? 9.273   8.600   -1.023  1.00 15.58 ? 50  TYR A CD1 1 
ATOM   401  C CD2 . TYR A 1 57  ? 9.898   8.763   -3.317  1.00 20.37 ? 50  TYR A CD2 1 
ATOM   402  C CE1 . TYR A 1 57  ? 10.602  8.377   -0.671  1.00 15.58 ? 50  TYR A CE1 1 
ATOM   403  C CE2 . TYR A 1 57  ? 11.225  8.542   -2.977  1.00 16.84 ? 50  TYR A CE2 1 
ATOM   404  C CZ  . TYR A 1 57  ? 11.564  8.353   -1.656  1.00 21.12 ? 50  TYR A CZ  1 
ATOM   405  O OH  . TYR A 1 57  ? 12.883  8.133   -1.321  1.00 33.96 ? 50  TYR A OH  1 
ATOM   406  N N   . LYS A 1 58  ? 5.762   11.397  -4.286  1.00 9.55  ? 51  LYS A N   1 
ATOM   407  C CA  . LYS A 1 58  ? 4.575   11.994  -4.914  1.00 10.42 ? 51  LYS A CA  1 
ATOM   408  C C   . LYS A 1 58  ? 4.195   11.356  -6.243  1.00 7.95  ? 51  LYS A C   1 
ATOM   409  O O   . LYS A 1 58  ? 5.032   11.211  -7.147  1.00 9.60  ? 51  LYS A O   1 
ATOM   410  C CB  . LYS A 1 58  ? 4.786   13.504  -5.135  1.00 10.86 ? 51  LYS A CB  1 
ATOM   411  C CG  . LYS A 1 58  ? 3.542   14.224  -5.673  1.00 8.76  ? 51  LYS A CG  1 
ATOM   412  C CD  . LYS A 1 58  ? 3.855   15.592  -6.308  1.00 11.00 ? 51  LYS A CD  1 
ATOM   413  C CE  . LYS A 1 58  ? 4.442   16.542  -5.310  1.00 11.54 ? 51  LYS A CE  1 
ATOM   414  N NZ  . LYS A 1 58  ? 4.605   17.880  -5.953  1.00 10.56 ? 51  LYS A NZ  1 
ATOM   415  N N   . GLY A 1 59  ? 2.922   10.985  -6.373  1.00 6.89  ? 52  GLY A N   1 
ATOM   416  C CA  . GLY A 1 59  ? 2.383   10.508  -7.629  1.00 8.11  ? 52  GLY A CA  1 
ATOM   417  C C   . GLY A 1 59  ? 2.855   9.141   -8.080  1.00 8.00  ? 52  GLY A C   1 
ATOM   418  O O   . GLY A 1 59  ? 3.594   8.462   -7.369  1.00 9.00  ? 52  GLY A O   1 
ATOM   419  N N   . PRO A 1 60  ? 2.422   8.731   -9.280  1.00 7.68  ? 53  PRO A N   1 
ATOM   420  C CA  . PRO A 1 60  ? 2.847   7.437   -9.829  1.00 10.26 ? 53  PRO A CA  1 
ATOM   421  C C   . PRO A 1 60  ? 4.375   7.294   -9.906  1.00 12.25 ? 53  PRO A C   1 
ATOM   422  O O   . PRO A 1 60  ? 4.916   6.252   -9.519  1.00 11.39 ? 53  PRO A O   1 
ATOM   423  C CB  . PRO A 1 60  ? 2.227   7.421   -11.230 1.00 10.60 ? 53  PRO A CB  1 
ATOM   424  C CG  . PRO A 1 60  ? 1.117   8.432   -11.199 1.00 13.02 ? 53  PRO A CG  1 
ATOM   425  C CD  . PRO A 1 60  ? 1.484   9.450   -10.160 1.00 10.33 ? 53  PRO A CD  1 
ATOM   426  N N   . GLU A 1 61  ? 5.078   8.323   -10.374 1.00 11.21 ? 54  GLU A N   1 
ATOM   427  C CA  . GLU A 1 61  ? 6.535   8.198   -10.500 1.00 12.80 ? 54  GLU A CA  1 
ATOM   428  C C   . GLU A 1 61  ? 7.242   8.212   -9.133  1.00 10.35 ? 54  GLU A C   1 
ATOM   429  O O   . GLU A 1 61  ? 8.272   7.542   -8.943  1.00 10.95 ? 54  GLU A O   1 
ATOM   430  C CB  . GLU A 1 61  ? 7.085   9.293   -11.428 1.00 14.22 ? 54  GLU A CB  1 
ATOM   431  C CG  . GLU A 1 61  ? 6.829   8.987   -12.910 1.00 15.55 ? 54  GLU A CG  1 
ATOM   432  C CD  . GLU A 1 61  ? 7.179   10.134  -13.837 1.00 32.91 ? 54  GLU A CD  1 
ATOM   433  O OE1 . GLU A 1 61  ? 7.173   11.295  -13.376 1.00 30.43 ? 54  GLU A OE1 1 
ATOM   434  O OE2 . GLU A 1 61  ? 7.461   9.867   -15.028 1.00 24.49 ? 54  GLU A OE2 1 
ATOM   435  N N   . GLY A 1 62  ? 6.691   8.938   -8.165  1.00 9.60  ? 55  GLY A N   1 
ATOM   436  C CA  . GLY A 1 62  ? 7.221   8.891   -6.816  1.00 9.36  ? 55  GLY A CA  1 
ATOM   437  C C   . GLY A 1 62  ? 7.071   7.522   -6.170  1.00 11.31 ? 55  GLY A C   1 
ATOM   438  O O   . GLY A 1 62  ? 7.988   7.033   -5.487  1.00 10.01 ? 55  GLY A O   1 
ATOM   439  N N   . ALA A 1 63  ? 5.909   6.908   -6.369  1.00 10.18 ? 56  ALA A N   1 
ATOM   440  C CA  . ALA A 1 63  ? 5.656   5.550   -5.887  1.00 11.16 ? 56  ALA A CA  1 
ATOM   441  C C   . ALA A 1 63  ? 6.673   4.569   -6.469  1.00 12.80 ? 56  ALA A C   1 
ATOM   442  O O   . ALA A 1 63  ? 7.236   3.742   -5.742  1.00 11.68 ? 56  ALA A O   1 
ATOM   443  C CB  . ALA A 1 63  ? 4.218   5.119   -6.243  1.00 8.92  ? 56  ALA A CB  1 
ATOM   444  N N   . LEU A 1 64  ? 6.930   4.668   -7.769  1.00 9.58  ? 57  LEU A N   1 
ATOM   445  C CA  . LEU A 1 64  ? 7.903   3.773   -8.399  1.00 12.38 ? 57  LEU A CA  1 
ATOM   446  C C   . LEU A 1 64  ? 9.336   4.074   -7.949  1.00 14.84 ? 57  LEU A C   1 
ATOM   447  O O   . LEU A 1 64  ? 10.159  3.161   -7.820  1.00 13.63 ? 57  LEU A O   1 
ATOM   448  C CB  . LEU A 1 64  ? 7.783   3.853   -9.922  1.00 11.07 ? 57  LEU A CB  1 
ATOM   449  C CG  . LEU A 1 64  ? 6.474   3.275   -10.471 1.00 13.33 ? 57  LEU A CG  1 
ATOM   450  C CD1 . LEU A 1 64  ? 6.464   3.304   -11.995 1.00 19.13 ? 57  LEU A CD1 1 
ATOM   451  C CD2 . LEU A 1 64  ? 6.247   1.858   -9.961  1.00 19.79 ? 57  LEU A CD2 1 
ATOM   452  N N   . ASP A 1 65  ? 9.640   5.342   -7.692  1.00 13.36 ? 58  ASP A N   1 
ATOM   453  C CA  . ASP A 1 65  ? 10.950  5.711   -7.160  1.00 15.45 ? 58  ASP A CA  1 
ATOM   454  C C   . ASP A 1 65  ? 11.185  5.078   -5.786  1.00 15.19 ? 58  ASP A C   1 
ATOM   455  O O   . ASP A 1 65  ? 12.249  4.515   -5.513  1.00 14.74 ? 58  ASP A O   1 
ATOM   456  C CB  . ASP A 1 65  ? 11.067  7.231   -7.064  1.00 14.50 ? 58  ASP A CB  1 
ATOM   457  C CG  . ASP A 1 65  ? 12.475  7.688   -6.741  1.00 30.67 ? 58  ASP A CG  1 
ATOM   458  O OD1 . ASP A 1 65  ? 13.429  7.146   -7.343  1.00 26.77 ? 58  ASP A OD1 1 
ATOM   459  O OD2 . ASP A 1 65  ? 12.624  8.586   -5.888  1.00 35.22 ? 58  ASP A OD2 1 
ATOM   460  N N   . LEU A 1 66  ? 10.183  5.163   -4.923  1.00 12.95 ? 59  LEU A N   1 
ATOM   461  C CA  . LEU A 1 66  ? 10.267  4.589   -3.587  1.00 12.60 ? 59  LEU A CA  1 
ATOM   462  C C   . LEU A 1 66  ? 10.508  3.085   -3.623  1.00 14.67 ? 59  LEU A C   1 
ATOM   463  O O   . LEU A 1 66  ? 11.378  2.580   -2.915  1.00 14.44 ? 59  LEU A O   1 
ATOM   464  C CB  . LEU A 1 66  ? 8.984   4.888   -2.797  1.00 11.55 ? 59  LEU A CB  1 
ATOM   465  C CG  . LEU A 1 66  ? 8.851   4.195   -1.432  1.00 13.22 ? 59  LEU A CG  1 
ATOM   466  C CD1 . LEU A 1 66  ? 9.980   4.632   -0.490  1.00 14.32 ? 59  LEU A CD1 1 
ATOM   467  C CD2 . LEU A 1 66  ? 7.481   4.469   -0.820  1.00 15.49 ? 59  LEU A CD2 1 
ATOM   468  N N   . VAL A 1 67  ? 9.743   2.355   -4.429  1.00 11.31 ? 60  VAL A N   1 
ATOM   469  C CA  . VAL A 1 67  ? 9.906   0.907   -4.403  1.00 12.48 ? 60  VAL A CA  1 
ATOM   470  C C   . VAL A 1 67  ? 11.179  0.470   -5.148  1.00 15.93 ? 60  VAL A C   1 
ATOM   471  O O   . VAL A 1 67  ? 11.901  -0.398  -4.661  1.00 14.94 ? 60  VAL A O   1 
ATOM   472  C CB  . VAL A 1 67  ? 8.662   0.171   -4.953  1.00 14.08 ? 60  VAL A CB  1 
ATOM   473  C CG1 . VAL A 1 67  ? 7.488   0.371   -4.007  1.00 15.30 ? 60  VAL A CG1 1 
ATOM   474  C CG2 . VAL A 1 67  ? 8.299   0.642   -6.346  1.00 14.16 ? 60  VAL A CG2 1 
ATOM   475  N N   . ASN A 1 68  ? 11.508  1.088   -6.280  1.00 14.92 ? 61  ASN A N   1 
ATOM   476  C CA  . ASN A 1 68  ? 12.720  0.675   -7.005  1.00 14.66 ? 61  ASN A CA  1 
ATOM   477  C C   . ASN A 1 68  ? 14.040  1.008   -6.306  1.00 20.60 ? 61  ASN A C   1 
ATOM   478  O O   . ASN A 1 68  ? 15.024  0.269   -6.456  1.00 17.84 ? 61  ASN A O   1 
ATOM   479  C CB  . ASN A 1 68  ? 12.745  1.291   -8.405  1.00 14.82 ? 61  ASN A CB  1 
ATOM   480  C CG  . ASN A 1 68  ? 11.964  0.478   -9.412  1.00 16.60 ? 61  ASN A CG  1 
ATOM   481  O OD1 . ASN A 1 68  ? 12.382  -0.607  -9.815  1.00 20.75 ? 61  ASN A OD1 1 
ATOM   482  N ND2 . ASN A 1 68  ? 10.825  1.003   -9.835  1.00 17.82 ? 61  ASN A ND2 1 
ATOM   483  N N   . ASN A 1 69  ? 14.070  2.107   -5.557  1.00 17.53 ? 62  ASN A N   1 
ATOM   484  C CA  . ASN A 1 69  ? 15.329  2.610   -4.999  1.00 15.07 ? 62  ASN A CA  1 
ATOM   485  C C   . ASN A 1 69  ? 15.503  2.389   -3.494  1.00 21.10 ? 62  ASN A C   1 
ATOM   486  O O   . ASN A 1 69  ? 16.628  2.256   -3.014  1.00 28.55 ? 62  ASN A O   1 
ATOM   487  C CB  . ASN A 1 69  ? 15.470  4.104   -5.311  1.00 18.21 ? 62  ASN A CB  1 
ATOM   488  C CG  . ASN A 1 69  ? 15.547  4.384   -6.799  1.00 17.45 ? 62  ASN A CG  1 
ATOM   489  O OD1 . ASN A 1 69  ? 16.319  3.757   -7.524  1.00 27.45 ? 62  ASN A OD1 1 
ATOM   490  N ND2 . ASN A 1 69  ? 14.735  5.323   -7.262  1.00 24.40 ? 62  ASN A ND2 1 
ATOM   491  N N   . VAL A 1 70  ? 14.403  2.357   -2.751  1.00 14.22 ? 63  VAL A N   1 
ATOM   492  C CA  . VAL A 1 70  ? 14.480  2.186   -1.305  1.00 18.85 ? 63  VAL A CA  1 
ATOM   493  C C   . VAL A 1 70  ? 13.995  0.804   -0.868  1.00 24.43 ? 63  VAL A C   1 
ATOM   494  O O   . VAL A 1 70  ? 14.703  0.104   -0.150  1.00 21.84 ? 63  VAL A O   1 
ATOM   495  C CB  . VAL A 1 70  ? 13.667  3.268   -0.554  1.00 19.05 ? 63  VAL A CB  1 
ATOM   496  C CG1 . VAL A 1 70  ? 13.807  3.092   0.948   1.00 26.33 ? 63  VAL A CG1 1 
ATOM   497  C CG2 . VAL A 1 70  ? 14.111  4.661   -0.968  1.00 21.50 ? 63  VAL A CG2 1 
ATOM   498  N N   . VAL A 1 71  ? 12.804  0.397   -1.300  1.00 15.51 ? 64  VAL A N   1 
ATOM   499  C CA  . VAL A 1 71  ? 12.205  -0.816  -0.745  1.00 17.52 ? 64  VAL A CA  1 
ATOM   500  C C   . VAL A 1 71  ? 12.696  -2.106  -1.399  1.00 15.11 ? 64  VAL A C   1 
ATOM   501  O O   . VAL A 1 71  ? 13.275  -2.955  -0.713  1.00 15.32 ? 64  VAL A O   1 
ATOM   502  C CB  . VAL A 1 71  ? 10.670  -0.767  -0.830  1.00 15.40 ? 64  VAL A CB  1 
ATOM   503  C CG1 . VAL A 1 71  ? 10.073  -2.033  -0.241  1.00 12.07 ? 64  VAL A CG1 1 
ATOM   504  C CG2 . VAL A 1 71  ? 10.150  0.461   -0.091  1.00 20.23 ? 64  VAL A CG2 1 
ATOM   505  N N   . TRP A 1 72  ? 12.475  -2.267  -2.701  1.00 13.49 ? 65  TRP A N   1 
ATOM   506  C CA  . TRP A 1 72  ? 12.798  -3.536  -3.366  1.00 15.11 ? 65  TRP A CA  1 
ATOM   507  C C   . TRP A 1 72  ? 14.276  -3.955  -3.225  1.00 16.62 ? 65  TRP A C   1 
ATOM   508  O O   . TRP A 1 72  ? 14.547  -5.134  -3.019  1.00 16.97 ? 65  TRP A O   1 
ATOM   509  C CB  . TRP A 1 72  ? 12.392  -3.502  -4.855  1.00 11.66 ? 65  TRP A CB  1 
ATOM   510  C CG  . TRP A 1 72  ? 10.868  -3.498  -5.092  1.00 14.32 ? 65  TRP A CG  1 
ATOM   511  C CD1 . TRP A 1 72  ? 9.903   -3.867  -4.199  1.00 13.53 ? 65  TRP A CD1 1 
ATOM   512  C CD2 . TRP A 1 72  ? 10.170  -3.115  -6.292  1.00 17.48 ? 65  TRP A CD2 1 
ATOM   513  N NE1 . TRP A 1 72  ? 8.655   -3.736  -4.762  1.00 15.37 ? 65  TRP A NE1 1 
ATOM   514  C CE2 . TRP A 1 72  ? 8.791   -3.274  -6.044  1.00 14.09 ? 65  TRP A CE2 1 
ATOM   515  C CE3 . TRP A 1 72  ? 10.576  -2.646  -7.547  1.00 17.41 ? 65  TRP A CE3 1 
ATOM   516  C CZ2 . TRP A 1 72  ? 7.817   -2.991  -7.005  1.00 19.00 ? 65  TRP A CZ2 1 
ATOM   517  C CZ3 . TRP A 1 72  ? 9.606   -2.366  -8.502  1.00 17.92 ? 65  TRP A CZ3 1 
ATOM   518  C CH2 . TRP A 1 72  ? 8.244   -2.538  -8.224  1.00 17.87 ? 65  TRP A CH2 1 
ATOM   519  N N   . PRO A 1 73  ? 15.237  -3.009  -3.304  1.00 14.49 ? 66  PRO A N   1 
ATOM   520  C CA  . PRO A 1 73  ? 16.621  -3.492  -3.118  1.00 14.34 ? 66  PRO A CA  1 
ATOM   521  C C   . PRO A 1 73  ? 16.904  -4.066  -1.728  1.00 15.16 ? 66  PRO A C   1 
ATOM   522  O O   . PRO A 1 73  ? 17.874  -4.825  -1.578  1.00 18.00 ? 66  PRO A O   1 
ATOM   523  C CB  . PRO A 1 73  ? 17.469  -2.238  -3.351  1.00 14.99 ? 66  PRO A CB  1 
ATOM   524  C CG  . PRO A 1 73  ? 16.625  -1.338  -4.167  1.00 16.76 ? 66  PRO A CG  1 
ATOM   525  C CD  . PRO A 1 73  ? 15.206  -1.598  -3.726  1.00 16.54 ? 66  PRO A CD  1 
ATOM   526  N N   . ARG A 1 74  ? 16.095  -3.721  -0.731  1.00 13.84 ? 67  ARG A N   1 
ATOM   527  C CA  . ARG A 1 74  ? 16.313  -4.218  0.625   1.00 16.06 ? 67  ARG A CA  1 
ATOM   528  C C   . ARG A 1 74  ? 15.802  -5.640  0.831   1.00 12.33 ? 67  ARG A C   1 
ATOM   529  O O   . ARG A 1 74  ? 16.141  -6.265  1.827   1.00 12.38 ? 67  ARG A O   1 
ATOM   530  C CB  . ARG A 1 74  ? 15.641  -3.316  1.659   1.00 20.05 ? 67  ARG A CB  1 
ATOM   531  C CG  . ARG A 1 74  ? 16.228  -1.929  1.823   1.00 28.26 ? 67  ARG A CG  1 
ATOM   532  C CD  . ARG A 1 74  ? 15.306  -1.115  2.722   1.00 32.22 ? 67  ARG A CD  1 
ATOM   533  N NE  . ARG A 1 74  ? 15.845  0.197   3.065   1.00 48.09 ? 67  ARG A NE  1 
ATOM   534  C CZ  . ARG A 1 74  ? 15.173  1.116   3.750   1.00 43.04 ? 67  ARG A CZ  1 
ATOM   535  N NH1 . ARG A 1 74  ? 13.934  0.867   4.157   1.00 46.78 ? 67  ARG A NH1 1 
ATOM   536  N NH2 . ARG A 1 74  ? 15.736  2.286   4.025   1.00 42.22 ? 67  ARG A NH2 1 
ATOM   537  N N   . TRP A 1 75  ? 14.969  -6.134  -0.088  1.00 11.33 ? 68  TRP A N   1 
ATOM   538  C CA  . TRP A 1 75  ? 14.300  -7.425  0.090   1.00 11.77 ? 68  TRP A CA  1 
ATOM   539  C C   . TRP A 1 75  ? 14.501  -8.379  -1.095  1.00 13.76 ? 68  TRP A C   1 
ATOM   540  O O   . TRP A 1 75  ? 14.429  -7.973  -2.265  1.00 13.90 ? 68  TRP A O   1 
ATOM   541  C CB  . TRP A 1 75  ? 12.785  -7.219  0.305   1.00 10.36 ? 68  TRP A CB  1 
ATOM   542  C CG  . TRP A 1 75  ? 12.394  -6.360  1.479   1.00 11.25 ? 68  TRP A CG  1 
ATOM   543  C CD1 . TRP A 1 75  ? 12.301  -4.998  1.502   1.00 13.07 ? 68  TRP A CD1 1 
ATOM   544  C CD2 . TRP A 1 75  ? 12.012  -6.810  2.789   1.00 10.54 ? 68  TRP A CD2 1 
ATOM   545  N NE1 . TRP A 1 75  ? 11.890  -4.574  2.742   1.00 13.18 ? 68  TRP A NE1 1 
ATOM   546  C CE2 . TRP A 1 75  ? 11.712  -5.664  3.552   1.00 11.52 ? 68  TRP A CE2 1 
ATOM   547  C CE3 . TRP A 1 75  ? 11.898  -8.071  3.388   1.00 10.52 ? 68  TRP A CE3 1 
ATOM   548  C CZ2 . TRP A 1 75  ? 11.305  -5.738  4.886   1.00 13.66 ? 68  TRP A CZ2 1 
ATOM   549  C CZ3 . TRP A 1 75  ? 11.495  -8.143  4.717   1.00 11.64 ? 68  TRP A CZ3 1 
ATOM   550  C CH2 . TRP A 1 75  ? 11.206  -6.980  5.451   1.00 13.84 ? 68  TRP A CH2 1 
ATOM   551  N N   . HIS A 1 76  ? 14.747  -9.652  -0.798  1.00 10.22 ? 69  HIS A N   1 
ATOM   552  C CA  . HIS A 1 76  ? 14.713  -10.681 -1.832  1.00 12.09 ? 69  HIS A CA  1 
ATOM   553  C C   . HIS A 1 76  ? 13.288  -10.824 -2.357  1.00 12.17 ? 69  HIS A C   1 
ATOM   554  O O   . HIS A 1 76  ? 13.067  -10.936 -3.566  1.00 13.95 ? 69  HIS A O   1 
ATOM   555  C CB  . HIS A 1 76  ? 15.211  -12.035 -1.302  1.00 16.14 ? 69  HIS A CB  1 
ATOM   556  C CG  . HIS A 1 76  ? 16.671  -12.065 -0.964  1.00 16.31 ? 69  HIS A CG  1 
ATOM   557  N ND1 . HIS A 1 76  ? 17.660  -11.840 -1.898  1.00 20.51 ? 69  HIS A ND1 1 
ATOM   558  C CD2 . HIS A 1 76  ? 17.308  -12.325 0.202   1.00 17.78 ? 69  HIS A CD2 1 
ATOM   559  C CE1 . HIS A 1 76  ? 18.843  -11.943 -1.317  1.00 16.45 ? 69  HIS A CE1 1 
ATOM   560  N NE2 . HIS A 1 76  ? 18.658  -12.238 -0.044  1.00 17.41 ? 69  HIS A NE2 1 
ATOM   561  N N   . ASP A 1 77  ? 12.333  -10.822 -1.429  1.00 10.03 ? 70  ASP A N   1 
ATOM   562  C CA  . ASP A 1 77  ? 10.918  -10.913 -1.767  1.00 11.55 ? 70  ASP A CA  1 
ATOM   563  C C   . ASP A 1 77  ? 10.105  -10.716 -0.495  1.00 8.98  ? 70  ASP A C   1 
ATOM   564  O O   . ASP A 1 77  ? 10.637  -10.838 0.607   1.00 9.85  ? 70  ASP A O   1 
ATOM   565  C CB  . ASP A 1 77  ? 10.589  -12.267 -2.393  1.00 14.54 ? 70  ASP A CB  1 
ATOM   566  C CG  . ASP A 1 77  ? 10.644  -13.388 -1.388  1.00 19.24 ? 70  ASP A CG  1 
ATOM   567  O OD1 . ASP A 1 77  ? 11.748  -13.909 -1.130  1.00 23.87 ? 70  ASP A OD1 1 
ATOM   568  O OD2 . ASP A 1 77  ? 9.579   -13.729 -0.829  1.00 25.66 ? 70  ASP A OD2 1 
ATOM   569  N N   . PHE A 1 78  ? 8.821   -10.393 -0.659  1.00 8.78  ? 71  PHE A N   1 
ATOM   570  C CA  A PHE A 1 78  ? 7.894   -10.315 0.463   0.50 8.11  ? 71  PHE A CA  1 
ATOM   571  C CA  B PHE A 1 78  ? 7.897   -10.364 0.467   0.50 8.14  ? 71  PHE A CA  1 
ATOM   572  C C   . PHE A 1 78  ? 6.456   -10.463 -0.011  1.00 8.99  ? 71  PHE A C   1 
ATOM   573  O O   . PHE A 1 78  ? 6.188   -10.439 -1.211  1.00 9.10  ? 71  PHE A O   1 
ATOM   574  C CB  A PHE A 1 78  ? 8.069   -9.003  1.239   0.50 9.19  ? 71  PHE A CB  1 
ATOM   575  C CB  B PHE A 1 78  ? 8.111   -9.120  1.360   0.50 9.08  ? 71  PHE A CB  1 
ATOM   576  C CG  A PHE A 1 78  ? 8.143   -7.767  0.371   0.50 9.45  ? 71  PHE A CG  1 
ATOM   577  C CG  B PHE A 1 78  ? 8.047   -7.771  0.649   0.50 9.04  ? 71  PHE A CG  1 
ATOM   578  C CD1 A PHE A 1 78  ? 7.059   -7.352  -0.386  0.50 10.37 ? 71  PHE A CD1 1 
ATOM   579  C CD1 B PHE A 1 78  ? 8.582   -6.653  1.279   0.50 9.72  ? 71  PHE A CD1 1 
ATOM   580  C CD2 A PHE A 1 78  ? 9.299   -7.009  0.333   0.50 16.03 ? 71  PHE A CD2 1 
ATOM   581  C CD2 B PHE A 1 78  ? 7.435   -7.598  -0.588  0.50 10.49 ? 71  PHE A CD2 1 
ATOM   582  C CE1 A PHE A 1 78  ? 7.133   -6.211  -1.165  0.50 11.85 ? 71  PHE A CE1 1 
ATOM   583  C CE1 B PHE A 1 78  ? 8.542   -5.403  0.683   0.50 9.83  ? 71  PHE A CE1 1 
ATOM   584  C CE2 A PHE A 1 78  ? 9.380   -5.872  -0.444  0.50 13.97 ? 71  PHE A CE2 1 
ATOM   585  C CE2 B PHE A 1 78  ? 7.386   -6.345  -1.184  0.50 12.64 ? 71  PHE A CE2 1 
ATOM   586  C CZ  A PHE A 1 78  ? 8.296   -5.474  -1.197  0.50 15.64 ? 71  PHE A CZ  1 
ATOM   587  C CZ  B PHE A 1 78  ? 7.939   -5.248  -0.546  0.50 15.92 ? 71  PHE A CZ  1 
ATOM   588  N N   . ILE A 1 79  ? 5.549   -10.611 0.945   1.00 7.47  ? 72  ILE A N   1 
ATOM   589  C CA  . ILE A 1 79  ? 4.123   -10.719 0.655   1.00 7.06  ? 72  ILE A CA  1 
ATOM   590  C C   . ILE A 1 79  ? 3.373   -9.907  1.705   1.00 6.42  ? 72  ILE A C   1 
ATOM   591  O O   . ILE A 1 79  ? 3.690   -9.962  2.891   1.00 7.75  ? 72  ILE A O   1 
ATOM   592  C CB  . ILE A 1 79  ? 3.661   -12.211 0.636   1.00 5.09  ? 72  ILE A CB  1 
ATOM   593  C CG1 . ILE A 1 79  ? 2.165   -12.341 0.350   1.00 6.91  ? 72  ILE A CG1 1 
ATOM   594  C CG2 . ILE A 1 79  ? 3.999   -12.928 1.942   1.00 7.96  ? 72  ILE A CG2 1 
ATOM   595  C CD1 . ILE A 1 79  ? 1.708   -11.793 -1.009  1.00 7.24  ? 72  ILE A CD1 1 
ATOM   596  N N   . HIS A 1 80  ? 2.397   -9.116  1.250   1.00 6.20  ? 73  HIS A N   1 
ATOM   597  C CA  . HIS A 1 80  ? 1.558   -8.301  2.135   1.00 7.88  ? 73  HIS A CA  1 
ATOM   598  C C   . HIS A 1 80  ? 0.126   -8.790  2.099   1.00 7.00  ? 73  HIS A C   1 
ATOM   599  O O   . HIS A 1 80  ? -0.516  -8.740  1.049   1.00 10.17 ? 73  HIS A O   1 
ATOM   600  C CB  . HIS A 1 80  ? 1.563   -6.823  1.719   1.00 8.82  ? 73  HIS A CB  1 
ATOM   601  C CG  . HIS A 1 80  ? 2.862   -6.115  1.943   1.00 9.46  ? 73  HIS A CG  1 
ATOM   602  N ND1 . HIS A 1 80  ? 3.967   -6.311  1.141   1.00 13.20 ? 73  HIS A ND1 1 
ATOM   603  C CD2 . HIS A 1 80  ? 3.216   -5.173  2.852   1.00 11.76 ? 73  HIS A CD2 1 
ATOM   604  C CE1 . HIS A 1 80  ? 4.956   -5.540  1.565   1.00 13.56 ? 73  HIS A CE1 1 
ATOM   605  N NE2 . HIS A 1 80  ? 4.523   -4.835  2.598   1.00 11.55 ? 73  HIS A NE2 1 
ATOM   606  N N   . TYR A 1 81  ? -0.368  -9.228  3.246   1.00 4.71  ? 74  TYR A N   1 
ATOM   607  C CA  . TYR A 1 81  ? -1.754  -9.660  3.396   1.00 6.14  ? 74  TYR A CA  1 
ATOM   608  C C   . TYR A 1 81  ? -2.598  -8.529  3.995   1.00 6.86  ? 74  TYR A C   1 
ATOM   609  O O   . TYR A 1 81  ? -2.423  -8.172  5.163   1.00 9.46  ? 74  TYR A O   1 
ATOM   610  C CB  . TYR A 1 81  ? -1.835  -10.912 4.281   1.00 9.27  ? 74  TYR A CB  1 
ATOM   611  C CG  . TYR A 1 81  ? -1.057  -12.112 3.758   1.00 6.32  ? 74  TYR A CG  1 
ATOM   612  C CD1 . TYR A 1 81  ? -1.550  -12.877 2.708   1.00 7.34  ? 74  TYR A CD1 1 
ATOM   613  C CD2 . TYR A 1 81  ? 0.157   -12.485 4.330   1.00 7.46  ? 74  TYR A CD2 1 
ATOM   614  C CE1 . TYR A 1 81  ? -0.849  -13.981 2.220   1.00 7.71  ? 74  TYR A CE1 1 
ATOM   615  C CE2 . TYR A 1 81  ? 0.865   -13.577 3.851   1.00 9.42  ? 74  TYR A CE2 1 
ATOM   616  C CZ  . TYR A 1 81  ? 0.356   -14.324 2.803   1.00 9.58  ? 74  TYR A CZ  1 
ATOM   617  O OH  . TYR A 1 81  ? 1.041   -15.421 2.320   1.00 9.75  ? 74  TYR A OH  1 
ATOM   618  N N   . GLY A 1 82  ? -3.511  -7.971  3.199   1.00 6.14  ? 75  GLY A N   1 
ATOM   619  C CA  . GLY A 1 82  ? -4.348  -6.869  3.667   1.00 6.21  ? 75  GLY A CA  1 
ATOM   620  C C   . GLY A 1 82  ? -5.670  -7.369  4.217   1.00 8.52  ? 75  GLY A C   1 
ATOM   621  O O   . GLY A 1 82  ? -6.343  -8.189  3.582   1.00 9.60  ? 75  GLY A O   1 
ATOM   622  N N   . THR A 1 83  ? -6.038  -6.903  5.410   1.00 7.90  ? 76  THR A N   1 
ATOM   623  C CA  . THR A 1 83  ? -7.322  -7.256  6.026   1.00 6.85  ? 76  THR A CA  1 
ATOM   624  C C   . THR A 1 83  ? -7.989  -6.036  6.676   1.00 6.20  ? 76  THR A C   1 
ATOM   625  O O   . THR A 1 83  ? -7.359  -4.995  6.878   1.00 7.86  ? 76  THR A O   1 
ATOM   626  C CB  . THR A 1 83  ? -7.172  -8.340  7.114   1.00 8.25  ? 76  THR A CB  1 
ATOM   627  O OG1 . THR A 1 83  ? -6.474  -7.784  8.241   1.00 11.92 ? 76  THR A OG1 1 
ATOM   628  C CG2 . THR A 1 83  ? -6.421  -9.561  6.585   1.00 12.35 ? 76  THR A CG2 1 
ATOM   629  N N   . ASN A 1 84  ? -9.277  -6.169  6.982   1.00 5.48  ? 77  ASN A N   1 
ATOM   630  C CA  . ASN A 1 84  ? -10.004 -5.190  7.796   1.00 6.78  ? 77  ASN A CA  1 
ATOM   631  C C   . ASN A 1 84  ? -10.068 -3.786  7.175   1.00 6.09  ? 77  ASN A C   1 
ATOM   632  O O   . ASN A 1 84  ? -10.123 -2.802  7.897   1.00 7.11  ? 77  ASN A O   1 
ATOM   633  C CB  . ASN A 1 84  ? -9.388  -5.050  9.210   1.00 7.51  ? 77  ASN A CB  1 
ATOM   634  C CG  . ASN A 1 84  ? -9.135  -6.389  9.917   1.00 5.60  ? 77  ASN A CG  1 
ATOM   635  O OD1 . ASN A 1 84  ? -9.725  -7.422  9.607   1.00 6.14  ? 77  ASN A OD1 1 
ATOM   636  N ND2 . ASN A 1 84  ? -8.249  -6.346  10.909  1.00 7.19  ? 77  ASN A ND2 1 
ATOM   637  N N   . LEU A 1 85  ? -10.033 -3.685  5.850   1.00 5.28  ? 78  LEU A N   1 
ATOM   638  C CA  . LEU A 1 85  ? -10.129 -2.361  5.219   1.00 5.44  ? 78  LEU A CA  1 
ATOM   639  C C   . LEU A 1 85  ? -11.474 -1.723  5.508   1.00 5.79  ? 78  LEU A C   1 
ATOM   640  O O   . LEU A 1 85  ? -12.516 -2.274  5.167   1.00 7.10  ? 78  LEU A O   1 
ATOM   641  C CB  . LEU A 1 85  ? -9.920  -2.438  3.710   1.00 5.45  ? 78  LEU A CB  1 
ATOM   642  C CG  . LEU A 1 85  ? -9.945  -1.073  3.013   1.00 5.55  ? 78  LEU A CG  1 
ATOM   643  C CD1 . LEU A 1 85  ? -8.749  -0.211  3.433   1.00 8.02  ? 78  LEU A CD1 1 
ATOM   644  C CD2 . LEU A 1 85  ? -9.983  -1.252  1.505   1.00 7.04  ? 78  LEU A CD2 1 
ATOM   645  N N   . ARG A 1 86  ? -11.435 -0.569  6.159   1.00 5.58  ? 79  ARG A N   1 
ATOM   646  C CA  . ARG A 1 86  ? -12.637 0.114   6.608   1.00 5.81  ? 79  ARG A CA  1 
ATOM   647  C C   . ARG A 1 86  ? -12.659 1.532   6.038   1.00 5.58  ? 79  ARG A C   1 
ATOM   648  O O   . ARG A 1 86  ? -11.714 2.306   6.251   1.00 7.13  ? 79  ARG A O   1 
ATOM   649  C CB  . ARG A 1 86  ? -12.678 0.124   8.140   1.00 7.19  ? 79  ARG A CB  1 
ATOM   650  C CG  . ARG A 1 86  ? -13.860 0.838   8.766   1.00 13.60 ? 79  ARG A CG  1 
ATOM   651  C CD  . ARG A 1 86  ? -15.180 0.177   8.424   1.00 17.68 ? 79  ARG A CD  1 
ATOM   652  N NE  . ARG A 1 86  ? -16.233 0.568   9.359   1.00 12.27 ? 79  ARG A NE  1 
ATOM   653  C CZ  . ARG A 1 86  ? -17.112 1.545   9.152   1.00 12.30 ? 79  ARG A CZ  1 
ATOM   654  N NH1 . ARG A 1 86  ? -17.085 2.257   8.029   1.00 15.77 ? 79  ARG A NH1 1 
ATOM   655  N NH2 . ARG A 1 86  ? -18.040 1.804   10.069  1.00 16.03 ? 79  ARG A NH2 1 
ATOM   656  N N   . LEU A 1 87  ? -13.726 1.853   5.306   1.00 5.00  ? 80  LEU A N   1 
ATOM   657  C CA  . LEU A 1 87  ? -13.854 3.110   4.564   1.00 6.07  ? 80  LEU A CA  1 
ATOM   658  C C   . LEU A 1 87  ? -14.901 4.028   5.182   1.00 8.76  ? 80  LEU A C   1 
ATOM   659  O O   . LEU A 1 87  ? -15.955 3.567   5.640   1.00 10.72 ? 80  LEU A O   1 
ATOM   660  C CB  . LEU A 1 87  ? -14.216 2.834   3.098   1.00 5.45  ? 80  LEU A CB  1 
ATOM   661  C CG  . LEU A 1 87  ? -13.314 1.885   2.308   1.00 5.50  ? 80  LEU A CG  1 
ATOM   662  C CD1 . LEU A 1 87  ? -13.824 1.693   0.877   1.00 9.15  ? 80  LEU A CD1 1 
ATOM   663  C CD2 . LEU A 1 87  ? -11.872 2.377   2.320   1.00 6.66  ? 80  LEU A CD2 1 
ATOM   664  N N   . GLU A 1 88  ? -14.605 5.321   5.195   1.00 7.98  ? 81  GLU A N   1 
ATOM   665  C CA  . GLU A 1 88  ? -15.564 6.334   5.643   1.00 8.31  ? 81  GLU A CA  1 
ATOM   666  C C   . GLU A 1 88  ? -15.555 7.504   4.682   1.00 7.92  ? 81  GLU A C   1 
ATOM   667  O O   . GLU A 1 88  ? -14.487 7.983   4.291   1.00 8.77  ? 81  GLU A O   1 
ATOM   668  C CB  . GLU A 1 88  ? -15.221 6.824   7.050   1.00 13.06 ? 81  GLU A CB  1 
ATOM   669  C CG  . GLU A 1 88  ? -15.214 5.747   8.115   1.00 24.86 ? 81  GLU A CG  1 
ATOM   670  C CD  . GLU A 1 88  ? -16.555 5.574   8.800   1.00 38.37 ? 81  GLU A CD  1 
ATOM   671  O OE1 . GLU A 1 88  ? -17.586 5.987   8.224   1.00 29.31 ? 81  GLU A OE1 1 
ATOM   672  O OE2 . GLU A 1 88  ? -16.573 5.026   9.924   1.00 47.45 ? 81  GLU A OE2 1 
ATOM   673  N N   . PHE A 1 89  ? -16.742 7.969   4.311   1.00 7.97  ? 82  PHE A N   1 
ATOM   674  C CA  . PHE A 1 89  ? -16.861 9.101   3.407   1.00 10.35 ? 82  PHE A CA  1 
ATOM   675  C C   . PHE A 1 89  ? -16.740 10.419  4.184   1.00 9.88  ? 82  PHE A C   1 
ATOM   676  O O   . PHE A 1 89  ? -17.590 10.744  5.015   1.00 16.61 ? 82  PHE A O   1 
ATOM   677  C CB  . PHE A 1 89  ? -18.183 9.018   2.633   1.00 10.57 ? 82  PHE A CB  1 
ATOM   678  C CG  . PHE A 1 89  ? -18.193 7.942   1.571   1.00 9.97  ? 82  PHE A CG  1 
ATOM   679  C CD1 . PHE A 1 89  ? -18.420 6.620   1.912   1.00 13.06 ? 82  PHE A CD1 1 
ATOM   680  C CD2 . PHE A 1 89  ? -17.950 8.249   0.235   1.00 12.08 ? 82  PHE A CD2 1 
ATOM   681  C CE1 . PHE A 1 89  ? -18.418 5.624   0.944   1.00 20.67 ? 82  PHE A CE1 1 
ATOM   682  C CE2 . PHE A 1 89  ? -17.945 7.255   -0.735  1.00 11.45 ? 82  PHE A CE2 1 
ATOM   683  C CZ  . PHE A 1 89  ? -18.175 5.950   -0.384  1.00 14.81 ? 82  PHE A CZ  1 
ATOM   684  N N   . VAL A 1 90  ? -15.661 11.149  3.934   1.00 9.32  ? 83  VAL A N   1 
ATOM   685  C CA  . VAL A 1 90  ? -15.465 12.477  4.515   1.00 10.00 ? 83  VAL A CA  1 
ATOM   686  C C   . VAL A 1 90  ? -16.425 13.455  3.835   1.00 13.03 ? 83  VAL A C   1 
ATOM   687  O O   . VAL A 1 90  ? -17.027 14.330  4.480   1.00 12.75 ? 83  VAL A O   1 
ATOM   688  C CB  . VAL A 1 90  ? -14.001 12.938  4.354   1.00 9.94  ? 83  VAL A CB  1 
ATOM   689  C CG1 . VAL A 1 90  ? -13.819 14.359  4.890   1.00 12.78 ? 83  VAL A CG1 1 
ATOM   690  C CG2 . VAL A 1 90  ? -13.064 11.967  5.067   1.00 9.83  ? 83  VAL A CG2 1 
ATOM   691  N N   . SER A 1 91  ? -16.568 13.269  2.528   1.00 8.51  ? 84  SER A N   1 
ATOM   692  C CA  . SER A 1 91  ? -17.512 13.990  1.679   1.00 11.27 ? 84  SER A CA  1 
ATOM   693  C C   . SER A 1 91  ? -17.889 13.032  0.561   1.00 12.40 ? 84  SER A C   1 
ATOM   694  O O   . SER A 1 91  ? -17.385 11.909  0.516   1.00 12.23 ? 84  SER A O   1 
ATOM   695  C CB  . SER A 1 91  ? -16.885 15.259  1.109   1.00 16.08 ? 84  SER A CB  1 
ATOM   696  O OG  . SER A 1 91  ? -15.913 14.923  0.127   1.00 14.22 ? 84  SER A OG  1 
ATOM   697  N N   . ALA A 1 92  ? -18.740 13.462  -0.361  1.00 12.76 ? 85  ALA A N   1 
ATOM   698  C CA  . ALA A 1 92  ? -19.125 12.598  -1.474  1.00 10.07 ? 85  ALA A CA  1 
ATOM   699  C C   . ALA A 1 92  ? -17.927 12.229  -2.354  1.00 10.32 ? 85  ALA A C   1 
ATOM   700  O O   . ALA A 1 92  ? -17.953 11.204  -3.028  1.00 12.29 ? 85  ALA A O   1 
ATOM   701  C CB  . ALA A 1 92  ? -20.210 13.267  -2.321  1.00 16.53 ? 85  ALA A CB  1 
ATOM   702  N N   . ASP A 1 93  ? -16.880 13.051  -2.334  1.00 10.36 ? 86  ASP A N   1 
ATOM   703  C CA  . ASP A 1 93  ? -15.727 12.818  -3.214  1.00 10.74 ? 86  ASP A CA  1 
ATOM   704  C C   . ASP A 1 93  ? -14.407 12.593  -2.475  1.00 10.44 ? 86  ASP A C   1 
ATOM   705  O O   . ASP A 1 93  ? -13.337 12.698  -3.069  1.00 7.41  ? 86  ASP A O   1 
ATOM   706  C CB  . ASP A 1 93  ? -15.565 14.000  -4.187  1.00 9.70  ? 86  ASP A CB  1 
ATOM   707  C CG  . ASP A 1 93  ? -16.774 14.192  -5.080  1.00 12.72 ? 86  ASP A CG  1 
ATOM   708  O OD1 . ASP A 1 93  ? -17.298 13.205  -5.639  1.00 12.60 ? 86  ASP A OD1 1 
ATOM   709  O OD2 . ASP A 1 93  ? -17.206 15.356  -5.205  1.00 19.39 ? 86  ASP A OD2 1 
ATOM   710  N N   . LYS A 1 94  ? -14.478 12.303  -1.180  1.00 8.05  ? 87  LYS A N   1 
ATOM   711  C CA  . LYS A 1 94  ? -13.269 12.057  -0.405  1.00 7.18  ? 87  LYS A CA  1 
ATOM   712  C C   . LYS A 1 94  ? -13.551 10.965  0.615   1.00 6.45  ? 87  LYS A C   1 
ATOM   713  O O   . LYS A 1 94  ? -14.505 11.049  1.396   1.00 7.59  ? 87  LYS A O   1 
ATOM   714  C CB  . LYS A 1 94  ? -12.776 13.338  0.288   1.00 9.13  ? 87  LYS A CB  1 
ATOM   715  C CG  . LYS A 1 94  ? -11.460 13.169  1.059   1.00 11.80 ? 87  LYS A CG  1 
ATOM   716  C CD  . LYS A 1 94  ? -10.926 14.499  1.627   1.00 12.98 ? 87  LYS A CD  1 
ATOM   717  C CE  . LYS A 1 94  ? -10.514 15.469  0.524   1.00 19.69 ? 87  LYS A CE  1 
ATOM   718  N NZ  . LYS A 1 94  ? -9.909  16.744  1.045   1.00 20.09 ? 87  LYS A NZ  1 
ATOM   719  N N   . VAL A 1 95  ? -12.718 9.929   0.579   1.00 5.13  ? 88  VAL A N   1 
ATOM   720  C CA  . VAL A 1 95  ? -12.867 8.775   1.459   1.00 5.80  ? 88  VAL A CA  1 
ATOM   721  C C   . VAL A 1 95  ? -11.589 8.542   2.280   1.00 6.26  ? 88  VAL A C   1 
ATOM   722  O O   . VAL A 1 95  ? -10.471 8.614   1.752   1.00 6.25  ? 88  VAL A O   1 
ATOM   723  C CB  . VAL A 1 95  ? -13.214 7.504   0.646   1.00 5.03  ? 88  VAL A CB  1 
ATOM   724  C CG1 . VAL A 1 95  ? -13.070 6.240   1.497   1.00 7.61  ? 88  VAL A CG1 1 
ATOM   725  C CG2 . VAL A 1 95  ? -14.617 7.626   0.088   1.00 7.66  ? 88  VAL A CG2 1 
ATOM   726  N N   . ASN A 1 96  ? -11.760 8.298   3.581   1.00 6.62  ? 89  ASN A N   1 
ATOM   727  C CA  . ASN A 1 96  ? -10.696 7.816   4.458   1.00 6.50  ? 89  ASN A CA  1 
ATOM   728  C C   . ASN A 1 96  ? -10.710 6.300   4.543   1.00 7.20  ? 89  ASN A C   1 
ATOM   729  O O   . ASN A 1 96  ? -11.779 5.705   4.708   1.00 6.60  ? 89  ASN A O   1 
ATOM   730  C CB  . ASN A 1 96  ? -10.873 8.346   5.885   1.00 7.32  ? 89  ASN A CB  1 
ATOM   731  C CG  . ASN A 1 96  ? -10.418 9.770   6.071   1.00 6.27  ? 89  ASN A CG  1 
ATOM   732  O OD1 . ASN A 1 96  ? -9.679  10.319  5.267   1.00 9.91  ? 89  ASN A OD1 1 
ATOM   733  N ND2 . ASN A 1 96  ? -10.828 10.361  7.190   1.00 10.35 ? 89  ASN A ND2 1 
ATOM   734  N N   . GLY A 1 97  ? -9.540  5.678   4.467   1.00 5.65  ? 90  GLY A N   1 
ATOM   735  C CA  . GLY A 1 97  ? -9.424  4.264   4.743   1.00 5.13  ? 90  GLY A CA  1 
ATOM   736  C C   . GLY A 1 97  ? -8.436  3.941   5.855   1.00 5.12  ? 90  GLY A C   1 
ATOM   737  O O   . GLY A 1 97  ? -7.445  4.651   6.052   1.00 5.22  ? 90  GLY A O   1 
ATOM   738  N N   . ILE A 1 98  ? -8.713  2.870   6.588   1.00 4.89  ? 91  ILE A N   1 
ATOM   739  C CA  . ILE A 1 98  ? -7.748  2.277   7.504   1.00 4.86  ? 91  ILE A CA  1 
ATOM   740  C C   . ILE A 1 98  ? -7.728  0.774   7.216   1.00 5.73  ? 91  ILE A C   1 
ATOM   741  O O   . ILE A 1 98  ? -8.769  0.178   6.934   1.00 5.75  ? 91  ILE A O   1 
ATOM   742  C CB  . ILE A 1 98  ? -8.090  2.551   8.999   1.00 4.80  ? 91  ILE A CB  1 
ATOM   743  C CG1 . ILE A 1 98  ? -9.470  1.990   9.371   1.00 5.14  ? 91  ILE A CG1 1 
ATOM   744  C CG2 . ILE A 1 98  ? -7.989  4.055   9.305   1.00 6.57  ? 91  ILE A CG2 1 
ATOM   745  C CD1 . ILE A 1 98  ? -9.849  2.167   10.843  1.00 8.79  ? 91  ILE A CD1 1 
ATOM   746  N N   . GLY A 1 99  ? -6.546  0.169   7.282   1.00 5.10  ? 92  GLY A N   1 
ATOM   747  C CA  . GLY A 1 99  ? -6.384  -1.240  6.970   1.00 5.64  ? 92  GLY A CA  1 
ATOM   748  C C   . GLY A 1 99  ? -5.251  -1.838  7.769   1.00 6.22  ? 92  GLY A C   1 
ATOM   749  O O   . GLY A 1 99  ? -4.280  -1.145  8.099   1.00 7.80  ? 92  GLY A O   1 
ATOM   750  N N   . ASP A 1 100 ? -5.377  -3.123  8.088   1.00 4.54  ? 93  ASP A N   1 
ATOM   751  C CA  . ASP A 1 100 ? -4.350  -3.836  8.848   1.00 7.06  ? 93  ASP A CA  1 
ATOM   752  C C   . ASP A 1 100 ? -3.634  -4.793  7.930   1.00 7.29  ? 93  ASP A C   1 
ATOM   753  O O   . ASP A 1 100 ? -4.264  -5.628  7.276   1.00 9.64  ? 93  ASP A O   1 
ATOM   754  C CB  . ASP A 1 100 ? -4.975  -4.572  10.032  1.00 6.31  ? 93  ASP A CB  1 
ATOM   755  C CG  . ASP A 1 100 ? -5.670  -3.619  10.986  1.00 6.46  ? 93  ASP A CG  1 
ATOM   756  O OD1 . ASP A 1 100 ? -5.033  -2.620  11.368  1.00 8.39  ? 93  ASP A OD1 1 
ATOM   757  O OD2 . ASP A 1 100 ? -6.853  -3.838  11.312  1.00 6.96  ? 93  ASP A OD2 1 
ATOM   758  N N   . VAL A 1 101 ? -2.312  -4.673  7.869   1.00 5.67  ? 94  VAL A N   1 
ATOM   759  C CA  . VAL A 1 101 ? -1.521  -5.442  6.913   1.00 7.26  ? 94  VAL A CA  1 
ATOM   760  C C   . VAL A 1 101 ? -0.490  -6.320  7.618   1.00 8.30  ? 94  VAL A C   1 
ATOM   761  O O   . VAL A 1 101 ? 0.239   -5.855  8.508   1.00 8.75  ? 94  VAL A O   1 
ATOM   762  C CB  . VAL A 1 101 ? -0.811  -4.495  5.902   1.00 8.27  ? 94  VAL A CB  1 
ATOM   763  C CG1 . VAL A 1 101 ? 0.020   -5.287  4.877   1.00 10.39 ? 94  VAL A CG1 1 
ATOM   764  C CG2 . VAL A 1 101 ? -1.833  -3.590  5.207   1.00 7.67  ? 94  VAL A CG2 1 
ATOM   765  N N   . LEU A 1 102 ? -0.455  -7.596  7.238   1.00 7.02  ? 95  LEU A N   1 
ATOM   766  C CA  . LEU A 1 102 ? 0.544   -8.545  7.742   1.00 6.19  ? 95  LEU A CA  1 
ATOM   767  C C   . LEU A 1 102 ? 1.540   -8.813  6.622   1.00 8.11  ? 95  LEU A C   1 
ATOM   768  O O   . LEU A 1 102 ? 1.156   -9.245  5.532   1.00 7.82  ? 95  LEU A O   1 
ATOM   769  C CB  . LEU A 1 102 ? -0.122  -9.845  8.213   1.00 6.16  ? 95  LEU A CB  1 
ATOM   770  C CG  . LEU A 1 102 ? 0.825   -10.980 8.631   1.00 8.39  ? 95  LEU A CG  1 
ATOM   771  C CD1 . LEU A 1 102 ? 1.670   -10.585 9.847   1.00 9.10  ? 95  LEU A CD1 1 
ATOM   772  C CD2 . LEU A 1 102 ? 0.003   -12.248 8.907   1.00 9.20  ? 95  LEU A CD2 1 
ATOM   773  N N   . CYS A 1 103 ? 2.818   -8.540  6.866   1.00 7.82  ? 96  CYS A N   1 
ATOM   774  C CA  . CYS A 1 103 ? 3.836   -8.736  5.841   1.00 7.57  ? 96  CYS A CA  1 
ATOM   775  C C   . CYS A 1 103 ? 4.850   -9.777  6.285   1.00 6.22  ? 96  CYS A C   1 
ATOM   776  O O   . CYS A 1 103 ? 5.342   -9.729  7.418   1.00 10.62 ? 96  CYS A O   1 
ATOM   777  C CB  . CYS A 1 103 ? 4.544   -7.411  5.514   1.00 8.86  ? 96  CYS A CB  1 
ATOM   778  S SG  . CYS A 1 103 ? 5.960   -7.569  4.352   1.00 11.90 ? 96  CYS A SG  1 
ATOM   779  N N   . LEU A 1 104 ? 5.130   -10.727 5.396   1.00 5.42  ? 97  LEU A N   1 
ATOM   780  C CA  . LEU A 1 104 ? 6.190   -11.713 5.618   1.00 6.66  ? 97  LEU A CA  1 
ATOM   781  C C   . LEU A 1 104 ? 7.242   -11.517 4.547   1.00 8.17  ? 97  LEU A C   1 
ATOM   782  O O   . LEU A 1 104 ? 6.896   -11.358 3.378   1.00 8.43  ? 97  LEU A O   1 
ATOM   783  C CB  . LEU A 1 104 ? 5.647   -13.140 5.549   1.00 7.34  ? 97  LEU A CB  1 
ATOM   784  C CG  . LEU A 1 104 ? 4.457   -13.447 6.460   1.00 6.87  ? 97  LEU A CG  1 
ATOM   785  C CD1 . LEU A 1 104 ? 3.986   -14.886 6.246   1.00 9.98  ? 97  LEU A CD1 1 
ATOM   786  C CD2 . LEU A 1 104 ? 4.797   -13.178 7.930   1.00 10.53 ? 97  LEU A CD2 1 
ATOM   787  N N   . GLY A 1 105 ? 8.519   -11.539 4.912   1.00 9.05  ? 98  GLY A N   1 
ATOM   788  C CA  . GLY A 1 105 ? 9.523   -11.299 3.897   1.00 9.27  ? 98  GLY A CA  1 
ATOM   789  C C   . GLY A 1 105 ? 10.919  -11.764 4.224   1.00 9.08  ? 98  GLY A C   1 
ATOM   790  O O   . GLY A 1 105 ? 11.232  -12.119 5.360   1.00 9.30  ? 98  GLY A O   1 
ATOM   791  N N   . ASN A 1 106 ? 11.744  -11.746 3.186   1.00 9.41  ? 99  ASN A N   1 
ATOM   792  C CA  . ASN A 1 106 ? 13.142  -12.148 3.255   1.00 8.93  ? 99  ASN A CA  1 
ATOM   793  C C   . ASN A 1 106 ? 14.024  -10.925 3.017   1.00 9.67  ? 99  ASN A C   1 
ATOM   794  O O   . ASN A 1 106 ? 14.155  -10.461 1.881   1.00 11.10 ? 99  ASN A O   1 
ATOM   795  C CB  . ASN A 1 106 ? 13.422  -13.245 2.226   1.00 10.38 ? 99  ASN A CB  1 
ATOM   796  C CG  . ASN A 1 106 ? 12.686  -14.540 2.533   1.00 14.21 ? 99  ASN A CG  1 
ATOM   797  O OD1 . ASN A 1 106 ? 12.609  -14.959 3.685   1.00 16.85 ? 99  ASN A OD1 1 
ATOM   798  N ND2 . ASN A 1 106 ? 12.128  -15.168 1.502   1.00 14.18 ? 99  ASN A ND2 1 
ATOM   799  N N   . LEU A 1 107 ? 14.596  -10.396 4.094   1.00 8.64  ? 100 LEU A N   1 
ATOM   800  C CA  . LEU A 1 107 ? 15.459  -9.213  4.062   1.00 12.03 ? 100 LEU A CA  1 
ATOM   801  C C   . LEU A 1 107 ? 16.857  -9.561  3.548   1.00 12.52 ? 100 LEU A C   1 
ATOM   802  O O   . LEU A 1 107 ? 17.413  -10.593 3.927   1.00 14.55 ? 100 LEU A O   1 
ATOM   803  C CB  . LEU A 1 107 ? 15.555  -8.608  5.466   1.00 15.38 ? 100 LEU A CB  1 
ATOM   804  C CG  . LEU A 1 107 ? 16.062  -7.179  5.678   1.00 18.39 ? 100 LEU A CG  1 
ATOM   805  C CD1 . LEU A 1 107 ? 15.061  -6.158  5.153   1.00 16.61 ? 100 LEU A CD1 1 
ATOM   806  C CD2 . LEU A 1 107 ? 16.347  -6.943  7.155   1.00 16.66 ? 100 LEU A CD2 1 
ATOM   807  N N   . VAL A 1 108 ? 17.429  -8.715  2.695   1.00 10.61 ? 101 VAL A N   1 
ATOM   808  C CA  . VAL A 1 108 ? 18.789  -8.957  2.198   1.00 11.35 ? 101 VAL A CA  1 
ATOM   809  C C   . VAL A 1 108 ? 19.831  -8.854  3.321   1.00 12.02 ? 101 VAL A C   1 
ATOM   810  O O   . VAL A 1 108 ? 20.642  -9.771  3.510   1.00 14.85 ? 101 VAL A O   1 
ATOM   811  C CB  . VAL A 1 108 ? 19.154  -7.972  1.066   1.00 15.48 ? 101 VAL A CB  1 
ATOM   812  C CG1 . VAL A 1 108 ? 20.620  -8.129  0.675   1.00 18.68 ? 101 VAL A CG1 1 
ATOM   813  C CG2 . VAL A 1 108 ? 18.262  -8.197  -0.140  1.00 13.84 ? 101 VAL A CG2 1 
ATOM   814  N N   . GLU A 1 109 ? 19.788  -7.757  4.072   1.00 14.51 ? 102 GLU A N   1 
ATOM   815  C CA  . GLU A 1 109 ? 20.682  -7.539  5.213   1.00 18.05 ? 102 GLU A CA  1 
ATOM   816  C C   . GLU A 1 109 ? 20.584  -8.664  6.246   1.00 16.32 ? 102 GLU A C   1 
ATOM   817  O O   . GLU A 1 109 ? 19.538  -8.855  6.868   1.00 18.37 ? 102 GLU A O   1 
ATOM   818  C CB  . GLU A 1 109 ? 20.366  -6.196  5.881   1.00 24.60 ? 102 GLU A CB  1 
ATOM   819  C CG  . GLU A 1 109 ? 21.244  -5.870  7.087   1.00 26.45 ? 102 GLU A CG  1 
ATOM   820  C CD  . GLU A 1 109 ? 22.692  -5.639  6.706   1.00 47.91 ? 102 GLU A CD  1 
ATOM   821  O OE1 . GLU A 1 109 ? 22.946  -5.214  5.558   1.00 46.23 ? 102 GLU A OE1 1 
ATOM   822  O OE2 . GLU A 1 109 ? 23.578  -5.882  7.554   1.00 52.36 ? 102 GLU A OE2 1 
ATOM   823  N N   . GLY A 1 110 ? 21.671  -9.409  6.434   1.00 15.17 ? 103 GLY A N   1 
ATOM   824  C CA  . GLY A 1 110 ? 21.690  -10.494 7.399   1.00 16.12 ? 103 GLY A CA  1 
ATOM   825  C C   . GLY A 1 110 ? 20.940  -11.758 7.012   1.00 11.24 ? 103 GLY A C   1 
ATOM   826  O O   . GLY A 1 110 ? 20.861  -12.695 7.811   1.00 13.66 ? 103 GLY A O   1 
ATOM   827  N N   . ASN A 1 111 ? 20.391  -11.792 5.795   1.00 10.98 ? 104 ASN A N   1 
ATOM   828  C CA  . ASN A 1 111 ? 19.578  -12.919 5.319   1.00 11.80 ? 104 ASN A CA  1 
ATOM   829  C C   . ASN A 1 111 ? 18.451  -13.295 6.284   1.00 13.24 ? 104 ASN A C   1 
ATOM   830  O O   . ASN A 1 111 ? 18.151  -14.472 6.472   1.00 15.70 ? 104 ASN A O   1 
ATOM   831  C CB  . ASN A 1 111 ? 20.458  -14.155 5.060   1.00 13.01 ? 104 ASN A CB  1 
ATOM   832  C CG  . ASN A 1 111 ? 19.708  -15.276 4.346   1.00 24.74 ? 104 ASN A CG  1 
ATOM   833  O OD1 . ASN A 1 111 ? 18.985  -15.034 3.380   1.00 30.52 ? 104 ASN A OD1 1 
ATOM   834  N ND2 . ASN A 1 111 ? 19.856  -16.502 4.842   1.00 20.09 ? 104 ASN A ND2 1 
ATOM   835  N N   . GLN A 1 112 ? 17.813  -12.287 6.871   1.00 11.92 ? 105 GLN A N   1 
ATOM   836  C CA  . GLN A 1 112 ? 16.810  -12.496 7.904   1.00 11.84 ? 105 GLN A CA  1 
ATOM   837  C C   . GLN A 1 112 ? 15.398  -12.581 7.344   1.00 12.82 ? 105 GLN A C   1 
ATOM   838  O O   . GLN A 1 112 ? 15.038  -11.816 6.451   1.00 13.37 ? 105 GLN A O   1 
ATOM   839  C CB  . GLN A 1 112 ? 16.850  -11.357 8.921   1.00 13.42 ? 105 GLN A CB  1 
ATOM   840  C CG  . GLN A 1 112 ? 18.206  -11.124 9.549   1.00 15.61 ? 105 GLN A CG  1 
ATOM   841  C CD  . GLN A 1 112 ? 18.233  -9.868  10.394  1.00 20.83 ? 105 GLN A CD  1 
ATOM   842  O OE1 . GLN A 1 112 ? 18.683  -8.811  9.945   1.00 31.41 ? 105 GLN A OE1 1 
ATOM   843  N NE2 . GLN A 1 112 ? 17.747  -9.974  11.615  1.00 15.83 ? 105 GLN A NE2 1 
ATOM   844  N N   . SER A 1 113 ? 14.594  -13.488 7.882   1.00 10.03 ? 106 SER A N   1 
ATOM   845  C CA  . SER A 1 113 ? 13.159  -13.427 7.612   1.00 10.11 ? 106 SER A CA  1 
ATOM   846  C C   . SER A 1 113 ? 12.507  -12.545 8.670   1.00 12.55 ? 106 SER A C   1 
ATOM   847  O O   . SER A 1 113 ? 12.894  -12.564 9.838   1.00 11.65 ? 106 SER A O   1 
ATOM   848  C CB  . SER A 1 113 ? 12.525  -14.819 7.593   1.00 11.97 ? 106 SER A CB  1 
ATOM   849  O OG  . SER A 1 113 ? 12.836  -15.513 6.395   1.00 12.15 ? 106 SER A OG  1 
ATOM   850  N N   . ILE A 1 114 ? 11.513  -11.768 8.242   1.00 8.29  ? 107 ILE A N   1 
ATOM   851  C CA  . ILE A 1 114 ? 10.899  -10.728 9.068   1.00 9.57  ? 107 ILE A CA  1 
ATOM   852  C C   . ILE A 1 114 ? 9.374   -10.839 9.030   1.00 7.09  ? 107 ILE A C   1 
ATOM   853  O O   . ILE A 1 114 ? 8.800   -11.118 7.973   1.00 8.87  ? 107 ILE A O   1 
ATOM   854  C CB  . ILE A 1 114 ? 11.278  -9.308  8.573   1.00 9.41  ? 107 ILE A CB  1 
ATOM   855  C CG1 . ILE A 1 114 ? 12.798  -9.148  8.432   1.00 13.92 ? 107 ILE A CG1 1 
ATOM   856  C CG2 . ILE A 1 114 ? 10.683  -8.222  9.484   1.00 12.43 ? 107 ILE A CG2 1 
ATOM   857  C CD1 . ILE A 1 114 ? 13.536  -9.128  9.743   1.00 16.97 ? 107 ILE A CD1 1 
ATOM   858  N N   . LEU A 1 115 ? 8.732   -10.637 10.176  1.00 8.81  ? 108 LEU A N   1 
ATOM   859  C CA  . LEU A 1 115 ? 7.283   -10.441 10.227  1.00 7.40  ? 108 LEU A CA  1 
ATOM   860  C C   . LEU A 1 115 ? 6.999   -8.996  10.590  1.00 10.34 ? 108 LEU A C   1 
ATOM   861  O O   . LEU A 1 115 ? 7.504   -8.483  11.600  1.00 10.23 ? 108 LEU A O   1 
ATOM   862  C CB  . LEU A 1 115 ? 6.635   -11.385 11.249  1.00 8.50  ? 108 LEU A CB  1 
ATOM   863  C CG  . LEU A 1 115 ? 5.104   -11.380 11.378  1.00 8.63  ? 108 LEU A CG  1 
ATOM   864  C CD1 . LEU A 1 115 ? 4.593   -12.755 11.791  1.00 8.95  ? 108 LEU A CD1 1 
ATOM   865  C CD2 . LEU A 1 115 ? 4.612   -10.330 12.366  1.00 10.03 ? 108 LEU A CD2 1 
ATOM   866  N N   . ILE A 1 116 ? 6.175   -8.344  9.774   1.00 7.94  ? 109 ILE A N   1 
ATOM   867  C CA  . ILE A 1 116 ? 5.785   -6.957  9.997   1.00 8.39  ? 109 ILE A CA  1 
ATOM   868  C C   . ILE A 1 116 ? 4.268   -6.877  10.183  1.00 8.31  ? 109 ILE A C   1 
ATOM   869  O O   . ILE A 1 116 ? 3.504   -7.472  9.404   1.00 10.30 ? 109 ILE A O   1 
ATOM   870  C CB  . ILE A 1 116 ? 6.211   -6.052  8.817   1.00 10.21 ? 109 ILE A CB  1 
ATOM   871  C CG1 . ILE A 1 116 ? 7.737   -5.986  8.696   1.00 13.42 ? 109 ILE A CG1 1 
ATOM   872  C CG2 . ILE A 1 116 ? 5.658   -4.640  8.973   1.00 12.54 ? 109 ILE A CG2 1 
ATOM   873  C CD1 . ILE A 1 116 ? 8.224   -5.358  7.394   1.00 13.98 ? 109 ILE A CD1 1 
ATOM   874  N N   . ALA A 1 117 ? 3.838   -6.195  11.238  1.00 6.89  ? 110 ALA A N   1 
ATOM   875  C CA  . ALA A 1 117 ? 2.436   -5.828  11.391  1.00 6.24  ? 110 ALA A CA  1 
ATOM   876  C C   . ALA A 1 117 ? 2.325   -4.329  11.199  1.00 7.28  ? 110 ALA A C   1 
ATOM   877  O O   . ALA A 1 117 ? 2.926   -3.559  11.953  1.00 8.79  ? 110 ALA A O   1 
ATOM   878  C CB  . ALA A 1 117 ? 1.909   -6.245  12.770  1.00 7.68  ? 110 ALA A CB  1 
ATOM   879  N N   . ALA A 1 118 ? 1.557   -3.905  10.193  1.00 7.34  ? 111 ALA A N   1 
ATOM   880  C CA  . ALA A 1 118 ? 1.453   -2.489  9.854   1.00 7.56  ? 111 ALA A CA  1 
ATOM   881  C C   . ALA A 1 118 ? 0.014   -2.015  9.796   1.00 6.12  ? 111 ALA A C   1 
ATOM   882  O O   . ALA A 1 118 ? -0.910  -2.813  9.576   1.00 7.38  ? 111 ALA A O   1 
ATOM   883  C CB  . ALA A 1 118 ? 2.138   -2.216  8.530   1.00 8.57  ? 111 ALA A CB  1 
ATOM   884  N N   . VAL A 1 119 ? -0.162  -0.714  9.998   1.00 7.13  ? 112 VAL A N   1 
ATOM   885  C CA  . VAL A 1 119 ? -1.437  -0.064  9.754   1.00 7.37  ? 112 VAL A CA  1 
ATOM   886  C C   . VAL A 1 119 ? -1.274  0.897   8.588   1.00 8.22  ? 112 VAL A C   1 
ATOM   887  O O   . VAL A 1 119 ? -0.362  1.722   8.584   1.00 7.48  ? 112 VAL A O   1 
ATOM   888  C CB  . VAL A 1 119 ? -1.940  0.679   11.002  1.00 9.05  ? 112 VAL A CB  1 
ATOM   889  C CG1 . VAL A 1 119 ? -3.110  1.591   10.657  1.00 15.55 ? 112 VAL A CG1 1 
ATOM   890  C CG2 . VAL A 1 119 ? -2.334  -0.327  12.085  1.00 9.57  ? 112 VAL A CG2 1 
ATOM   891  N N   . TYR A 1 120 ? -2.136  0.745   7.584   1.00 5.45  ? 113 TYR A N   1 
ATOM   892  C CA  . TYR A 1 120 ? -2.160  1.638   6.426   1.00 5.94  ? 113 TYR A CA  1 
ATOM   893  C C   . TYR A 1 120 ? -3.318  2.621   6.556   1.00 6.08  ? 113 TYR A C   1 
ATOM   894  O O   . TYR A 1 120 ? -4.483  2.207   6.670   1.00 6.52  ? 113 TYR A O   1 
ATOM   895  C CB  . TYR A 1 120 ? -2.311  0.858   5.109   1.00 6.99  ? 113 TYR A CB  1 
ATOM   896  C CG  . TYR A 1 120 ? -1.087  0.116   4.603   1.00 7.54  ? 113 TYR A CG  1 
ATOM   897  C CD1 . TYR A 1 120 ? -0.007  -0.167  5.432   1.00 8.73  ? 113 TYR A CD1 1 
ATOM   898  C CD2 . TYR A 1 120 ? -1.022  -0.300  3.271   1.00 9.30  ? 113 TYR A CD2 1 
ATOM   899  C CE1 . TYR A 1 120 ? 1.115   -0.864  4.943   1.00 9.91  ? 113 TYR A CE1 1 
ATOM   900  C CE2 . TYR A 1 120 ? 0.086   -0.978  2.779   1.00 8.63  ? 113 TYR A CE2 1 
ATOM   901  C CZ  . TYR A 1 120 ? 1.142   -1.256  3.618   1.00 9.59  ? 113 TYR A CZ  1 
ATOM   902  O OH  . TYR A 1 120 ? 2.234   -1.941  3.128   1.00 14.51 ? 113 TYR A OH  1 
ATOM   903  N N   . THR A 1 121 ? -3.004  3.914   6.551   1.00 5.59  ? 114 THR A N   1 
ATOM   904  C CA  . THR A 1 121 ? -3.996  4.981   6.646   1.00 5.75  ? 114 THR A CA  1 
ATOM   905  C C   . THR A 1 121 ? -4.035  5.703   5.297   1.00 6.12  ? 114 THR A C   1 
ATOM   906  O O   . THR A 1 121 ? -3.017  6.247   4.851   1.00 7.32  ? 114 THR A O   1 
ATOM   907  C CB  . THR A 1 121 ? -3.651  5.966   7.779   1.00 7.44  ? 114 THR A CB  1 
ATOM   908  O OG1 . THR A 1 121 ? -3.490  5.241   9.011   1.00 9.22  ? 114 THR A OG1 1 
ATOM   909  C CG2 . THR A 1 121 ? -4.751  6.962   7.972   1.00 9.25  ? 114 THR A CG2 1 
ATOM   910  N N   . SER A 1 122 ? -5.182  5.668   4.625   1.00 5.98  ? 115 SER A N   1 
ATOM   911  C CA  . SER A 1 122 ? -5.264  6.092   3.224   1.00 4.66  ? 115 SER A CA  1 
ATOM   912  C C   . SER A 1 122 ? -6.340  7.156   2.999   1.00 4.49  ? 115 SER A C   1 
ATOM   913  O O   . SER A 1 122 ? -7.254  7.296   3.801   1.00 6.28  ? 115 SER A O   1 
ATOM   914  C CB  . SER A 1 122 ? -5.517  4.870   2.331   1.00 4.56  ? 115 SER A CB  1 
ATOM   915  O OG  . SER A 1 122 ? -6.662  4.147   2.757   1.00 5.55  ? 115 SER A OG  1 
ATOM   916  N N   . GLU A 1 123 ? -6.212  7.905   1.900   1.00 5.62  ? 116 GLU A N   1 
ATOM   917  C CA  . GLU A 1 123 ? -7.232  8.843   1.458   1.00 5.77  ? 116 GLU A CA  1 
ATOM   918  C C   . GLU A 1 123 ? -7.395  8.668   -0.046  1.00 4.98  ? 116 GLU A C   1 
ATOM   919  O O   . GLU A 1 123 ? -6.415  8.440   -0.769  1.00 5.41  ? 116 GLU A O   1 
ATOM   920  C CB  . GLU A 1 123 ? -6.862  10.302  1.783   1.00 7.63  ? 116 GLU A CB  1 
ATOM   921  C CG  . GLU A 1 123 ? -7.973  11.313  1.472   1.00 9.51  ? 116 GLU A CG  1 
ATOM   922  C CD  . GLU A 1 123 ? -7.482  12.762  1.487   1.00 17.80 ? 116 GLU A CD  1 
ATOM   923  O OE1 . GLU A 1 123 ? -7.534  13.402  2.564   1.00 11.87 ? 116 GLU A OE1 1 
ATOM   924  O OE2 . GLU A 1 123 ? -7.055  13.266  0.419   1.00 19.47 ? 116 GLU A OE2 1 
ATOM   925  N N   . TYR A 1 124 ? -8.639  8.795   -0.495  1.00 4.51  ? 117 TYR A N   1 
ATOM   926  C CA  . TYR A 1 124 ? -8.999  8.674   -1.911  1.00 4.23  ? 117 TYR A CA  1 
ATOM   927  C C   . TYR A 1 124 ? -9.838  9.874   -2.305  1.00 5.78  ? 117 TYR A C   1 
ATOM   928  O O   . TYR A 1 124 ? -10.667 10.338  -1.521  1.00 7.20  ? 117 TYR A O   1 
ATOM   929  C CB  . TYR A 1 124 ? -9.773  7.374   -2.170  1.00 5.01  ? 117 TYR A CB  1 
ATOM   930  C CG  . TYR A 1 124 ? -9.106  6.173   -1.538  1.00 4.31  ? 117 TYR A CG  1 
ATOM   931  C CD1 . TYR A 1 124 ? -9.352  5.841   -0.211  1.00 3.54  ? 117 TYR A CD1 1 
ATOM   932  C CD2 . TYR A 1 124 ? -8.199  5.398   -2.262  1.00 5.13  ? 117 TYR A CD2 1 
ATOM   933  C CE1 . TYR A 1 124 ? -8.710  4.760   0.382   1.00 3.85  ? 117 TYR A CE1 1 
ATOM   934  C CE2 . TYR A 1 124 ? -7.551  4.309   -1.674  1.00 5.19  ? 117 TYR A CE2 1 
ATOM   935  C CZ  . TYR A 1 124 ? -7.827  4.003   -0.359  1.00 3.59  ? 117 TYR A CZ  1 
ATOM   936  O OH  . TYR A 1 124 ? -7.191  2.948   0.249   1.00 5.51  ? 117 TYR A OH  1 
ATOM   937  N N   A GLU A 1 125 ? -9.598  10.390  -3.506  0.50 5.84  ? 118 GLU A N   1 
ATOM   938  N N   B GLU A 1 125 ? -9.637  10.373  -3.517  0.50 5.85  ? 118 GLU A N   1 
ATOM   939  C CA  A GLU A 1 125 ? -10.382 11.501  -4.034  0.50 7.06  ? 118 GLU A CA  1 
ATOM   940  C CA  B GLU A 1 125 ? -10.474 11.452  -4.025  0.50 7.01  ? 118 GLU A CA  1 
ATOM   941  C C   A GLU A 1 125 ? -11.028 11.118  -5.355  0.50 6.61  ? 118 GLU A C   1 
ATOM   942  C C   B GLU A 1 125 ? -11.077 11.085  -5.368  0.50 6.63  ? 118 GLU A C   1 
ATOM   943  O O   A GLU A 1 125 ? -10.436 10.394  -6.160  0.50 5.65  ? 118 GLU A O   1 
ATOM   944  O O   B GLU A 1 125 ? -10.434 10.418  -6.184  0.50 5.67  ? 118 GLU A O   1 
ATOM   945  C CB  A GLU A 1 125 ? -9.514  12.754  -4.224  0.50 7.53  ? 118 GLU A CB  1 
ATOM   946  C CB  B GLU A 1 125 ? -9.675  12.753  -4.147  0.50 7.72  ? 118 GLU A CB  1 
ATOM   947  C CG  A GLU A 1 125 ? -9.066  13.392  -2.920  0.50 10.53 ? 118 GLU A CG  1 
ATOM   948  C CG  B GLU A 1 125 ? -9.296  13.350  -2.808  0.50 10.36 ? 118 GLU A CG  1 
ATOM   949  C CD  A GLU A 1 125 ? -8.393  14.741  -3.118  0.50 13.92 ? 118 GLU A CD  1 
ATOM   950  C CD  B GLU A 1 125 ? -8.690  14.729  -2.940  0.50 14.16 ? 118 GLU A CD  1 
ATOM   951  O OE1 A GLU A 1 125 ? -8.257  15.184  -4.281  0.50 14.55 ? 118 GLU A OE1 1 
ATOM   952  O OE1 B GLU A 1 125 ? -9.399  15.717  -2.654  0.50 19.84 ? 118 GLU A OE1 1 
ATOM   953  O OE2 A GLU A 1 125 ? -8.009  15.362  -2.104  0.50 16.85 ? 118 GLU A OE2 1 
ATOM   954  O OE2 B GLU A 1 125 ? -7.507  14.819  -3.335  0.50 12.65 ? 118 GLU A OE2 1 
ATOM   955  N N   A ARG A 1 126 ? -12.251 11.610  -5.560  0.41 6.67  ? 119 ARG A N   1 
ATOM   956  N N   B ARG A 1 126 ? -12.324 11.512  -5.580  0.59 6.58  ? 119 ARG A N   1 
ATOM   957  C CA  A ARG A 1 126 ? -12.980 11.430  -6.809  0.41 8.26  ? 119 ARG A CA  1 
ATOM   958  C CA  B ARG A 1 126 ? -12.984 11.362  -6.868  0.59 8.23  ? 119 ARG A CA  1 
ATOM   959  C C   A ARG A 1 126 ? -12.845 12.695  -7.655  0.41 7.24  ? 119 ARG A C   1 
ATOM   960  C C   B ARG A 1 126 ? -12.861 12.663  -7.659  0.59 7.22  ? 119 ARG A C   1 
ATOM   961  O O   A ARG A 1 126 ? -13.225 13.779  -7.212  0.41 10.03 ? 119 ARG A O   1 
ATOM   962  O O   B ARG A 1 126 ? -13.251 13.730  -7.184  0.59 10.01 ? 119 ARG A O   1 
ATOM   963  C CB  A ARG A 1 126 ? -14.453 11.123  -6.528  0.41 9.19  ? 119 ARG A CB  1 
ATOM   964  C CB  B ARG A 1 126 ? -14.455 10.972  -6.687  0.59 9.23  ? 119 ARG A CB  1 
ATOM   965  C CG  A ARG A 1 126 ? -15.192 10.429  -7.661  0.41 10.17 ? 119 ARG A CG  1 
ATOM   966  C CG  B ARG A 1 126 ? -15.236 10.932  -7.989  0.59 9.32  ? 119 ARG A CG  1 
ATOM   967  C CD  A ARG A 1 126 ? -16.653 10.218  -7.282  0.41 6.03  ? 119 ARG A CD  1 
ATOM   968  C CD  B ARG A 1 126 ? -16.428 9.993   -7.895  0.59 8.89  ? 119 ARG A CD  1 
ATOM   969  N NE  A ARG A 1 126 ? -17.283 9.138   -8.034  0.41 6.95  ? 119 ARG A NE  1 
ATOM   970  N NE  B ARG A 1 126 ? -17.335 10.344  -6.808  0.59 7.16  ? 119 ARG A NE  1 
ATOM   971  C CZ  A ARG A 1 126 ? -18.476 8.630   -7.741  0.41 5.17  ? 119 ARG A CZ  1 
ATOM   972  C CZ  B ARG A 1 126 ? -18.469 9.695   -6.557  0.59 7.45  ? 119 ARG A CZ  1 
ATOM   973  N NH1 A ARG A 1 126 ? -19.172 9.108   -6.719  0.41 9.13  ? 119 ARG A NH1 1 
ATOM   974  N NH1 B ARG A 1 126 ? -18.828 8.666   -7.319  0.59 6.56  ? 119 ARG A NH1 1 
ATOM   975  N NH2 A ARG A 1 126 ? -18.979 7.651   -8.476  0.41 13.56 ? 119 ARG A NH2 1 
ATOM   976  N NH2 B ARG A 1 126 ? -19.242 10.066  -5.548  0.59 9.20  ? 119 ARG A NH2 1 
ATOM   977  N N   . ARG A 1 127 ? -12.299 12.557  -8.859  1.00 9.00  ? 120 ARG A N   1 
ATOM   978  C CA  . ARG A 1 127 ? -12.100 13.706  -9.743  1.00 9.54  ? 120 ARG A CA  1 
ATOM   979  C C   . ARG A 1 127 ? -12.638 13.362  -11.116 1.00 10.93 ? 120 ARG A C   1 
ATOM   980  O O   . ARG A 1 127 ? -12.264 12.340  -11.691 1.00 11.07 ? 120 ARG A O   1 
ATOM   981  C CB  . ARG A 1 127 ? -10.621 14.076  -9.830  1.00 8.77  ? 120 ARG A CB  1 
ATOM   982  C CG  . ARG A 1 127 ? -10.010 14.440  -8.498  1.00 11.02 ? 120 ARG A CG  1 
ATOM   983  C CD  . ARG A 1 127 ? -8.541  14.807  -8.658  1.00 10.64 ? 120 ARG A CD  1 
ATOM   984  N NE  . ARG A 1 127 ? -7.876  14.978  -7.366  1.00 11.81 ? 120 ARG A NE  1 
ATOM   985  C CZ  . ARG A 1 127 ? -6.562  15.128  -7.209  1.00 10.56 ? 120 ARG A CZ  1 
ATOM   986  N NH1 . ARG A 1 127 ? -5.755  15.137  -8.262  1.00 11.12 ? 120 ARG A NH1 1 
ATOM   987  N NH2 . ARG A 1 127 ? -6.059  15.272  -5.989  1.00 16.96 ? 120 ARG A NH2 1 
ATOM   988  N N   . ASP A 1 128 ? -13.519 14.222  -11.632 1.00 13.26 ? 121 ASP A N   1 
ATOM   989  C CA  . ASP A 1 128 ? -14.266 13.954  -12.859 1.00 15.93 ? 121 ASP A CA  1 
ATOM   990  C C   . ASP A 1 128 ? -14.814 12.525  -12.882 1.00 12.48 ? 121 ASP A C   1 
ATOM   991  O O   . ASP A 1 128 ? -14.709 11.818  -13.881 1.00 15.78 ? 121 ASP A O   1 
ATOM   992  C CB  . ASP A 1 128 ? -13.394 14.226  -14.085 1.00 16.10 ? 121 ASP A CB  1 
ATOM   993  C CG  . ASP A 1 128 ? -13.242 15.709  -14.365 1.00 25.56 ? 121 ASP A CG  1 
ATOM   994  O OD1 . ASP A 1 128 ? -14.156 16.479  -14.001 1.00 35.10 ? 121 ASP A OD1 1 
ATOM   995  O OD2 . ASP A 1 128 ? -12.209 16.106  -14.940 1.00 34.21 ? 121 ASP A OD2 1 
ATOM   996  N N   . GLY A 1 129 ? -15.375 12.102  -11.750 1.00 10.69 ? 122 GLY A N   1 
ATOM   997  C CA  . GLY A 1 129 ? -16.058 10.824  -11.668 1.00 12.40 ? 122 GLY A CA  1 
ATOM   998  C C   . GLY A 1 129 ? -15.218 9.596   -11.347 1.00 15.32 ? 122 GLY A C   1 
ATOM   999  O O   . GLY A 1 129 ? -15.765 8.523   -11.128 1.00 18.20 ? 122 GLY A O   1 
ATOM   1000 N N   . VAL A 1 130 ? -13.896 9.755   -11.315 1.00 8.71  ? 123 VAL A N   1 
ATOM   1001 C CA  . VAL A 1 130 ? -12.962 8.640   -11.158 1.00 10.93 ? 123 VAL A CA  1 
ATOM   1002 C C   . VAL A 1 130 ? -12.277 8.686   -9.790  1.00 7.95  ? 123 VAL A C   1 
ATOM   1003 O O   . VAL A 1 130 ? -11.856 9.760   -9.350  1.00 9.35  ? 123 VAL A O   1 
ATOM   1004 C CB  . VAL A 1 130 ? -11.890 8.676   -12.276 1.00 11.84 ? 123 VAL A CB  1 
ATOM   1005 C CG1 . VAL A 1 130 ? -10.835 7.588   -12.082 1.00 11.28 ? 123 VAL A CG1 1 
ATOM   1006 C CG2 . VAL A 1 130 ? -12.545 8.542   -13.640 1.00 16.03 ? 123 VAL A CG2 1 
ATOM   1007 N N   . TRP A 1 131 ? -12.155 7.529   -9.122  1.00 7.24  ? 124 TRP A N   1 
ATOM   1008 C CA  . TRP A 1 131 ? -11.442 7.421   -7.835  1.00 6.39  ? 124 TRP A CA  1 
ATOM   1009 C C   . TRP A 1 131 ? -9.978  7.021   -7.999  1.00 7.95  ? 124 TRP A C   1 
ATOM   1010 O O   . TRP A 1 131 ? -9.676  6.081   -8.732  1.00 7.45  ? 124 TRP A O   1 
ATOM   1011 C CB  . TRP A 1 131 ? -12.113 6.375   -6.919  1.00 7.11  ? 124 TRP A CB  1 
ATOM   1012 C CG  . TRP A 1 131 ? -13.476 6.753   -6.410  1.00 4.46  ? 124 TRP A CG  1 
ATOM   1013 C CD1 . TRP A 1 131 ? -14.680 6.347   -6.922  1.00 7.43  ? 124 TRP A CD1 1 
ATOM   1014 C CD2 . TRP A 1 131 ? -13.780 7.582   -5.283  1.00 5.42  ? 124 TRP A CD2 1 
ATOM   1015 N NE1 . TRP A 1 131 ? -15.711 6.882   -6.192  1.00 6.24  ? 124 TRP A NE1 1 
ATOM   1016 C CE2 . TRP A 1 131 ? -15.191 7.654   -5.186  1.00 4.41  ? 124 TRP A CE2 1 
ATOM   1017 C CE3 . TRP A 1 131 ? -13.003 8.295   -4.367  1.00 6.83  ? 124 TRP A CE3 1 
ATOM   1018 C CZ2 . TRP A 1 131 ? -15.834 8.388   -4.181  1.00 7.82  ? 124 TRP A CZ2 1 
ATOM   1019 C CZ3 . TRP A 1 131 ? -13.648 9.029   -3.367  1.00 6.27  ? 124 TRP A CZ3 1 
ATOM   1020 C CH2 . TRP A 1 131 ? -15.046 9.067   -3.284  1.00 6.95  ? 124 TRP A CH2 1 
ATOM   1021 N N   . LYS A 1 132 ? -9.081  7.710   -7.288  1.00 6.04  ? 125 LYS A N   1 
ATOM   1022 C CA  . LYS A 1 132 ? -7.684  7.273   -7.127  1.00 5.74  ? 125 LYS A CA  1 
ATOM   1023 C C   . LYS A 1 132 ? -7.189  7.641   -5.731  1.00 4.26  ? 125 LYS A C   1 
ATOM   1024 O O   . LYS A 1 132 ? -7.821  8.454   -5.024  1.00 5.74  ? 125 LYS A O   1 
ATOM   1025 C CB  . LYS A 1 132 ? -6.750  7.891   -8.200  1.00 6.19  ? 125 LYS A CB  1 
ATOM   1026 C CG  . LYS A 1 132 ? -6.976  7.350   -9.625  1.00 8.99  ? 125 LYS A CG  1 
ATOM   1027 C CD  . LYS A 1 132 ? -5.863  7.755   -10.595 1.00 11.42 ? 125 LYS A CD  1 
ATOM   1028 C CE  . LYS A 1 132 ? -6.190  7.288   -12.015 1.00 15.48 ? 125 LYS A CE  1 
ATOM   1029 N NZ  . LYS A 1 132 ? -5.022  7.443   -12.934 1.00 23.82 ? 125 LYS A NZ  1 
ATOM   1030 N N   . PHE A 1 133 ? -6.073  7.037   -5.321  1.00 4.44  ? 126 PHE A N   1 
ATOM   1031 C CA  . PHE A 1 133 ? -5.377  7.456   -4.088  1.00 4.40  ? 126 PHE A CA  1 
ATOM   1032 C C   . PHE A 1 133 ? -4.994  8.925   -4.114  1.00 5.06  ? 126 PHE A C   1 
ATOM   1033 O O   . PHE A 1 133 ? -4.452  9.402   -5.127  1.00 6.37  ? 126 PHE A O   1 
ATOM   1034 C CB  . PHE A 1 133 ? -4.064  6.699   -3.887  1.00 4.64  ? 126 PHE A CB  1 
ATOM   1035 C CG  . PHE A 1 133 ? -4.160  5.376   -3.163  1.00 4.78  ? 126 PHE A CG  1 
ATOM   1036 C CD1 . PHE A 1 133 ? -3.982  5.299   -1.782  1.00 5.32  ? 126 PHE A CD1 1 
ATOM   1037 C CD2 . PHE A 1 133 ? -4.289  4.199   -3.882  1.00 6.37  ? 126 PHE A CD2 1 
ATOM   1038 C CE1 . PHE A 1 133 ? -3.982  4.069   -1.124  1.00 5.76  ? 126 PHE A CE1 1 
ATOM   1039 C CE2 . PHE A 1 133 ? -4.303  2.966   -3.235  1.00 5.40  ? 126 PHE A CE2 1 
ATOM   1040 C CZ  . PHE A 1 133 ? -4.144  2.895   -1.852  1.00 5.34  ? 126 PHE A CZ  1 
ATOM   1041 N N   . SER A 1 134 ? -5.222  9.610   -3.000  1.00 5.63  ? 127 SER A N   1 
ATOM   1042 C CA  . SER A 1 134 ? -4.628  10.927  -2.772  1.00 6.87  ? 127 SER A CA  1 
ATOM   1043 C C   . SER A 1 134 ? -3.583  10.882  -1.655  1.00 6.14  ? 127 SER A C   1 
ATOM   1044 O O   . SER A 1 134 ? -2.685  11.723  -1.624  1.00 8.41  ? 127 SER A O   1 
ATOM   1045 C CB  . SER A 1 134 ? -5.694  11.976  -2.441  1.00 8.74  ? 127 SER A CB  1 
ATOM   1046 O OG  . SER A 1 134 ? -6.530  11.566  -1.379  1.00 10.60 ? 127 SER A OG  1 
ATOM   1047 N N   . LYS A 1 135 ? -3.703  9.936   -0.725  1.00 5.74  ? 128 LYS A N   1 
ATOM   1048 C CA  . LYS A 1 135 ? -2.722  9.769   0.361   1.00 7.35  ? 128 LYS A CA  1 
ATOM   1049 C C   . LYS A 1 135 ? -2.560  8.311   0.788   1.00 6.48  ? 128 LYS A C   1 
ATOM   1050 O O   . LYS A 1 135 ? -3.547  7.562   0.841   1.00 5.97  ? 128 LYS A O   1 
ATOM   1051 C CB  . LYS A 1 135 ? -3.125  10.556  1.616   1.00 9.49  ? 128 LYS A CB  1 
ATOM   1052 C CG  . LYS A 1 135 ? -3.325  12.045  1.466   1.00 11.92 ? 128 LYS A CG  1 
ATOM   1053 C CD  . LYS A 1 135 ? -3.539  12.697  2.843   1.00 13.84 ? 128 LYS A CD  1 
ATOM   1054 C CE  . LYS A 1 135 ? -3.920  14.163  2.675   1.00 19.38 ? 128 LYS A CE  1 
ATOM   1055 N NZ  . LYS A 1 135 ? -4.034  14.861  3.988   1.00 28.45 ? 128 LYS A NZ  1 
ATOM   1056 N N   . LEU A 1 136 ? -1.336  7.927   1.151   1.00 6.57  ? 129 LEU A N   1 
ATOM   1057 C CA  . LEU A 1 136 ? -1.095  6.671   1.864   1.00 6.45  ? 129 LEU A CA  1 
ATOM   1058 C C   . LEU A 1 136 ? -0.015  6.901   2.901   1.00 7.85  ? 129 LEU A C   1 
ATOM   1059 O O   . LEU A 1 136 ? 1.030   7.488   2.602   1.00 8.45  ? 129 LEU A O   1 
ATOM   1060 C CB  . LEU A 1 136 ? -0.688  5.540   0.914   1.00 6.63  ? 129 LEU A CB  1 
ATOM   1061 C CG  . LEU A 1 136 ? -0.329  4.189   1.570   1.00 6.56  ? 129 LEU A CG  1 
ATOM   1062 C CD1 . LEU A 1 136 ? -1.488  3.597   2.399   1.00 7.22  ? 129 LEU A CD1 1 
ATOM   1063 C CD2 . LEU A 1 136 ? 0.134   3.187   0.528   1.00 7.06  ? 129 LEU A CD2 1 
ATOM   1064 N N   . ASN A 1 137 ? -0.299  6.447   4.118   1.00 7.77  ? 130 ASN A N   1 
ATOM   1065 C CA  . ASN A 1 137 ? 0.625   6.520   5.236   1.00 9.27  ? 130 ASN A CA  1 
ATOM   1066 C C   . ASN A 1 137 ? 0.775   5.108   5.781   1.00 9.49  ? 130 ASN A C   1 
ATOM   1067 O O   . ASN A 1 137 ? -0.213  4.460   6.100   1.00 9.32  ? 130 ASN A O   1 
ATOM   1068 C CB  . ASN A 1 137 ? 0.088   7.489   6.298   1.00 12.86 ? 130 ASN A CB  1 
ATOM   1069 C CG  . ASN A 1 137 ? 1.025   7.677   7.466   1.00 16.46 ? 130 ASN A CG  1 
ATOM   1070 O OD1 . ASN A 1 137 ? 1.737   8.685   7.545   1.00 18.55 ? 130 ASN A OD1 1 
ATOM   1071 N ND2 . ASN A 1 137 ? 1.021   6.723   8.391   1.00 13.61 ? 130 ASN A ND2 1 
ATOM   1072 N N   . GLY A 1 138 ? 2.005   4.612   5.847   1.00 11.74 ? 131 GLY A N   1 
ATOM   1073 C CA  . GLY A 1 138 ? 2.256   3.302   6.416   1.00 14.33 ? 131 GLY A CA  1 
ATOM   1074 C C   . GLY A 1 138 ? 3.036   3.423   7.713   1.00 16.12 ? 131 GLY A C   1 
ATOM   1075 O O   . GLY A 1 138 ? 4.062   4.108   7.755   1.00 16.67 ? 131 GLY A O   1 
ATOM   1076 N N   . ARG A 1 139 ? 2.535   2.777   8.763   1.00 11.36 ? 132 ARG A N   1 
ATOM   1077 C CA  . ARG A 1 139 ? 3.193   2.721   10.066  1.00 13.17 ? 132 ARG A CA  1 
ATOM   1078 C C   . ARG A 1 139 ? 3.358   1.274   10.539  1.00 11.25 ? 132 ARG A C   1 
ATOM   1079 O O   . ARG A 1 139 ? 2.405   0.492   10.523  1.00 11.61 ? 132 ARG A O   1 
ATOM   1080 C CB  . ARG A 1 139 ? 2.400   3.533   11.096  1.00 20.36 ? 132 ARG A CB  1 
ATOM   1081 C CG  . ARG A 1 139 ? 2.807   3.279   12.539  1.00 21.22 ? 132 ARG A CG  1 
ATOM   1082 C CD  . ARG A 1 139 ? 2.283   4.371   13.461  1.00 25.37 ? 132 ARG A CD  1 
ATOM   1083 N NE  . ARG A 1 139 ? 1.100   5.017   12.907  1.00 33.43 ? 132 ARG A NE  1 
ATOM   1084 C CZ  . ARG A 1 139 ? -0.150  4.657   13.179  1.00 35.82 ? 132 ARG A CZ  1 
ATOM   1085 N NH1 . ARG A 1 139 ? -0.393  3.653   14.012  1.00 45.10 ? 132 ARG A NH1 1 
ATOM   1086 N NH2 . ARG A 1 139 ? -1.161  5.306   12.617  1.00 32.47 ? 132 ARG A NH2 1 
ATOM   1087 N N   . MET A 1 140 ? 4.569   0.911   10.953  1.00 11.14 ? 133 MET A N   1 
ATOM   1088 C CA  . MET A 1 140 ? 4.838   -0.446  11.419  1.00 11.23 ? 133 MET A CA  1 
ATOM   1089 C C   . MET A 1 140 ? 4.755   -0.532  12.937  1.00 14.09 ? 133 MET A C   1 
ATOM   1090 O O   . MET A 1 140 ? 5.511   0.146   13.647  1.00 16.90 ? 133 MET A O   1 
ATOM   1091 C CB  . MET A 1 140 ? 6.219   -0.915  10.945  1.00 13.44 ? 133 MET A CB  1 
ATOM   1092 C CG  . MET A 1 140 ? 6.356   -0.940  9.436   1.00 14.69 ? 133 MET A CG  1 
ATOM   1093 S SD  . MET A 1 140 ? 7.983   -1.493  8.885   1.00 23.86 ? 133 MET A SD  1 
ATOM   1094 C CE  . MET A 1 140 ? 7.790   -1.451  7.107   1.00 30.45 ? 133 MET A CE  1 
ATOM   1095 N N   . ASN A 1 141 ? 3.843   -1.367  13.432  1.00 7.90  ? 134 ASN A N   1 
ATOM   1096 C CA  . ASN A 1 141 ? 3.718   -1.613  14.865  1.00 10.26 ? 134 ASN A CA  1 
ATOM   1097 C C   . ASN A 1 141 ? 4.594   -2.766  15.350  1.00 13.82 ? 134 ASN A C   1 
ATOM   1098 O O   . ASN A 1 141 ? 5.153   -2.698  16.452  1.00 13.06 ? 134 ASN A O   1 
ATOM   1099 C CB  . ASN A 1 141 ? 2.254   -1.881  15.235  1.00 12.34 ? 134 ASN A CB  1 
ATOM   1100 C CG  . ASN A 1 141 ? 1.380   -0.658  15.049  1.00 18.77 ? 134 ASN A CG  1 
ATOM   1101 O OD1 . ASN A 1 141 ? 1.788   0.465   15.353  1.00 19.73 ? 134 ASN A OD1 1 
ATOM   1102 N ND2 . ASN A 1 141 ? 0.169   -0.866  14.542  1.00 17.54 ? 134 ASN A ND2 1 
ATOM   1103 N N   . TYR A 1 142 ? 4.713   -3.819  14.541  1.00 8.98  ? 135 TYR A N   1 
ATOM   1104 C CA  . TYR A 1 142 ? 5.696   -4.892  14.769  1.00 7.81  ? 135 TYR A CA  1 
ATOM   1105 C C   . TYR A 1 142 ? 6.683   -4.938  13.605  1.00 8.39  ? 135 TYR A C   1 
ATOM   1106 O O   . TYR A 1 142 ? 6.281   -4.928  12.443  1.00 9.26  ? 135 TYR A O   1 
ATOM   1107 C CB  . TYR A 1 142 ? 5.048   -6.286  14.872  1.00 9.73  ? 135 TYR A CB  1 
ATOM   1108 C CG  . TYR A 1 142 ? 4.064   -6.569  15.983  1.00 9.18  ? 135 TYR A CG  1 
ATOM   1109 C CD1 . TYR A 1 142 ? 4.077   -5.851  17.172  1.00 12.64 ? 135 TYR A CD1 1 
ATOM   1110 C CD2 . TYR A 1 142 ? 3.140   -7.611  15.851  1.00 9.41  ? 135 TYR A CD2 1 
ATOM   1111 C CE1 . TYR A 1 142 ? 3.183   -6.147  18.183  1.00 12.71 ? 135 TYR A CE1 1 
ATOM   1112 C CE2 . TYR A 1 142 ? 2.247   -7.908  16.844  1.00 10.20 ? 135 TYR A CE2 1 
ATOM   1113 C CZ  . TYR A 1 142 ? 2.270   -7.178  18.017  1.00 11.97 ? 135 TYR A CZ  1 
ATOM   1114 O OH  . TYR A 1 142 ? 1.384   -7.462  19.033  1.00 15.43 ? 135 TYR A OH  1 
ATOM   1115 N N   . PHE A 1 143 ? 7.971   -5.019  13.914  1.00 11.05 ? 136 PHE A N   1 
ATOM   1116 C CA  . PHE A 1 143 ? 8.997   -5.360  12.932  1.00 12.83 ? 136 PHE A CA  1 
ATOM   1117 C C   . PHE A 1 143 ? 9.851   -6.411  13.617  1.00 10.39 ? 136 PHE A C   1 
ATOM   1118 O O   . PHE A 1 143 ? 10.713  -6.078  14.440  1.00 16.07 ? 136 PHE A O   1 
ATOM   1119 C CB  . PHE A 1 143 ? 9.832   -4.136  12.515  1.00 14.52 ? 136 PHE A CB  1 
ATOM   1120 C CG  . PHE A 1 143 ? 10.820  -4.421  11.405  1.00 14.06 ? 136 PHE A CG  1 
ATOM   1121 C CD1 . PHE A 1 143 ? 12.057  -4.987  11.689  1.00 19.19 ? 136 PHE A CD1 1 
ATOM   1122 C CD2 . PHE A 1 143 ? 10.515  -4.118  10.085  1.00 15.00 ? 136 PHE A CD2 1 
ATOM   1123 C CE1 . PHE A 1 143 ? 12.966  -5.249  10.675  1.00 18.45 ? 136 PHE A CE1 1 
ATOM   1124 C CE2 . PHE A 1 143 ? 11.425  -4.377  9.068   1.00 18.51 ? 136 PHE A CE2 1 
ATOM   1125 C CZ  . PHE A 1 143 ? 12.649  -4.944  9.367   1.00 16.73 ? 136 PHE A CZ  1 
ATOM   1126 N N   . THR A 1 144 ? 9.604   -7.675  13.306  1.00 10.00 ? 137 THR A N   1 
ATOM   1127 C CA  . THR A 1 144 ? 10.085  -8.765  14.149  1.00 11.62 ? 137 THR A CA  1 
ATOM   1128 C C   . THR A 1 144 ? 10.934  -9.752  13.371  1.00 12.77 ? 137 THR A C   1 
ATOM   1129 O O   . THR A 1 144 ? 10.422  -10.511 12.557  1.00 12.07 ? 137 THR A O   1 
ATOM   1130 C CB  . THR A 1 144 ? 8.904   -9.506  14.805  1.00 10.80 ? 137 THR A CB  1 
ATOM   1131 O OG1 . THR A 1 144 ? 8.088   -8.565  15.521  1.00 15.62 ? 137 THR A OG1 1 
ATOM   1132 C CG2 . THR A 1 144 ? 9.389   -10.559 15.781  1.00 14.05 ? 137 THR A CG2 1 
ATOM   1133 N N   . PRO A 1 145 ? 12.256  -9.740  13.611  1.00 17.82 ? 138 PRO A N   1 
ATOM   1134 C CA  . PRO A 1 145 ? 13.091  -10.790 13.023  1.00 15.08 ? 138 PRO A CA  1 
ATOM   1135 C C   . PRO A 1 145 ? 12.700  -12.154 13.588  1.00 17.67 ? 138 PRO A C   1 
ATOM   1136 O O   . PRO A 1 145 ? 12.380  -12.269 14.771  1.00 22.03 ? 138 PRO A O   1 
ATOM   1137 C CB  . PRO A 1 145 ? 14.511  -10.393 13.437  1.00 20.37 ? 138 PRO A CB  1 
ATOM   1138 C CG  . PRO A 1 145 ? 14.334  -9.515  14.630  1.00 27.58 ? 138 PRO A CG  1 
ATOM   1139 C CD  . PRO A 1 145 ? 13.035  -8.793  14.428  1.00 22.93 ? 138 PRO A CD  1 
ATOM   1140 N N   . LEU A 1 146 ? 12.702  -13.176 12.745  1.00 15.75 ? 139 LEU A N   1 
ATOM   1141 C CA  . LEU A 1 146 ? 12.247  -14.499 13.157  1.00 16.21 ? 139 LEU A CA  1 
ATOM   1142 C C   . LEU A 1 146 ? 13.418  -15.464 13.274  1.00 21.80 ? 139 LEU A C   1 
ATOM   1143 O O   . LEU A 1 146 ? 13.778  -16.125 12.300  1.00 20.48 ? 139 LEU A O   1 
ATOM   1144 C CB  . LEU A 1 146 ? 11.218  -15.042 12.167  1.00 17.81 ? 139 LEU A CB  1 
ATOM   1145 C CG  . LEU A 1 146 ? 9.971   -14.184 11.935  1.00 13.42 ? 139 LEU A CG  1 
ATOM   1146 C CD1 . LEU A 1 146 ? 9.173   -14.734 10.760  1.00 16.04 ? 139 LEU A CD1 1 
ATOM   1147 C CD2 . LEU A 1 146 ? 9.099   -14.104 13.191  1.00 14.98 ? 139 LEU A CD2 1 
ATOM   1148 N N   . ALA A 1 147 ? 14.003  -15.541 14.467  1.00 17.34 ? 140 ALA A N   1 
ATOM   1149 C CA  . ALA A 1 147 ? 15.175  -16.385 14.690  1.00 16.63 ? 140 ALA A CA  1 
ATOM   1150 C C   . ALA A 1 147 ? 14.903  -17.845 14.359  1.00 15.45 ? 140 ALA A C   1 
ATOM   1151 O O   . ALA A 1 147 ? 13.950  -18.442 14.859  1.00 26.64 ? 140 ALA A O   1 
ATOM   1152 C CB  . ALA A 1 147 ? 15.649  -16.257 16.129  1.00 18.24 ? 140 ALA A CB  1 
ATOM   1153 N N   . GLY A 1 148 ? 15.754  -18.417 13.515  1.00 16.63 ? 141 GLY A N   1 
ATOM   1154 C CA  . GLY A 1 148 ? 15.677  -19.834 13.202  1.00 21.62 ? 141 GLY A CA  1 
ATOM   1155 C C   . GLY A 1 148 ? 14.677  -20.178 12.117  1.00 21.52 ? 141 GLY A C   1 
ATOM   1156 O O   . GLY A 1 148 ? 14.504  -21.349 11.780  1.00 28.08 ? 141 GLY A O   1 
ATOM   1157 N N   . ILE A 1 149 ? 14.021  -19.161 11.569  1.00 19.49 ? 142 ILE A N   1 
ATOM   1158 C CA  . ILE A 1 149 ? 13.018  -19.363 10.527  1.00 20.58 ? 142 ILE A CA  1 
ATOM   1159 C C   . ILE A 1 149 ? 13.394  -18.606 9.265   1.00 16.82 ? 142 ILE A C   1 
ATOM   1160 O O   . ILE A 1 149 ? 13.681  -17.409 9.318   1.00 19.95 ? 142 ILE A O   1 
ATOM   1161 C CB  . ILE A 1 149 ? 11.614  -18.908 10.994  1.00 20.75 ? 142 ILE A CB  1 
ATOM   1162 C CG1 . ILE A 1 149 ? 11.123  -19.802 12.133  1.00 27.66 ? 142 ILE A CG1 1 
ATOM   1163 C CG2 . ILE A 1 149 ? 10.617  -18.918 9.828   1.00 20.39 ? 142 ILE A CG2 1 
ATOM   1164 C CD1 . ILE A 1 149 ? 9.871   -19.303 12.808  1.00 35.14 ? 142 ILE A CD1 1 
ATOM   1165 N N   . HIS A 1 150 ? 13.402  -19.308 8.137   1.00 12.25 ? 143 HIS A N   1 
ATOM   1166 C CA  . HIS A 1 150 ? 13.661  -18.685 6.849   1.00 14.09 ? 143 HIS A CA  1 
ATOM   1167 C C   . HIS A 1 150 ? 12.600  -19.117 5.848   1.00 15.29 ? 143 HIS A C   1 
ATOM   1168 O O   . HIS A 1 150 ? 12.416  -20.315 5.597   1.00 15.06 ? 143 HIS A O   1 
ATOM   1169 C CB  . HIS A 1 150 ? 15.061  -19.041 6.339   1.00 15.28 ? 143 HIS A CB  1 
ATOM   1170 C CG  . HIS A 1 150 ? 16.161  -18.463 7.170   1.00 15.90 ? 143 HIS A CG  1 
ATOM   1171 N ND1 . HIS A 1 150 ? 16.626  -17.176 7.001   1.00 15.73 ? 143 HIS A ND1 1 
ATOM   1172 C CD2 . HIS A 1 150 ? 16.877  -18.995 8.189   1.00 14.20 ? 143 HIS A CD2 1 
ATOM   1173 C CE1 . HIS A 1 150 ? 17.586  -16.942 7.879   1.00 15.20 ? 143 HIS A CE1 1 
ATOM   1174 N NE2 . HIS A 1 150 ? 17.756  -18.029 8.611   1.00 12.87 ? 143 HIS A NE2 1 
ATOM   1175 N N   . PHE A 1 151 ? 11.900  -18.139 5.275   1.00 11.55 ? 144 PHE A N   1 
ATOM   1176 C CA  . PHE A 1 151 ? 10.850  -18.440 4.309   1.00 13.04 ? 144 PHE A CA  1 
ATOM   1177 C C   . PHE A 1 151 ? 11.475  -18.914 3.006   1.00 13.84 ? 144 PHE A C   1 
ATOM   1178 O O   . PHE A 1 151 ? 12.212  -18.174 2.355   1.00 19.19 ? 144 PHE A O   1 
ATOM   1179 C CB  . PHE A 1 151 ? 9.946   -17.222 4.062   1.00 11.64 ? 144 PHE A CB  1 
ATOM   1180 C CG  . PHE A 1 151 ? 9.251   -16.721 5.298   1.00 10.33 ? 144 PHE A CG  1 
ATOM   1181 C CD1 . PHE A 1 151 ? 8.436   -17.566 6.045   1.00 11.23 ? 144 PHE A CD1 1 
ATOM   1182 C CD2 . PHE A 1 151 ? 9.411   -15.407 5.715   1.00 10.10 ? 144 PHE A CD2 1 
ATOM   1183 C CE1 . PHE A 1 151 ? 7.802   -17.108 7.189   1.00 11.02 ? 144 PHE A CE1 1 
ATOM   1184 C CE2 . PHE A 1 151 ? 8.778   -14.937 6.851   1.00 11.73 ? 144 PHE A CE2 1 
ATOM   1185 C CZ  . PHE A 1 151 ? 7.969   -15.784 7.595   1.00 10.37 ? 144 PHE A CZ  1 
ATOM   1186 N N   . VAL A 1 152 ? 11.182  -20.154 2.639   1.00 11.02 ? 145 VAL A N   1 
ATOM   1187 C CA  . VAL A 1 152 ? 11.753  -20.778 1.451   1.00 12.88 ? 145 VAL A CA  1 
ATOM   1188 C C   . VAL A 1 152 ? 10.670  -21.393 0.549   1.00 14.20 ? 145 VAL A C   1 
ATOM   1189 O O   . VAL A 1 152 ? 9.606   -21.773 1.032   1.00 11.94 ? 145 VAL A O   1 
ATOM   1190 C CB  . VAL A 1 152 ? 12.767  -21.882 1.849   1.00 15.11 ? 145 VAL A CB  1 
ATOM   1191 C CG1 . VAL A 1 152 ? 13.996  -21.273 2.500   1.00 21.60 ? 145 VAL A CG1 1 
ATOM   1192 C CG2 . VAL A 1 152 ? 12.115  -22.887 2.790   1.00 15.79 ? 145 VAL A CG2 1 
ATOM   1193 N N   . PRO A 1 153 ? 10.944  -21.504 -0.761  1.00 16.01 ? 146 PRO A N   1 
ATOM   1194 C CA  . PRO A 1 153 ? 10.016  -22.161 -1.691  1.00 16.19 ? 146 PRO A CA  1 
ATOM   1195 C C   . PRO A 1 153 ? 9.989   -23.680 -1.499  1.00 20.72 ? 146 PRO A C   1 
ATOM   1196 O O   . PRO A 1 153 ? 10.874  -24.215 -0.827  1.00 18.87 ? 146 PRO A O   1 
ATOM   1197 C CB  . PRO A 1 153 ? 10.584  -21.786 -3.063  1.00 19.82 ? 146 PRO A CB  1 
ATOM   1198 C CG  . PRO A 1 153 ? 12.035  -21.586 -2.818  1.00 25.65 ? 146 PRO A CG  1 
ATOM   1199 C CD  . PRO A 1 153 ? 12.141  -20.985 -1.449  1.00 20.31 ? 146 PRO A CD  1 
ATOM   1200 N N   . PRO A 1 154 ? 8.978   -24.366 -2.061  1.00 18.15 ? 147 PRO A N   1 
ATOM   1201 C CA  . PRO A 1 154 ? 8.929   -25.830 -1.997  1.00 23.74 ? 147 PRO A CA  1 
ATOM   1202 C C   . PRO A 1 154 ? 10.157  -26.458 -2.645  1.00 28.00 ? 147 PRO A C   1 
ATOM   1203 O O   . PRO A 1 154 ? 10.657  -25.838 -3.583  1.00 24.78 ? 147 PRO A O   1 
ATOM   1204 C CB  . PRO A 1 154 ? 7.668   -26.180 -2.793  1.00 27.11 ? 147 PRO A CB  1 
ATOM   1205 C CG  . PRO A 1 154 ? 6.829   -24.971 -2.730  1.00 24.03 ? 147 PRO A CG  1 
ATOM   1206 C CD  . PRO A 1 154 ? 7.777   -23.806 -2.708  1.00 19.39 ? 147 PRO A CD  1 
HETATM 1207 O O   . HOH B 2 .   ? -17.417 6.979   -9.949  1.00 25.77 ? 201 HOH A O   1 
HETATM 1208 O O   . HOH B 2 .   ? -3.311  5.799   13.128  1.00 29.50 ? 202 HOH A O   1 
HETATM 1209 O O   . HOH B 2 .   ? 16.168  3.486   -9.830  1.00 30.93 ? 203 HOH A O   1 
HETATM 1210 O O   . HOH B 2 .   ? 17.176  -12.146 12.419  1.00 23.32 ? 204 HOH A O   1 
HETATM 1211 O O   . HOH B 2 .   ? -7.457  12.026  4.577   1.00 14.55 ? 205 HOH A O   1 
HETATM 1212 O O   . HOH B 2 .   ? -9.742  16.604  -5.621  1.00 22.82 ? 206 HOH A O   1 
HETATM 1213 O O   . HOH B 2 .   ? -6.376  15.603  -0.269  1.00 30.42 ? 207 HOH A O   1 
HETATM 1214 O O   . HOH B 2 .   ? 7.373   -14.104 -2.039  1.00 20.42 ? 208 HOH A O   1 
HETATM 1215 O O   . HOH B 2 .   ? 7.958   12.829  -11.482 1.00 19.39 ? 209 HOH A O   1 
HETATM 1216 O O   . HOH B 2 .   ? -4.818  -0.966  -11.490 1.00 22.25 ? 210 HOH A O   1 
HETATM 1217 O O   . HOH B 2 .   ? -5.465  18.512  -6.515  1.00 18.27 ? 211 HOH A O   1 
HETATM 1218 O O   . HOH B 2 .   ? -7.864  15.999  2.973   1.00 15.88 ? 212 HOH A O   1 
HETATM 1219 O O   . HOH B 2 .   ? 4.451   -1.847  4.600   1.00 28.37 ? 213 HOH A O   1 
HETATM 1220 O O   . HOH B 2 .   ? -5.656  -3.747  4.748   1.00 9.11  ? 214 HOH A O   1 
HETATM 1221 O O   . HOH B 2 .   ? -5.756  13.817  5.734   1.00 17.50 ? 215 HOH A O   1 
HETATM 1222 O O   . HOH B 2 .   ? 10.510  -25.832 1.262   1.00 23.86 ? 216 HOH A O   1 
HETATM 1223 O O   . HOH B 2 .   ? -12.225 -1.209  -9.957  1.00 17.38 ? 217 HOH A O   1 
HETATM 1224 O O   . HOH B 2 .   ? -8.165  -8.485  1.643   1.00 13.80 ? 218 HOH A O   1 
HETATM 1225 O O   . HOH B 2 .   ? -9.635  -6.950  -2.828  1.00 8.12  ? 219 HOH A O   1 
HETATM 1226 O O   . HOH B 2 .   ? 6.001   2.368   15.073  1.00 31.94 ? 220 HOH A O   1 
HETATM 1227 O O   . HOH B 2 .   ? 15.514  -6.974  -4.723  1.00 20.85 ? 221 HOH A O   1 
HETATM 1228 O O   . HOH B 2 .   ? 12.967  -5.585  -8.484  1.00 33.89 ? 222 HOH A O   1 
HETATM 1229 O O   . HOH B 2 .   ? 17.077  1.083   0.688   1.00 33.98 ? 223 HOH A O   1 
HETATM 1230 O O   . HOH B 2 .   ? 3.701   13.365  -9.853  1.00 13.70 ? 224 HOH A O   1 
HETATM 1231 O O   . HOH B 2 .   ? -17.426 -4.198  -2.841  1.00 13.30 ? 225 HOH A O   1 
HETATM 1232 O O   . HOH B 2 .   ? -13.855 16.392  -7.594  1.00 23.08 ? 226 HOH A O   1 
HETATM 1233 O O   . HOH B 2 .   ? 10.019  6.926   -10.929 1.00 19.39 ? 227 HOH A O   1 
HETATM 1234 O O   . HOH B 2 .   ? -6.075  2.056   4.396   1.00 6.91  ? 228 HOH A O   1 
HETATM 1235 O O   . HOH B 2 .   ? -7.716  0.027   -9.404  1.00 14.60 ? 229 HOH A O   1 
HETATM 1236 O O   . HOH B 2 .   ? 7.543   13.092  5.345   1.00 27.82 ? 230 HOH A O   1 
HETATM 1237 O O   . HOH B 2 .   ? -11.979 -7.054  -7.387  1.00 10.81 ? 231 HOH A O   1 
HETATM 1238 O O   . HOH B 2 .   ? 5.894   -11.956 -3.479  1.00 15.99 ? 232 HOH A O   1 
HETATM 1239 O O   . HOH B 2 .   ? -16.396 17.000  4.360   1.00 23.79 ? 233 HOH A O   1 
HETATM 1240 O O   . HOH B 2 .   ? -18.361 13.488  -8.160  1.00 13.48 ? 234 HOH A O   1 
HETATM 1241 O O   . HOH B 2 .   ? -0.817  4.621   9.232   1.00 13.08 ? 235 HOH A O   1 
HETATM 1242 O O   . HOH B 2 .   ? -2.125  9.990   -12.318 1.00 25.07 ? 236 HOH A O   1 
HETATM 1243 O O   . HOH B 2 .   ? 15.366  -15.330 9.977   1.00 17.19 ? 237 HOH A O   1 
HETATM 1244 O O   . HOH B 2 .   ? 0.182   13.596  2.804   1.00 26.17 ? 238 HOH A O   1 
HETATM 1245 O O   . HOH B 2 .   ? 0.207   -9.245  -3.248  1.00 7.00  ? 239 HOH A O   1 
HETATM 1246 O O   . HOH B 2 .   ? 0.657   -15.464 -0.414  1.00 14.10 ? 240 HOH A O   1 
HETATM 1247 O O   . HOH B 2 .   ? -2.259  7.005   -12.027 1.00 19.77 ? 241 HOH A O   1 
HETATM 1248 O O   . HOH B 2 .   ? -19.413 -2.356  -2.737  1.00 9.37  ? 242 HOH A O   1 
HETATM 1249 O O   . HOH B 2 .   ? -0.037  2.236   -15.378 1.00 25.02 ? 243 HOH A O   1 
HETATM 1250 O O   . HOH B 2 .   ? -14.199 -5.457  -3.418  1.00 11.12 ? 244 HOH A O   1 
HETATM 1251 O O   . HOH B 2 .   ? -11.457 -5.351  -3.997  1.00 10.37 ? 245 HOH A O   1 
HETATM 1252 O O   . HOH B 2 .   ? -12.227 4.455   7.928   1.00 12.21 ? 246 HOH A O   1 
HETATM 1253 O O   . HOH B 2 .   ? -12.314 -7.892  8.726   1.00 10.60 ? 247 HOH A O   1 
HETATM 1254 O O   . HOH B 2 .   ? 18.211  -5.407  3.477   1.00 16.63 ? 248 HOH A O   1 
HETATM 1255 O O   . HOH B 2 .   ? -16.903 0.180   -9.001  1.00 15.77 ? 249 HOH A O   1 
HETATM 1256 O O   . HOH B 2 .   ? 2.596   -4.907  -0.889  1.00 15.27 ? 250 HOH A O   1 
HETATM 1257 O O   . HOH B 2 .   ? 6.107   17.398  -8.261  1.00 9.95  ? 251 HOH A O   1 
HETATM 1258 O O   . HOH B 2 .   ? 11.160  12.779  -0.810  1.00 20.86 ? 252 HOH A O   1 
HETATM 1259 O O   . HOH B 2 .   ? 8.505   -7.181  -3.925  1.00 23.13 ? 253 HOH A O   1 
HETATM 1260 O O   . HOH B 2 .   ? 2.414   10.900  -13.514 1.00 25.22 ? 254 HOH A O   1 
HETATM 1261 O O   . HOH B 2 .   ? -10.304 11.986  -13.663 1.00 18.43 ? 255 HOH A O   1 
HETATM 1262 O O   . HOH B 2 .   ? -8.993  -3.974  -0.605  1.00 12.85 ? 256 HOH A O   1 
HETATM 1263 O O   . HOH B 2 .   ? -18.468 -2.478  -0.033  1.00 12.97 ? 257 HOH A O   1 
HETATM 1264 O O   . HOH B 2 .   ? 13.812  -22.718 6.113   1.00 22.37 ? 258 HOH A O   1 
HETATM 1265 O O   . HOH B 2 .   ? -4.990  4.623   11.344  1.00 13.77 ? 259 HOH A O   1 
HETATM 1266 O O   . HOH B 2 .   ? 6.438   -4.141  -14.095 1.00 27.56 ? 260 HOH A O   1 
HETATM 1267 O O   . HOH B 2 .   ? -13.960 3.956   10.264  1.00 22.41 ? 261 HOH A O   1 
HETATM 1268 O O   . HOH B 2 .   ? 0.895   11.032  2.720   1.00 20.22 ? 262 HOH A O   1 
HETATM 1269 O O   . HOH B 2 .   ? 2.206   -2.590  0.359   1.00 19.94 ? 263 HOH A O   1 
HETATM 1270 O O   . HOH B 2 .   ? 20.961  -11.920 1.666   1.00 25.85 ? 264 HOH A O   1 
HETATM 1271 O O   . HOH B 2 .   ? 11.755  -12.264 17.553  1.00 25.65 ? 265 HOH A O   1 
HETATM 1272 O O   . HOH B 2 .   ? -6.048  15.107  -11.100 1.00 17.93 ? 266 HOH A O   1 
HETATM 1273 O O   . HOH B 2 .   ? -9.008  4.579   -11.068 1.00 19.90 ? 267 HOH A O   1 
HETATM 1274 O O   . HOH B 2 .   ? 14.848  -17.212 2.910   1.00 25.15 ? 268 HOH A O   1 
HETATM 1275 O O   . HOH B 2 .   ? -10.423 0.793   -8.943  1.00 10.71 ? 269 HOH A O   1 
HETATM 1276 O O   . HOH B 2 .   ? 16.496  -13.286 3.559   1.00 15.61 ? 270 HOH A O   1 
HETATM 1277 O O   . HOH B 2 .   ? -0.999  -3.447  14.061  1.00 11.12 ? 271 HOH A O   1 
HETATM 1278 O O   . HOH B 2 .   ? 6.013   18.712  -3.580  1.00 12.21 ? 272 HOH A O   1 
HETATM 1279 O O   . HOH B 2 .   ? -14.086 16.718  -10.298 1.00 24.94 ? 273 HOH A O   1 
HETATM 1280 O O   . HOH B 2 .   ? 4.161   -3.474  -15.346 1.00 26.34 ? 274 HOH A O   1 
HETATM 1281 O O   . HOH B 2 .   ? 6.677   2.889   10.909  1.00 24.83 ? 275 HOH A O   1 
HETATM 1282 O O   . HOH B 2 .   ? -12.235 15.386  -3.119  1.00 21.74 ? 276 HOH A O   1 
HETATM 1283 O O   . HOH B 2 .   ? 7.437   12.765  -7.597  1.00 20.87 ? 277 HOH A O   1 
HETATM 1284 O O   . HOH B 2 .   ? -8.228  -1.746  9.835   1.00 7.91  ? 278 HOH A O   1 
HETATM 1285 O O   . HOH B 2 .   ? -6.354  -0.057  10.987  1.00 10.54 ? 279 HOH A O   1 
HETATM 1286 O O   . HOH B 2 .   ? 10.478  2.727   -12.790 1.00 25.80 ? 280 HOH A O   1 
HETATM 1287 O O   . HOH B 2 .   ? 3.766   9.299   9.554   1.00 21.03 ? 281 HOH A O   1 
HETATM 1288 O O   . HOH B 2 .   ? -3.565  13.630  -11.574 1.00 13.99 ? 282 HOH A O   1 
HETATM 1289 O O   . HOH B 2 .   ? 15.477  -15.474 4.922   1.00 15.01 ? 283 HOH A O   1 
HETATM 1290 O O   . HOH B 2 .   ? -15.882 13.889  -9.489  1.00 22.67 ? 284 HOH A O   1 
HETATM 1291 O O   . HOH B 2 .   ? 3.401   -13.079 -4.114  1.00 9.72  ? 285 HOH A O   1 
HETATM 1292 O O   . HOH B 2 .   ? 8.308   -9.739  -3.619  1.00 16.30 ? 286 HOH A O   1 
HETATM 1293 O O   . HOH B 2 .   ? 7.924   14.422  -2.571  1.00 20.61 ? 287 HOH A O   1 
HETATM 1294 O O   . HOH B 2 .   ? -14.374 -1.782  2.881   1.00 16.36 ? 288 HOH A O   1 
HETATM 1295 O O   . HOH B 2 .   ? 8.451   12.385  -4.994  1.00 15.49 ? 289 HOH A O   1 
HETATM 1296 O O   . HOH B 2 .   ? 14.300  -22.061 8.749   1.00 29.61 ? 290 HOH A O   1 
HETATM 1297 O O   . HOH B 2 .   ? -20.252 16.024  -0.286  1.00 23.12 ? 291 HOH A O   1 
HETATM 1298 O O   . HOH B 2 .   ? -13.200 4.962   -10.212 1.00 13.00 ? 292 HOH A O   1 
HETATM 1299 O O   . HOH B 2 .   ? -18.033 4.827   -8.333  1.00 24.20 ? 293 HOH A O   1 
HETATM 1300 O O   . HOH B 2 .   ? -19.137 6.842   5.682   1.00 17.57 ? 294 HOH A O   1 
HETATM 1301 O O   . HOH B 2 .   ? -26.670 5.923   -8.909  1.00 25.61 ? 295 HOH A O   1 
HETATM 1302 O O   . HOH B 2 .   ? 4.112   10.990  -11.341 1.00 14.70 ? 296 HOH A O   1 
HETATM 1303 O O   . HOH B 2 .   ? -12.499 8.736   9.083   1.00 17.27 ? 297 HOH A O   1 
HETATM 1304 O O   . HOH B 2 .   ? -20.323 3.555   3.399   1.00 16.31 ? 298 HOH A O   1 
HETATM 1305 O O   . HOH B 2 .   ? 6.658   -2.748  3.043   1.00 31.04 ? 299 HOH A O   1 
HETATM 1306 O O   . HOH B 2 .   ? 16.114  7.839   -8.555  1.00 25.82 ? 300 HOH A O   1 
HETATM 1307 O O   . HOH B 2 .   ? 3.801   -0.817  0.778   1.00 22.75 ? 301 HOH A O   1 
HETATM 1308 O O   . HOH B 2 .   ? 11.222  -1.694  3.474   1.00 25.26 ? 302 HOH A O   1 
HETATM 1309 O O   . HOH B 2 .   ? 0.838   -4.315  -14.359 1.00 22.43 ? 303 HOH A O   1 
HETATM 1310 O O   . HOH B 2 .   ? 14.744  -2.321  -8.073  1.00 30.50 ? 304 HOH A O   1 
HETATM 1311 O O   . HOH B 2 .   ? -29.261 3.763   -5.604  1.00 18.84 ? 305 HOH A O   1 
HETATM 1312 O O   . HOH B 2 .   ? -0.936  -11.148 -10.985 1.00 19.44 ? 306 HOH A O   1 
HETATM 1313 O O   . HOH B 2 .   ? -10.054 -5.823  3.545   1.00 9.19  ? 307 HOH A O   1 
HETATM 1314 O O   . HOH B 2 .   ? 0.483   11.004  5.801   1.00 19.10 ? 308 HOH A O   1 
HETATM 1315 O O   . HOH B 2 .   ? 2.874   1.913   3.158   1.00 26.71 ? 309 HOH A O   1 
HETATM 1316 O O   . HOH B 2 .   ? -7.346  -5.058  2.876   1.00 13.52 ? 310 HOH A O   1 
HETATM 1317 O O   . HOH B 2 .   ? 5.827   16.500  -1.733  1.00 18.94 ? 311 HOH A O   1 
HETATM 1318 O O   . HOH B 2 .   ? -15.239 -6.694  -1.019  1.00 33.42 ? 312 HOH A O   1 
HETATM 1319 O O   . HOH B 2 .   ? -4.329  10.780  -13.470 1.00 30.04 ? 313 HOH A O   1 
HETATM 1320 O O   . HOH B 2 .   ? -2.761  0.528   15.809  1.00 16.02 ? 314 HOH A O   1 
HETATM 1321 O O   . HOH B 2 .   ? 9.692   10.732  -8.722  1.00 30.93 ? 315 HOH A O   1 
HETATM 1322 O O   . HOH B 2 .   ? -14.747 -5.181  2.167   1.00 23.56 ? 316 HOH A O   1 
HETATM 1323 O O   . HOH B 2 .   ? 16.142  -4.480  -6.540  1.00 32.02 ? 317 HOH A O   1 
HETATM 1324 O O   . HOH B 2 .   ? 13.665  11.370  -8.105  1.00 12.69 ? 318 HOH A O   1 
HETATM 1325 O O   . HOH B 2 .   ? -17.753 -6.025  -1.115  0.33 20.13 ? 319 HOH A O   1 
HETATM 1326 O O   . HOH B 2 .   ? 0.504   -5.024  15.917  1.00 12.03 ? 320 HOH A O   1 
HETATM 1327 O O   . HOH B 2 .   ? -8.628  7.726   9.608   1.00 12.21 ? 321 HOH A O   1 
HETATM 1328 O O   . HOH B 2 .   ? -11.458 -8.020  3.878   1.00 22.85 ? 322 HOH A O   1 
HETATM 1329 O O   . HOH B 2 .   ? 6.451   15.212  -11.808 1.00 15.78 ? 323 HOH A O   1 
HETATM 1330 O O   . HOH B 2 .   ? -15.913 4.359   -9.673  1.00 23.11 ? 324 HOH A O   1 
HETATM 1331 O O   . HOH B 2 .   ? -8.432  14.252  -12.882 1.00 25.59 ? 325 HOH A O   1 
HETATM 1332 O O   . HOH B 2 .   ? -10.945 -7.297  -0.368  1.00 25.18 ? 326 HOH A O   1 
HETATM 1333 O O   . HOH B 2 .   ? 6.548   -1.081  1.129   1.00 36.01 ? 327 HOH A O   1 
HETATM 1334 O O   . HOH B 2 .   ? -8.661  9.778   -14.491 1.00 23.61 ? 328 HOH A O   1 
HETATM 1335 O O   . HOH B 2 .   ? -0.908  -12.905 -8.676  1.00 12.86 ? 329 HOH A O   1 
HETATM 1336 O O   . HOH B 2 .   ? -21.448 -4.213  -3.336  0.14 10.23 ? 330 HOH A O   1 
HETATM 1337 O O   . HOH B 2 .   ? -30.210 2.630   -7.759  1.00 22.60 ? 331 HOH A O   1 
HETATM 1338 O O   . HOH B 2 .   ? -11.034 -4.892  1.099   1.00 19.56 ? 332 HOH A O   1 
HETATM 1339 O O   . HOH B 2 .   ? -30.071 0.015   -8.520  0.33 25.18 ? 333 HOH A O   1 
# 
loop_
_pdbx_poly_seq_scheme.asym_id 
_pdbx_poly_seq_scheme.entity_id 
_pdbx_poly_seq_scheme.seq_id 
_pdbx_poly_seq_scheme.mon_id 
_pdbx_poly_seq_scheme.ndb_seq_num 
_pdbx_poly_seq_scheme.pdb_seq_num 
_pdbx_poly_seq_scheme.auth_seq_num 
_pdbx_poly_seq_scheme.pdb_mon_id 
_pdbx_poly_seq_scheme.auth_mon_id 
_pdbx_poly_seq_scheme.pdb_strand_id 
_pdbx_poly_seq_scheme.pdb_ins_code 
_pdbx_poly_seq_scheme.hetero 
A 1 1   MET 1   -6  ?   ?   ?   A . n 
A 1 2   HIS 2   -5  ?   ?   ?   A . n 
A 1 3   HIS 3   -4  ?   ?   ?   A . n 
A 1 4   HIS 4   -3  ?   ?   ?   A . n 
A 1 5   HIS 5   -2  ?   ?   ?   A . n 
A 1 6   HIS 6   -1  ?   ?   ?   A . n 
A 1 7   HIS 7   0   ?   ?   ?   A . n 
A 1 8   MET 8   1   ?   ?   ?   A . n 
A 1 9   SER 9   2   2   SER SER A . n 
A 1 10  ASP 10  3   3   ASP ASP A . n 
A 1 11  LEU 11  4   4   LEU LEU A . n 
A 1 12  ASP 12  5   5   ASP ASP A . n 
A 1 13  ARG 13  6   6   ARG ARG A . n 
A 1 14  LEU 14  7   7   LEU LEU A . n 
A 1 15  ALA 15  8   8   ALA ALA A . n 
A 1 16  SER 16  9   9   SER SER A . n 
A 1 17  ARG 17  10  10  ARG ARG A . n 
A 1 18  ALA 18  11  11  ALA ALA A . n 
A 1 19  ALA 19  12  12  ALA ALA A . n 
A 1 20  ILE 20  13  13  ILE ILE A . n 
A 1 21  GLN 21  14  14  GLN GLN A . n 
A 1 22  ASP 22  15  15  ASP ASP A . n 
A 1 23  LEU 23  16  16  LEU LEU A . n 
A 1 24  TYR 24  17  17  TYR TYR A . n 
A 1 25  SER 25  18  18  SER SER A . n 
A 1 26  ASP 26  19  19  ASP ASP A . n 
A 1 27  GLN 27  20  20  GLN GLN A . n 
A 1 28  LEU 28  21  21  LEU LEU A . n 
A 1 29  ILE 29  22  22  ILE ILE A . n 
A 1 30  GLY 30  23  23  GLY GLY A . n 
A 1 31  VAL 31  24  24  VAL VAL A . n 
A 1 32  ASP 32  25  25  ASP ASP A . n 
A 1 33  LYS 33  26  26  LYS LYS A . n 
A 1 34  ARG 34  27  27  ARG ARG A . n 
A 1 35  GLN 35  28  28  GLN GLN A . n 
A 1 36  GLU 36  29  29  GLU GLU A . n 
A 1 37  GLY 37  30  30  GLY GLY A . n 
A 1 38  ARG 38  31  31  ARG ARG A . n 
A 1 39  LEU 39  32  32  LEU LEU A . n 
A 1 40  ALA 40  33  33  ALA ALA A . n 
A 1 41  SER 41  34  34  SER SER A . n 
A 1 42  ILE 42  35  35  ILE ILE A . n 
A 1 43  TRP 43  36  36  TRP TRP A . n 
A 1 44  TRP 44  37  37  TRP TRP A . n 
A 1 45  ASP 45  38  38  ASP ASP A . n 
A 1 46  ASP 46  39  39  ASP ASP A . n 
A 1 47  ALA 47  40  40  ALA ALA A . n 
A 1 48  GLU 48  41  41  GLU GLU A . n 
A 1 49  TRP 49  42  42  TRP TRP A . n 
A 1 50  THR 50  43  43  THR THR A . n 
A 1 51  VAL 51  44  44  VAL VAL A . n 
A 1 52  GLU 52  45  45  GLU GLU A . n 
A 1 53  GLY 53  46  46  GLY GLY A . n 
A 1 54  ILE 54  47  47  ILE ILE A . n 
A 1 55  GLY 55  48  48  GLY GLY A . n 
A 1 56  THR 56  49  49  THR THR A . n 
A 1 57  TYR 57  50  50  TYR TYR A . n 
A 1 58  LYS 58  51  51  LYS LYS A . n 
A 1 59  GLY 59  52  52  GLY GLY A . n 
A 1 60  PRO 60  53  53  PRO PRO A . n 
A 1 61  GLU 61  54  54  GLU GLU A . n 
A 1 62  GLY 62  55  55  GLY GLY A . n 
A 1 63  ALA 63  56  56  ALA ALA A . n 
A 1 64  LEU 64  57  57  LEU LEU A . n 
A 1 65  ASP 65  58  58  ASP ASP A . n 
A 1 66  LEU 66  59  59  LEU LEU A . n 
A 1 67  VAL 67  60  60  VAL VAL A . n 
A 1 68  ASN 68  61  61  ASN ASN A . n 
A 1 69  ASN 69  62  62  ASN ASN A . n 
A 1 70  VAL 70  63  63  VAL VAL A . n 
A 1 71  VAL 71  64  64  VAL VAL A . n 
A 1 72  TRP 72  65  65  TRP TRP A . n 
A 1 73  PRO 73  66  66  PRO PRO A . n 
A 1 74  ARG 74  67  67  ARG ARG A . n 
A 1 75  TRP 75  68  68  TRP TRP A . n 
A 1 76  HIS 76  69  69  HIS HIS A . n 
A 1 77  ASP 77  70  70  ASP ASP A . n 
A 1 78  PHE 78  71  71  PHE PHE A . n 
A 1 79  ILE 79  72  72  ILE ILE A . n 
A 1 80  HIS 80  73  73  HIS HIS A . n 
A 1 81  TYR 81  74  74  TYR TYR A . n 
A 1 82  GLY 82  75  75  GLY GLY A . n 
A 1 83  THR 83  76  76  THR THR A . n 
A 1 84  ASN 84  77  77  ASN ASN A . n 
A 1 85  LEU 85  78  78  LEU LEU A . n 
A 1 86  ARG 86  79  79  ARG ARG A . n 
A 1 87  LEU 87  80  80  LEU LEU A . n 
A 1 88  GLU 88  81  81  GLU GLU A . n 
A 1 89  PHE 89  82  82  PHE PHE A . n 
A 1 90  VAL 90  83  83  VAL VAL A . n 
A 1 91  SER 91  84  84  SER SER A . n 
A 1 92  ALA 92  85  85  ALA ALA A . n 
A 1 93  ASP 93  86  86  ASP ASP A . n 
A 1 94  LYS 94  87  87  LYS LYS A . n 
A 1 95  VAL 95  88  88  VAL VAL A . n 
A 1 96  ASN 96  89  89  ASN ASN A . n 
A 1 97  GLY 97  90  90  GLY GLY A . n 
A 1 98  ILE 98  91  91  ILE ILE A . n 
A 1 99  GLY 99  92  92  GLY GLY A . n 
A 1 100 ASP 100 93  93  ASP ASP A . n 
A 1 101 VAL 101 94  94  VAL VAL A . n 
A 1 102 LEU 102 95  95  LEU LEU A . n 
A 1 103 CYS 103 96  96  CYS CYS A . n 
A 1 104 LEU 104 97  97  LEU LEU A . n 
A 1 105 GLY 105 98  98  GLY GLY A . n 
A 1 106 ASN 106 99  99  ASN ASN A . n 
A 1 107 LEU 107 100 100 LEU LEU A . n 
A 1 108 VAL 108 101 101 VAL VAL A . n 
A 1 109 GLU 109 102 102 GLU GLU A . n 
A 1 110 GLY 110 103 103 GLY GLY A . n 
A 1 111 ASN 111 104 104 ASN ASN A . n 
A 1 112 GLN 112 105 105 GLN GLN A . n 
A 1 113 SER 113 106 106 SER SER A . n 
A 1 114 ILE 114 107 107 ILE ILE A . n 
A 1 115 LEU 115 108 108 LEU LEU A . n 
A 1 116 ILE 116 109 109 ILE ILE A . n 
A 1 117 ALA 117 110 110 ALA ALA A . n 
A 1 118 ALA 118 111 111 ALA ALA A . n 
A 1 119 VAL 119 112 112 VAL VAL A . n 
A 1 120 TYR 120 113 113 TYR TYR A . n 
A 1 121 THR 121 114 114 THR THR A . n 
A 1 122 SER 122 115 115 SER SER A . n 
A 1 123 GLU 123 116 116 GLU GLU A . n 
A 1 124 TYR 124 117 117 TYR TYR A . n 
A 1 125 GLU 125 118 118 GLU GLU A . n 
A 1 126 ARG 126 119 119 ARG ARG A . n 
A 1 127 ARG 127 120 120 ARG ARG A . n 
A 1 128 ASP 128 121 121 ASP ASP A . n 
A 1 129 GLY 129 122 122 GLY GLY A . n 
A 1 130 VAL 130 123 123 VAL VAL A . n 
A 1 131 TRP 131 124 124 TRP TRP A . n 
A 1 132 LYS 132 125 125 LYS LYS A . n 
A 1 133 PHE 133 126 126 PHE PHE A . n 
A 1 134 SER 134 127 127 SER SER A . n 
A 1 135 LYS 135 128 128 LYS LYS A . n 
A 1 136 LEU 136 129 129 LEU LEU A . n 
A 1 137 ASN 137 130 130 ASN ASN A . n 
A 1 138 GLY 138 131 131 GLY GLY A . n 
A 1 139 ARG 139 132 132 ARG ARG A . n 
A 1 140 MET 140 133 133 MET MET A . n 
A 1 141 ASN 141 134 134 ASN ASN A . n 
A 1 142 TYR 142 135 135 TYR TYR A . n 
A 1 143 PHE 143 136 136 PHE PHE A . n 
A 1 144 THR 144 137 137 THR THR A . n 
A 1 145 PRO 145 138 138 PRO PRO A . n 
A 1 146 LEU 146 139 139 LEU LEU A . n 
A 1 147 ALA 147 140 140 ALA ALA A . n 
A 1 148 GLY 148 141 141 GLY GLY A . n 
A 1 149 ILE 149 142 142 ILE ILE A . n 
A 1 150 HIS 150 143 143 HIS HIS A . n 
A 1 151 PHE 151 144 144 PHE PHE A . n 
A 1 152 VAL 152 145 145 VAL VAL A . n 
A 1 153 PRO 153 146 146 PRO PRO A . n 
A 1 154 PRO 154 147 147 PRO PRO A . n 
A 1 155 GLY 155 148 ?   ?   ?   A . n 
A 1 156 ALA 156 149 ?   ?   ?   A . n 
# 
loop_
_pdbx_nonpoly_scheme.asym_id 
_pdbx_nonpoly_scheme.entity_id 
_pdbx_nonpoly_scheme.mon_id 
_pdbx_nonpoly_scheme.ndb_seq_num 
_pdbx_nonpoly_scheme.pdb_seq_num 
_pdbx_nonpoly_scheme.auth_seq_num 
_pdbx_nonpoly_scheme.pdb_mon_id 
_pdbx_nonpoly_scheme.auth_mon_id 
_pdbx_nonpoly_scheme.pdb_strand_id 
_pdbx_nonpoly_scheme.pdb_ins_code 
B 2 HOH 1   201 201 HOH HOH A . 
B 2 HOH 2   202 202 HOH HOH A . 
B 2 HOH 3   203 203 HOH HOH A . 
B 2 HOH 4   204 204 HOH HOH A . 
B 2 HOH 5   205 205 HOH HOH A . 
B 2 HOH 6   206 206 HOH HOH A . 
B 2 HOH 7   207 207 HOH HOH A . 
B 2 HOH 8   208 208 HOH HOH A . 
B 2 HOH 9   209 209 HOH HOH A . 
B 2 HOH 10  210 210 HOH HOH A . 
B 2 HOH 11  211 211 HOH HOH A . 
B 2 HOH 12  212 212 HOH HOH A . 
B 2 HOH 13  213 213 HOH HOH A . 
B 2 HOH 14  214 214 HOH HOH A . 
B 2 HOH 15  215 215 HOH HOH A . 
B 2 HOH 16  216 216 HOH HOH A . 
B 2 HOH 17  217 217 HOH HOH A . 
B 2 HOH 18  218 218 HOH HOH A . 
B 2 HOH 19  219 219 HOH HOH A . 
B 2 HOH 20  220 220 HOH HOH A . 
B 2 HOH 21  221 221 HOH HOH A . 
B 2 HOH 22  222 222 HOH HOH A . 
B 2 HOH 23  223 223 HOH HOH A . 
B 2 HOH 24  224 224 HOH HOH A . 
B 2 HOH 25  225 225 HOH HOH A . 
B 2 HOH 26  226 226 HOH HOH A . 
B 2 HOH 27  227 227 HOH HOH A . 
B 2 HOH 28  228 228 HOH HOH A . 
B 2 HOH 29  229 229 HOH HOH A . 
B 2 HOH 30  230 230 HOH HOH A . 
B 2 HOH 31  231 231 HOH HOH A . 
B 2 HOH 32  232 232 HOH HOH A . 
B 2 HOH 33  233 233 HOH HOH A . 
B 2 HOH 34  234 234 HOH HOH A . 
B 2 HOH 35  235 235 HOH HOH A . 
B 2 HOH 36  236 236 HOH HOH A . 
B 2 HOH 37  237 237 HOH HOH A . 
B 2 HOH 38  238 238 HOH HOH A . 
B 2 HOH 39  239 239 HOH HOH A . 
B 2 HOH 40  240 240 HOH HOH A . 
B 2 HOH 41  241 241 HOH HOH A . 
B 2 HOH 42  242 242 HOH HOH A . 
B 2 HOH 43  243 243 HOH HOH A . 
B 2 HOH 44  244 244 HOH HOH A . 
B 2 HOH 45  245 245 HOH HOH A . 
B 2 HOH 46  246 246 HOH HOH A . 
B 2 HOH 47  247 247 HOH HOH A . 
B 2 HOH 48  248 248 HOH HOH A . 
B 2 HOH 49  249 249 HOH HOH A . 
B 2 HOH 50  250 250 HOH HOH A . 
B 2 HOH 51  251 251 HOH HOH A . 
B 2 HOH 52  252 252 HOH HOH A . 
B 2 HOH 53  253 253 HOH HOH A . 
B 2 HOH 54  254 254 HOH HOH A . 
B 2 HOH 55  255 255 HOH HOH A . 
B 2 HOH 56  256 256 HOH HOH A . 
B 2 HOH 57  257 257 HOH HOH A . 
B 2 HOH 58  258 258 HOH HOH A . 
B 2 HOH 59  259 259 HOH HOH A . 
B 2 HOH 60  260 260 HOH HOH A . 
B 2 HOH 61  261 261 HOH HOH A . 
B 2 HOH 62  262 262 HOH HOH A . 
B 2 HOH 63  263 263 HOH HOH A . 
B 2 HOH 64  264 264 HOH HOH A . 
B 2 HOH 65  265 265 HOH HOH A . 
B 2 HOH 66  266 266 HOH HOH A . 
B 2 HOH 67  267 267 HOH HOH A . 
B 2 HOH 68  268 268 HOH HOH A . 
B 2 HOH 69  269 269 HOH HOH A . 
B 2 HOH 70  270 270 HOH HOH A . 
B 2 HOH 71  271 271 HOH HOH A . 
B 2 HOH 72  272 272 HOH HOH A . 
B 2 HOH 73  273 273 HOH HOH A . 
B 2 HOH 74  274 274 HOH HOH A . 
B 2 HOH 75  275 275 HOH HOH A . 
B 2 HOH 76  276 276 HOH HOH A . 
B 2 HOH 77  277 277 HOH HOH A . 
B 2 HOH 78  278 278 HOH HOH A . 
B 2 HOH 79  279 279 HOH HOH A . 
B 2 HOH 80  280 280 HOH HOH A . 
B 2 HOH 81  281 281 HOH HOH A . 
B 2 HOH 82  282 282 HOH HOH A . 
B 2 HOH 83  283 283 HOH HOH A . 
B 2 HOH 84  284 284 HOH HOH A . 
B 2 HOH 85  285 285 HOH HOH A . 
B 2 HOH 86  286 286 HOH HOH A . 
B 2 HOH 87  287 287 HOH HOH A . 
B 2 HOH 88  288 288 HOH HOH A . 
B 2 HOH 89  289 289 HOH HOH A . 
B 2 HOH 90  290 290 HOH HOH A . 
B 2 HOH 91  291 291 HOH HOH A . 
B 2 HOH 92  292 292 HOH HOH A . 
B 2 HOH 93  293 293 HOH HOH A . 
B 2 HOH 94  294 294 HOH HOH A . 
B 2 HOH 95  295 295 HOH HOH A . 
B 2 HOH 96  296 296 HOH HOH A . 
B 2 HOH 97  297 297 HOH HOH A . 
B 2 HOH 98  298 298 HOH HOH A . 
B 2 HOH 99  299 299 HOH HOH A . 
B 2 HOH 100 300 300 HOH HOH A . 
B 2 HOH 101 301 301 HOH HOH A . 
B 2 HOH 102 302 302 HOH HOH A . 
B 2 HOH 103 303 303 HOH HOH A . 
B 2 HOH 104 304 304 HOH HOH A . 
B 2 HOH 105 305 305 HOH HOH A . 
B 2 HOH 106 306 306 HOH HOH A . 
B 2 HOH 107 307 307 HOH HOH A . 
B 2 HOH 108 308 308 HOH HOH A . 
B 2 HOH 109 309 309 HOH HOH A . 
B 2 HOH 110 310 310 HOH HOH A . 
B 2 HOH 111 311 311 HOH HOH A . 
B 2 HOH 112 312 312 HOH HOH A . 
B 2 HOH 113 313 313 HOH HOH A . 
B 2 HOH 114 314 314 HOH HOH A . 
B 2 HOH 115 315 315 HOH HOH A . 
B 2 HOH 116 316 316 HOH HOH A . 
B 2 HOH 117 317 317 HOH HOH A . 
B 2 HOH 118 318 318 HOH HOH A . 
B 2 HOH 119 319 319 HOH HOH A . 
B 2 HOH 120 320 320 HOH HOH A . 
B 2 HOH 121 321 321 HOH HOH A . 
B 2 HOH 122 322 322 HOH HOH A . 
B 2 HOH 123 323 323 HOH HOH A . 
B 2 HOH 124 324 324 HOH HOH A . 
B 2 HOH 125 325 325 HOH HOH A . 
B 2 HOH 126 326 326 HOH HOH A . 
B 2 HOH 127 327 327 HOH HOH A . 
B 2 HOH 128 328 328 HOH HOH A . 
B 2 HOH 129 329 329 HOH HOH A . 
B 2 HOH 130 330 330 HOH HOH A . 
B 2 HOH 131 331 331 HOH HOH A . 
B 2 HOH 132 332 332 HOH HOH A . 
B 2 HOH 133 333 333 HOH HOH A . 
# 
_pdbx_struct_assembly.id                   1 
_pdbx_struct_assembly.details              author_and_software_defined_assembly 
_pdbx_struct_assembly.method_details       PISA 
_pdbx_struct_assembly.oligomeric_details   trimeric 
_pdbx_struct_assembly.oligomeric_count     3 
# 
_pdbx_struct_assembly_gen.assembly_id       1 
_pdbx_struct_assembly_gen.oper_expression   1,2,3 
_pdbx_struct_assembly_gen.asym_id_list      A,B 
# 
loop_
_pdbx_struct_assembly_prop.biol_id 
_pdbx_struct_assembly_prop.type 
_pdbx_struct_assembly_prop.value 
_pdbx_struct_assembly_prop.details 
1 'ABSA (A^2)' 6240  ? 
1 MORE         -36   ? 
1 'SSA (A^2)'  18350 ? 
# 
loop_
_pdbx_struct_oper_list.id 
_pdbx_struct_oper_list.type 
_pdbx_struct_oper_list.name 
_pdbx_struct_oper_list.symmetry_operation 
_pdbx_struct_oper_list.matrix[1][1] 
_pdbx_struct_oper_list.matrix[1][2] 
_pdbx_struct_oper_list.matrix[1][3] 
_pdbx_struct_oper_list.vector[1] 
_pdbx_struct_oper_list.matrix[2][1] 
_pdbx_struct_oper_list.matrix[2][2] 
_pdbx_struct_oper_list.matrix[2][3] 
_pdbx_struct_oper_list.vector[2] 
_pdbx_struct_oper_list.matrix[3][1] 
_pdbx_struct_oper_list.matrix[3][2] 
_pdbx_struct_oper_list.matrix[3][3] 
_pdbx_struct_oper_list.vector[3] 
1 'identity operation'         1_555 x,y,z     1.0000000000 0.0000000000  0.0000000000 0.0000000000   0.0000000000  1.0000000000  0.0000000000  0.0000000000   0.0000000000 0.0000000000  1.0000000000  0.0000000000  
2 'crystal symmetry operation' 2_555 -y,x-y,z  0.4364363409 -0.0477894985 0.8984650712 -9.2915384864  -0.8705105065 -0.2748712693 0.4082367493  -22.6801012514 0.2274528050 -0.9602926373 -0.1615650715 -3.0422010007 
3 'crystal symmetry operation' 3_555 -x+y,-x,z 0.4364363409 -0.8705105065 0.2274528050 -14.9961442178 -0.0477894985 -0.2748712693 -0.9602926373 -9.5995494055  0.8984650712 0.4082367493  -0.1615650715 17.1154601736 
# 
loop_
_pdbx_struct_special_symmetry.id 
_pdbx_struct_special_symmetry.PDB_model_num 
_pdbx_struct_special_symmetry.auth_asym_id 
_pdbx_struct_special_symmetry.auth_comp_id 
_pdbx_struct_special_symmetry.auth_seq_id 
_pdbx_struct_special_symmetry.PDB_ins_code 
_pdbx_struct_special_symmetry.label_asym_id 
_pdbx_struct_special_symmetry.label_comp_id 
_pdbx_struct_special_symmetry.label_seq_id 
1 1 A HOH 319 ? B HOH . 
2 1 A HOH 330 ? B HOH . 
3 1 A HOH 333 ? B HOH . 
# 
loop_
_pdbx_audit_revision_history.ordinal 
_pdbx_audit_revision_history.data_content_type 
_pdbx_audit_revision_history.major_revision 
_pdbx_audit_revision_history.minor_revision 
_pdbx_audit_revision_history.revision_date 
1 'Structure model' 1 0 2017-07-19 
2 'Structure model' 1 1 2023-10-04 
# 
_pdbx_audit_revision_details.ordinal             1 
_pdbx_audit_revision_details.revision_ordinal    1 
_pdbx_audit_revision_details.data_content_type   'Structure model' 
_pdbx_audit_revision_details.provider            repository 
_pdbx_audit_revision_details.type                'Initial release' 
_pdbx_audit_revision_details.description         ? 
_pdbx_audit_revision_details.details             ? 
# 
loop_
_pdbx_audit_revision_group.ordinal 
_pdbx_audit_revision_group.revision_ordinal 
_pdbx_audit_revision_group.data_content_type 
_pdbx_audit_revision_group.group 
1 2 'Structure model' 'Data collection'        
2 2 'Structure model' 'Database references'    
3 2 'Structure model' 'Refinement description' 
# 
loop_
_pdbx_audit_revision_category.ordinal 
_pdbx_audit_revision_category.revision_ordinal 
_pdbx_audit_revision_category.data_content_type 
_pdbx_audit_revision_category.category 
1 2 'Structure model' chem_comp_atom                
2 2 'Structure model' chem_comp_bond                
3 2 'Structure model' database_2                    
4 2 'Structure model' diffrn_radiation_wavelength   
5 2 'Structure model' pdbx_initial_refinement_model 
# 
loop_
_pdbx_audit_revision_item.ordinal 
_pdbx_audit_revision_item.revision_ordinal 
_pdbx_audit_revision_item.data_content_type 
_pdbx_audit_revision_item.item 
1 2 'Structure model' '_database_2.pdbx_DOI'                
2 2 'Structure model' '_database_2.pdbx_database_accession' 
# 
loop_
_software.citation_id 
_software.classification 
_software.compiler_name 
_software.compiler_version 
_software.contact_author 
_software.contact_author_email 
_software.date 
_software.description 
_software.dependencies 
_software.hardware 
_software.language 
_software.location 
_software.mods 
_software.name 
_software.os 
_software.os_version 
_software.type 
_software.version 
_software.pdbx_ordinal 
? 'data scaling'    ? ? ? ? ? ? ? ? ? ? ? SCALA       ? ? ? 3.3.20   1 
? refinement        ? ? ? ? ? ? ? ? ? ? ? PHENIX      ? ? ? 1.9-1962 2 
? 'data extraction' ? ? ? ? ? ? ? ? ? ? ? PDB_EXTRACT ? ? ? 3.15     3 
? phasing           ? ? ? ? ? ? ? ? ? ? ? MOLREP      ? ? ? .        4 
? 'data reduction'  ? ? ? ? ? ? ? ? ? ? ? XDS         ? ? ? .        5 
# 
loop_
_pdbx_validate_symm_contact.id 
_pdbx_validate_symm_contact.PDB_model_num 
_pdbx_validate_symm_contact.auth_atom_id_1 
_pdbx_validate_symm_contact.auth_asym_id_1 
_pdbx_validate_symm_contact.auth_comp_id_1 
_pdbx_validate_symm_contact.auth_seq_id_1 
_pdbx_validate_symm_contact.PDB_ins_code_1 
_pdbx_validate_symm_contact.label_alt_id_1 
_pdbx_validate_symm_contact.site_symmetry_1 
_pdbx_validate_symm_contact.auth_atom_id_2 
_pdbx_validate_symm_contact.auth_asym_id_2 
_pdbx_validate_symm_contact.auth_comp_id_2 
_pdbx_validate_symm_contact.auth_seq_id_2 
_pdbx_validate_symm_contact.PDB_ins_code_2 
_pdbx_validate_symm_contact.label_alt_id_2 
_pdbx_validate_symm_contact.site_symmetry_2 
_pdbx_validate_symm_contact.dist 
1 1 O A HOH 312 ? ? 1_555 O A HOH 316 ? ? 2_555 2.05 
2 1 O A HOH 265 ? ? 1_555 O A HOH 290 ? ? 3_555 2.14 
3 1 O A HOH 312 ? ? 1_555 O A HOH 312 ? ? 2_555 2.14 
# 
_pdbx_distant_solvent_atoms.id                                1 
_pdbx_distant_solvent_atoms.PDB_model_num                     1 
_pdbx_distant_solvent_atoms.auth_atom_id                      O 
_pdbx_distant_solvent_atoms.label_alt_id                      ? 
_pdbx_distant_solvent_atoms.auth_asym_id                      A 
_pdbx_distant_solvent_atoms.auth_comp_id                      HOH 
_pdbx_distant_solvent_atoms.auth_seq_id                       333 
_pdbx_distant_solvent_atoms.PDB_ins_code                      ? 
_pdbx_distant_solvent_atoms.neighbor_macromolecule_distance   6.00 
_pdbx_distant_solvent_atoms.neighbor_ligand_distance          . 
# 
loop_
_pdbx_unobs_or_zero_occ_atoms.id 
_pdbx_unobs_or_zero_occ_atoms.PDB_model_num 
_pdbx_unobs_or_zero_occ_atoms.polymer_flag 
_pdbx_unobs_or_zero_occ_atoms.occupancy_flag 
_pdbx_unobs_or_zero_occ_atoms.auth_asym_id 
_pdbx_unobs_or_zero_occ_atoms.auth_comp_id 
_pdbx_unobs_or_zero_occ_atoms.auth_seq_id 
_pdbx_unobs_or_zero_occ_atoms.PDB_ins_code 
_pdbx_unobs_or_zero_occ_atoms.auth_atom_id 
_pdbx_unobs_or_zero_occ_atoms.label_alt_id 
_pdbx_unobs_or_zero_occ_atoms.label_asym_id 
_pdbx_unobs_or_zero_occ_atoms.label_comp_id 
_pdbx_unobs_or_zero_occ_atoms.label_seq_id 
_pdbx_unobs_or_zero_occ_atoms.label_atom_id 
1 1 Y 1 A GLU 45 ? CG  ? A GLU 52 CG  
2 1 Y 1 A GLU 45 ? CD  ? A GLU 52 CD  
3 1 Y 1 A GLU 45 ? OE1 ? A GLU 52 OE1 
4 1 Y 1 A GLU 45 ? OE2 ? A GLU 52 OE2 
# 
loop_
_pdbx_unobs_or_zero_occ_residues.id 
_pdbx_unobs_or_zero_occ_residues.PDB_model_num 
_pdbx_unobs_or_zero_occ_residues.polymer_flag 
_pdbx_unobs_or_zero_occ_residues.occupancy_flag 
_pdbx_unobs_or_zero_occ_residues.auth_asym_id 
_pdbx_unobs_or_zero_occ_residues.auth_comp_id 
_pdbx_unobs_or_zero_occ_residues.auth_seq_id 
_pdbx_unobs_or_zero_occ_residues.PDB_ins_code 
_pdbx_unobs_or_zero_occ_residues.label_asym_id 
_pdbx_unobs_or_zero_occ_residues.label_comp_id 
_pdbx_unobs_or_zero_occ_residues.label_seq_id 
1  1 Y 1 A MET -6  ? A MET 1   
2  1 Y 1 A HIS -5  ? A HIS 2   
3  1 Y 1 A HIS -4  ? A HIS 3   
4  1 Y 1 A HIS -3  ? A HIS 4   
5  1 Y 1 A HIS -2  ? A HIS 5   
6  1 Y 1 A HIS -1  ? A HIS 6   
7  1 Y 1 A HIS 0   ? A HIS 7   
8  1 Y 1 A MET 1   ? A MET 8   
9  1 Y 1 A GLY 148 ? A GLY 155 
10 1 Y 1 A ALA 149 ? A ALA 156 
# 
loop_
_chem_comp_atom.comp_id 
_chem_comp_atom.atom_id 
_chem_comp_atom.type_symbol 
_chem_comp_atom.pdbx_aromatic_flag 
_chem_comp_atom.pdbx_stereo_config 
_chem_comp_atom.pdbx_ordinal 
ALA N    N N N 1   
ALA CA   C N S 2   
ALA C    C N N 3   
ALA O    O N N 4   
ALA CB   C N N 5   
ALA OXT  O N N 6   
ALA H    H N N 7   
ALA H2   H N N 8   
ALA HA   H N N 9   
ALA HB1  H N N 10  
ALA HB2  H N N 11  
ALA HB3  H N N 12  
ALA HXT  H N N 13  
ARG N    N N N 14  
ARG CA   C N S 15  
ARG C    C N N 16  
ARG O    O N N 17  
ARG CB   C N N 18  
ARG CG   C N N 19  
ARG CD   C N N 20  
ARG NE   N N N 21  
ARG CZ   C N N 22  
ARG NH1  N N N 23  
ARG NH2  N N N 24  
ARG OXT  O N N 25  
ARG H    H N N 26  
ARG H2   H N N 27  
ARG HA   H N N 28  
ARG HB2  H N N 29  
ARG HB3  H N N 30  
ARG HG2  H N N 31  
ARG HG3  H N N 32  
ARG HD2  H N N 33  
ARG HD3  H N N 34  
ARG HE   H N N 35  
ARG HH11 H N N 36  
ARG HH12 H N N 37  
ARG HH21 H N N 38  
ARG HH22 H N N 39  
ARG HXT  H N N 40  
ASN N    N N N 41  
ASN CA   C N S 42  
ASN C    C N N 43  
ASN O    O N N 44  
ASN CB   C N N 45  
ASN CG   C N N 46  
ASN OD1  O N N 47  
ASN ND2  N N N 48  
ASN OXT  O N N 49  
ASN H    H N N 50  
ASN H2   H N N 51  
ASN HA   H N N 52  
ASN HB2  H N N 53  
ASN HB3  H N N 54  
ASN HD21 H N N 55  
ASN HD22 H N N 56  
ASN HXT  H N N 57  
ASP N    N N N 58  
ASP CA   C N S 59  
ASP C    C N N 60  
ASP O    O N N 61  
ASP CB   C N N 62  
ASP CG   C N N 63  
ASP OD1  O N N 64  
ASP OD2  O N N 65  
ASP OXT  O N N 66  
ASP H    H N N 67  
ASP H2   H N N 68  
ASP HA   H N N 69  
ASP HB2  H N N 70  
ASP HB3  H N N 71  
ASP HD2  H N N 72  
ASP HXT  H N N 73  
CYS N    N N N 74  
CYS CA   C N R 75  
CYS C    C N N 76  
CYS O    O N N 77  
CYS CB   C N N 78  
CYS SG   S N N 79  
CYS OXT  O N N 80  
CYS H    H N N 81  
CYS H2   H N N 82  
CYS HA   H N N 83  
CYS HB2  H N N 84  
CYS HB3  H N N 85  
CYS HG   H N N 86  
CYS HXT  H N N 87  
GLN N    N N N 88  
GLN CA   C N S 89  
GLN C    C N N 90  
GLN O    O N N 91  
GLN CB   C N N 92  
GLN CG   C N N 93  
GLN CD   C N N 94  
GLN OE1  O N N 95  
GLN NE2  N N N 96  
GLN OXT  O N N 97  
GLN H    H N N 98  
GLN H2   H N N 99  
GLN HA   H N N 100 
GLN HB2  H N N 101 
GLN HB3  H N N 102 
GLN HG2  H N N 103 
GLN HG3  H N N 104 
GLN HE21 H N N 105 
GLN HE22 H N N 106 
GLN HXT  H N N 107 
GLU N    N N N 108 
GLU CA   C N S 109 
GLU C    C N N 110 
GLU O    O N N 111 
GLU CB   C N N 112 
GLU CG   C N N 113 
GLU CD   C N N 114 
GLU OE1  O N N 115 
GLU OE2  O N N 116 
GLU OXT  O N N 117 
GLU H    H N N 118 
GLU H2   H N N 119 
GLU HA   H N N 120 
GLU HB2  H N N 121 
GLU HB3  H N N 122 
GLU HG2  H N N 123 
GLU HG3  H N N 124 
GLU HE2  H N N 125 
GLU HXT  H N N 126 
GLY N    N N N 127 
GLY CA   C N N 128 
GLY C    C N N 129 
GLY O    O N N 130 
GLY OXT  O N N 131 
GLY H    H N N 132 
GLY H2   H N N 133 
GLY HA2  H N N 134 
GLY HA3  H N N 135 
GLY HXT  H N N 136 
HIS N    N N N 137 
HIS CA   C N S 138 
HIS C    C N N 139 
HIS O    O N N 140 
HIS CB   C N N 141 
HIS CG   C Y N 142 
HIS ND1  N Y N 143 
HIS CD2  C Y N 144 
HIS CE1  C Y N 145 
HIS NE2  N Y N 146 
HIS OXT  O N N 147 
HIS H    H N N 148 
HIS H2   H N N 149 
HIS HA   H N N 150 
HIS HB2  H N N 151 
HIS HB3  H N N 152 
HIS HD1  H N N 153 
HIS HD2  H N N 154 
HIS HE1  H N N 155 
HIS HE2  H N N 156 
HIS HXT  H N N 157 
HOH O    O N N 158 
HOH H1   H N N 159 
HOH H2   H N N 160 
ILE N    N N N 161 
ILE CA   C N S 162 
ILE C    C N N 163 
ILE O    O N N 164 
ILE CB   C N S 165 
ILE CG1  C N N 166 
ILE CG2  C N N 167 
ILE CD1  C N N 168 
ILE OXT  O N N 169 
ILE H    H N N 170 
ILE H2   H N N 171 
ILE HA   H N N 172 
ILE HB   H N N 173 
ILE HG12 H N N 174 
ILE HG13 H N N 175 
ILE HG21 H N N 176 
ILE HG22 H N N 177 
ILE HG23 H N N 178 
ILE HD11 H N N 179 
ILE HD12 H N N 180 
ILE HD13 H N N 181 
ILE HXT  H N N 182 
LEU N    N N N 183 
LEU CA   C N S 184 
LEU C    C N N 185 
LEU O    O N N 186 
LEU CB   C N N 187 
LEU CG   C N N 188 
LEU CD1  C N N 189 
LEU CD2  C N N 190 
LEU OXT  O N N 191 
LEU H    H N N 192 
LEU H2   H N N 193 
LEU HA   H N N 194 
LEU HB2  H N N 195 
LEU HB3  H N N 196 
LEU HG   H N N 197 
LEU HD11 H N N 198 
LEU HD12 H N N 199 
LEU HD13 H N N 200 
LEU HD21 H N N 201 
LEU HD22 H N N 202 
LEU HD23 H N N 203 
LEU HXT  H N N 204 
LYS N    N N N 205 
LYS CA   C N S 206 
LYS C    C N N 207 
LYS O    O N N 208 
LYS CB   C N N 209 
LYS CG   C N N 210 
LYS CD   C N N 211 
LYS CE   C N N 212 
LYS NZ   N N N 213 
LYS OXT  O N N 214 
LYS H    H N N 215 
LYS H2   H N N 216 
LYS HA   H N N 217 
LYS HB2  H N N 218 
LYS HB3  H N N 219 
LYS HG2  H N N 220 
LYS HG3  H N N 221 
LYS HD2  H N N 222 
LYS HD3  H N N 223 
LYS HE2  H N N 224 
LYS HE3  H N N 225 
LYS HZ1  H N N 226 
LYS HZ2  H N N 227 
LYS HZ3  H N N 228 
LYS HXT  H N N 229 
MET N    N N N 230 
MET CA   C N S 231 
MET C    C N N 232 
MET O    O N N 233 
MET CB   C N N 234 
MET CG   C N N 235 
MET SD   S N N 236 
MET CE   C N N 237 
MET OXT  O N N 238 
MET H    H N N 239 
MET H2   H N N 240 
MET HA   H N N 241 
MET HB2  H N N 242 
MET HB3  H N N 243 
MET HG2  H N N 244 
MET HG3  H N N 245 
MET HE1  H N N 246 
MET HE2  H N N 247 
MET HE3  H N N 248 
MET HXT  H N N 249 
PHE N    N N N 250 
PHE CA   C N S 251 
PHE C    C N N 252 
PHE O    O N N 253 
PHE CB   C N N 254 
PHE CG   C Y N 255 
PHE CD1  C Y N 256 
PHE CD2  C Y N 257 
PHE CE1  C Y N 258 
PHE CE2  C Y N 259 
PHE CZ   C Y N 260 
PHE OXT  O N N 261 
PHE H    H N N 262 
PHE H2   H N N 263 
PHE HA   H N N 264 
PHE HB2  H N N 265 
PHE HB3  H N N 266 
PHE HD1  H N N 267 
PHE HD2  H N N 268 
PHE HE1  H N N 269 
PHE HE2  H N N 270 
PHE HZ   H N N 271 
PHE HXT  H N N 272 
PRO N    N N N 273 
PRO CA   C N S 274 
PRO C    C N N 275 
PRO O    O N N 276 
PRO CB   C N N 277 
PRO CG   C N N 278 
PRO CD   C N N 279 
PRO OXT  O N N 280 
PRO H    H N N 281 
PRO HA   H N N 282 
PRO HB2  H N N 283 
PRO HB3  H N N 284 
PRO HG2  H N N 285 
PRO HG3  H N N 286 
PRO HD2  H N N 287 
PRO HD3  H N N 288 
PRO HXT  H N N 289 
SER N    N N N 290 
SER CA   C N S 291 
SER C    C N N 292 
SER O    O N N 293 
SER CB   C N N 294 
SER OG   O N N 295 
SER OXT  O N N 296 
SER H    H N N 297 
SER H2   H N N 298 
SER HA   H N N 299 
SER HB2  H N N 300 
SER HB3  H N N 301 
SER HG   H N N 302 
SER HXT  H N N 303 
THR N    N N N 304 
THR CA   C N S 305 
THR C    C N N 306 
THR O    O N N 307 
THR CB   C N R 308 
THR OG1  O N N 309 
THR CG2  C N N 310 
THR OXT  O N N 311 
THR H    H N N 312 
THR H2   H N N 313 
THR HA   H N N 314 
THR HB   H N N 315 
THR HG1  H N N 316 
THR HG21 H N N 317 
THR HG22 H N N 318 
THR HG23 H N N 319 
THR HXT  H N N 320 
TRP N    N N N 321 
TRP CA   C N S 322 
TRP C    C N N 323 
TRP O    O N N 324 
TRP CB   C N N 325 
TRP CG   C Y N 326 
TRP CD1  C Y N 327 
TRP CD2  C Y N 328 
TRP NE1  N Y N 329 
TRP CE2  C Y N 330 
TRP CE3  C Y N 331 
TRP CZ2  C Y N 332 
TRP CZ3  C Y N 333 
TRP CH2  C Y N 334 
TRP OXT  O N N 335 
TRP H    H N N 336 
TRP H2   H N N 337 
TRP HA   H N N 338 
TRP HB2  H N N 339 
TRP HB3  H N N 340 
TRP HD1  H N N 341 
TRP HE1  H N N 342 
TRP HE3  H N N 343 
TRP HZ2  H N N 344 
TRP HZ3  H N N 345 
TRP HH2  H N N 346 
TRP HXT  H N N 347 
TYR N    N N N 348 
TYR CA   C N S 349 
TYR C    C N N 350 
TYR O    O N N 351 
TYR CB   C N N 352 
TYR CG   C Y N 353 
TYR CD1  C Y N 354 
TYR CD2  C Y N 355 
TYR CE1  C Y N 356 
TYR CE2  C Y N 357 
TYR CZ   C Y N 358 
TYR OH   O N N 359 
TYR OXT  O N N 360 
TYR H    H N N 361 
TYR H2   H N N 362 
TYR HA   H N N 363 
TYR HB2  H N N 364 
TYR HB3  H N N 365 
TYR HD1  H N N 366 
TYR HD2  H N N 367 
TYR HE1  H N N 368 
TYR HE2  H N N 369 
TYR HH   H N N 370 
TYR HXT  H N N 371 
VAL N    N N N 372 
VAL CA   C N S 373 
VAL C    C N N 374 
VAL O    O N N 375 
VAL CB   C N N 376 
VAL CG1  C N N 377 
VAL CG2  C N N 378 
VAL OXT  O N N 379 
VAL H    H N N 380 
VAL H2   H N N 381 
VAL HA   H N N 382 
VAL HB   H N N 383 
VAL HG11 H N N 384 
VAL HG12 H N N 385 
VAL HG13 H N N 386 
VAL HG21 H N N 387 
VAL HG22 H N N 388 
VAL HG23 H N N 389 
VAL HXT  H N N 390 
# 
loop_
_chem_comp_bond.comp_id 
_chem_comp_bond.atom_id_1 
_chem_comp_bond.atom_id_2 
_chem_comp_bond.value_order 
_chem_comp_bond.pdbx_aromatic_flag 
_chem_comp_bond.pdbx_stereo_config 
_chem_comp_bond.pdbx_ordinal 
ALA N   CA   sing N N 1   
ALA N   H    sing N N 2   
ALA N   H2   sing N N 3   
ALA CA  C    sing N N 4   
ALA CA  CB   sing N N 5   
ALA CA  HA   sing N N 6   
ALA C   O    doub N N 7   
ALA C   OXT  sing N N 8   
ALA CB  HB1  sing N N 9   
ALA CB  HB2  sing N N 10  
ALA CB  HB3  sing N N 11  
ALA OXT HXT  sing N N 12  
ARG N   CA   sing N N 13  
ARG N   H    sing N N 14  
ARG N   H2   sing N N 15  
ARG CA  C    sing N N 16  
ARG CA  CB   sing N N 17  
ARG CA  HA   sing N N 18  
ARG C   O    doub N N 19  
ARG C   OXT  sing N N 20  
ARG CB  CG   sing N N 21  
ARG CB  HB2  sing N N 22  
ARG CB  HB3  sing N N 23  
ARG CG  CD   sing N N 24  
ARG CG  HG2  sing N N 25  
ARG CG  HG3  sing N N 26  
ARG CD  NE   sing N N 27  
ARG CD  HD2  sing N N 28  
ARG CD  HD3  sing N N 29  
ARG NE  CZ   sing N N 30  
ARG NE  HE   sing N N 31  
ARG CZ  NH1  sing N N 32  
ARG CZ  NH2  doub N N 33  
ARG NH1 HH11 sing N N 34  
ARG NH1 HH12 sing N N 35  
ARG NH2 HH21 sing N N 36  
ARG NH2 HH22 sing N N 37  
ARG OXT HXT  sing N N 38  
ASN N   CA   sing N N 39  
ASN N   H    sing N N 40  
ASN N   H2   sing N N 41  
ASN CA  C    sing N N 42  
ASN CA  CB   sing N N 43  
ASN CA  HA   sing N N 44  
ASN C   O    doub N N 45  
ASN C   OXT  sing N N 46  
ASN CB  CG   sing N N 47  
ASN CB  HB2  sing N N 48  
ASN CB  HB3  sing N N 49  
ASN CG  OD1  doub N N 50  
ASN CG  ND2  sing N N 51  
ASN ND2 HD21 sing N N 52  
ASN ND2 HD22 sing N N 53  
ASN OXT HXT  sing N N 54  
ASP N   CA   sing N N 55  
ASP N   H    sing N N 56  
ASP N   H2   sing N N 57  
ASP CA  C    sing N N 58  
ASP CA  CB   sing N N 59  
ASP CA  HA   sing N N 60  
ASP C   O    doub N N 61  
ASP C   OXT  sing N N 62  
ASP CB  CG   sing N N 63  
ASP CB  HB2  sing N N 64  
ASP CB  HB3  sing N N 65  
ASP CG  OD1  doub N N 66  
ASP CG  OD2  sing N N 67  
ASP OD2 HD2  sing N N 68  
ASP OXT HXT  sing N N 69  
CYS N   CA   sing N N 70  
CYS N   H    sing N N 71  
CYS N   H2   sing N N 72  
CYS CA  C    sing N N 73  
CYS CA  CB   sing N N 74  
CYS CA  HA   sing N N 75  
CYS C   O    doub N N 76  
CYS C   OXT  sing N N 77  
CYS CB  SG   sing N N 78  
CYS CB  HB2  sing N N 79  
CYS CB  HB3  sing N N 80  
CYS SG  HG   sing N N 81  
CYS OXT HXT  sing N N 82  
GLN N   CA   sing N N 83  
GLN N   H    sing N N 84  
GLN N   H2   sing N N 85  
GLN CA  C    sing N N 86  
GLN CA  CB   sing N N 87  
GLN CA  HA   sing N N 88  
GLN C   O    doub N N 89  
GLN C   OXT  sing N N 90  
GLN CB  CG   sing N N 91  
GLN CB  HB2  sing N N 92  
GLN CB  HB3  sing N N 93  
GLN CG  CD   sing N N 94  
GLN CG  HG2  sing N N 95  
GLN CG  HG3  sing N N 96  
GLN CD  OE1  doub N N 97  
GLN CD  NE2  sing N N 98  
GLN NE2 HE21 sing N N 99  
GLN NE2 HE22 sing N N 100 
GLN OXT HXT  sing N N 101 
GLU N   CA   sing N N 102 
GLU N   H    sing N N 103 
GLU N   H2   sing N N 104 
GLU CA  C    sing N N 105 
GLU CA  CB   sing N N 106 
GLU CA  HA   sing N N 107 
GLU C   O    doub N N 108 
GLU C   OXT  sing N N 109 
GLU CB  CG   sing N N 110 
GLU CB  HB2  sing N N 111 
GLU CB  HB3  sing N N 112 
GLU CG  CD   sing N N 113 
GLU CG  HG2  sing N N 114 
GLU CG  HG3  sing N N 115 
GLU CD  OE1  doub N N 116 
GLU CD  OE2  sing N N 117 
GLU OE2 HE2  sing N N 118 
GLU OXT HXT  sing N N 119 
GLY N   CA   sing N N 120 
GLY N   H    sing N N 121 
GLY N   H2   sing N N 122 
GLY CA  C    sing N N 123 
GLY CA  HA2  sing N N 124 
GLY CA  HA3  sing N N 125 
GLY C   O    doub N N 126 
GLY C   OXT  sing N N 127 
GLY OXT HXT  sing N N 128 
HIS N   CA   sing N N 129 
HIS N   H    sing N N 130 
HIS N   H2   sing N N 131 
HIS CA  C    sing N N 132 
HIS CA  CB   sing N N 133 
HIS CA  HA   sing N N 134 
HIS C   O    doub N N 135 
HIS C   OXT  sing N N 136 
HIS CB  CG   sing N N 137 
HIS CB  HB2  sing N N 138 
HIS CB  HB3  sing N N 139 
HIS CG  ND1  sing Y N 140 
HIS CG  CD2  doub Y N 141 
HIS ND1 CE1  doub Y N 142 
HIS ND1 HD1  sing N N 143 
HIS CD2 NE2  sing Y N 144 
HIS CD2 HD2  sing N N 145 
HIS CE1 NE2  sing Y N 146 
HIS CE1 HE1  sing N N 147 
HIS NE2 HE2  sing N N 148 
HIS OXT HXT  sing N N 149 
HOH O   H1   sing N N 150 
HOH O   H2   sing N N 151 
ILE N   CA   sing N N 152 
ILE N   H    sing N N 153 
ILE N   H2   sing N N 154 
ILE CA  C    sing N N 155 
ILE CA  CB   sing N N 156 
ILE CA  HA   sing N N 157 
ILE C   O    doub N N 158 
ILE C   OXT  sing N N 159 
ILE CB  CG1  sing N N 160 
ILE CB  CG2  sing N N 161 
ILE CB  HB   sing N N 162 
ILE CG1 CD1  sing N N 163 
ILE CG1 HG12 sing N N 164 
ILE CG1 HG13 sing N N 165 
ILE CG2 HG21 sing N N 166 
ILE CG2 HG22 sing N N 167 
ILE CG2 HG23 sing N N 168 
ILE CD1 HD11 sing N N 169 
ILE CD1 HD12 sing N N 170 
ILE CD1 HD13 sing N N 171 
ILE OXT HXT  sing N N 172 
LEU N   CA   sing N N 173 
LEU N   H    sing N N 174 
LEU N   H2   sing N N 175 
LEU CA  C    sing N N 176 
LEU CA  CB   sing N N 177 
LEU CA  HA   sing N N 178 
LEU C   O    doub N N 179 
LEU C   OXT  sing N N 180 
LEU CB  CG   sing N N 181 
LEU CB  HB2  sing N N 182 
LEU CB  HB3  sing N N 183 
LEU CG  CD1  sing N N 184 
LEU CG  CD2  sing N N 185 
LEU CG  HG   sing N N 186 
LEU CD1 HD11 sing N N 187 
LEU CD1 HD12 sing N N 188 
LEU CD1 HD13 sing N N 189 
LEU CD2 HD21 sing N N 190 
LEU CD2 HD22 sing N N 191 
LEU CD2 HD23 sing N N 192 
LEU OXT HXT  sing N N 193 
LYS N   CA   sing N N 194 
LYS N   H    sing N N 195 
LYS N   H2   sing N N 196 
LYS CA  C    sing N N 197 
LYS CA  CB   sing N N 198 
LYS CA  HA   sing N N 199 
LYS C   O    doub N N 200 
LYS C   OXT  sing N N 201 
LYS CB  CG   sing N N 202 
LYS CB  HB2  sing N N 203 
LYS CB  HB3  sing N N 204 
LYS CG  CD   sing N N 205 
LYS CG  HG2  sing N N 206 
LYS CG  HG3  sing N N 207 
LYS CD  CE   sing N N 208 
LYS CD  HD2  sing N N 209 
LYS CD  HD3  sing N N 210 
LYS CE  NZ   sing N N 211 
LYS CE  HE2  sing N N 212 
LYS CE  HE3  sing N N 213 
LYS NZ  HZ1  sing N N 214 
LYS NZ  HZ2  sing N N 215 
LYS NZ  HZ3  sing N N 216 
LYS OXT HXT  sing N N 217 
MET N   CA   sing N N 218 
MET N   H    sing N N 219 
MET N   H2   sing N N 220 
MET CA  C    sing N N 221 
MET CA  CB   sing N N 222 
MET CA  HA   sing N N 223 
MET C   O    doub N N 224 
MET C   OXT  sing N N 225 
MET CB  CG   sing N N 226 
MET CB  HB2  sing N N 227 
MET CB  HB3  sing N N 228 
MET CG  SD   sing N N 229 
MET CG  HG2  sing N N 230 
MET CG  HG3  sing N N 231 
MET SD  CE   sing N N 232 
MET CE  HE1  sing N N 233 
MET CE  HE2  sing N N 234 
MET CE  HE3  sing N N 235 
MET OXT HXT  sing N N 236 
PHE N   CA   sing N N 237 
PHE N   H    sing N N 238 
PHE N   H2   sing N N 239 
PHE CA  C    sing N N 240 
PHE CA  CB   sing N N 241 
PHE CA  HA   sing N N 242 
PHE C   O    doub N N 243 
PHE C   OXT  sing N N 244 
PHE CB  CG   sing N N 245 
PHE CB  HB2  sing N N 246 
PHE CB  HB3  sing N N 247 
PHE CG  CD1  doub Y N 248 
PHE CG  CD2  sing Y N 249 
PHE CD1 CE1  sing Y N 250 
PHE CD1 HD1  sing N N 251 
PHE CD2 CE2  doub Y N 252 
PHE CD2 HD2  sing N N 253 
PHE CE1 CZ   doub Y N 254 
PHE CE1 HE1  sing N N 255 
PHE CE2 CZ   sing Y N 256 
PHE CE2 HE2  sing N N 257 
PHE CZ  HZ   sing N N 258 
PHE OXT HXT  sing N N 259 
PRO N   CA   sing N N 260 
PRO N   CD   sing N N 261 
PRO N   H    sing N N 262 
PRO CA  C    sing N N 263 
PRO CA  CB   sing N N 264 
PRO CA  HA   sing N N 265 
PRO C   O    doub N N 266 
PRO C   OXT  sing N N 267 
PRO CB  CG   sing N N 268 
PRO CB  HB2  sing N N 269 
PRO CB  HB3  sing N N 270 
PRO CG  CD   sing N N 271 
PRO CG  HG2  sing N N 272 
PRO CG  HG3  sing N N 273 
PRO CD  HD2  sing N N 274 
PRO CD  HD3  sing N N 275 
PRO OXT HXT  sing N N 276 
SER N   CA   sing N N 277 
SER N   H    sing N N 278 
SER N   H2   sing N N 279 
SER CA  C    sing N N 280 
SER CA  CB   sing N N 281 
SER CA  HA   sing N N 282 
SER C   O    doub N N 283 
SER C   OXT  sing N N 284 
SER CB  OG   sing N N 285 
SER CB  HB2  sing N N 286 
SER CB  HB3  sing N N 287 
SER OG  HG   sing N N 288 
SER OXT HXT  sing N N 289 
THR N   CA   sing N N 290 
THR N   H    sing N N 291 
THR N   H2   sing N N 292 
THR CA  C    sing N N 293 
THR CA  CB   sing N N 294 
THR CA  HA   sing N N 295 
THR C   O    doub N N 296 
THR C   OXT  sing N N 297 
THR CB  OG1  sing N N 298 
THR CB  CG2  sing N N 299 
THR CB  HB   sing N N 300 
THR OG1 HG1  sing N N 301 
THR CG2 HG21 sing N N 302 
THR CG2 HG22 sing N N 303 
THR CG2 HG23 sing N N 304 
THR OXT HXT  sing N N 305 
TRP N   CA   sing N N 306 
TRP N   H    sing N N 307 
TRP N   H2   sing N N 308 
TRP CA  C    sing N N 309 
TRP CA  CB   sing N N 310 
TRP CA  HA   sing N N 311 
TRP C   O    doub N N 312 
TRP C   OXT  sing N N 313 
TRP CB  CG   sing N N 314 
TRP CB  HB2  sing N N 315 
TRP CB  HB3  sing N N 316 
TRP CG  CD1  doub Y N 317 
TRP CG  CD2  sing Y N 318 
TRP CD1 NE1  sing Y N 319 
TRP CD1 HD1  sing N N 320 
TRP CD2 CE2  doub Y N 321 
TRP CD2 CE3  sing Y N 322 
TRP NE1 CE2  sing Y N 323 
TRP NE1 HE1  sing N N 324 
TRP CE2 CZ2  sing Y N 325 
TRP CE3 CZ3  doub Y N 326 
TRP CE3 HE3  sing N N 327 
TRP CZ2 CH2  doub Y N 328 
TRP CZ2 HZ2  sing N N 329 
TRP CZ3 CH2  sing Y N 330 
TRP CZ3 HZ3  sing N N 331 
TRP CH2 HH2  sing N N 332 
TRP OXT HXT  sing N N 333 
TYR N   CA   sing N N 334 
TYR N   H    sing N N 335 
TYR N   H2   sing N N 336 
TYR CA  C    sing N N 337 
TYR CA  CB   sing N N 338 
TYR CA  HA   sing N N 339 
TYR C   O    doub N N 340 
TYR C   OXT  sing N N 341 
TYR CB  CG   sing N N 342 
TYR CB  HB2  sing N N 343 
TYR CB  HB3  sing N N 344 
TYR CG  CD1  doub Y N 345 
TYR CG  CD2  sing Y N 346 
TYR CD1 CE1  sing Y N 347 
TYR CD1 HD1  sing N N 348 
TYR CD2 CE2  doub Y N 349 
TYR CD2 HD2  sing N N 350 
TYR CE1 CZ   doub Y N 351 
TYR CE1 HE1  sing N N 352 
TYR CE2 CZ   sing Y N 353 
TYR CE2 HE2  sing N N 354 
TYR CZ  OH   sing N N 355 
TYR OH  HH   sing N N 356 
TYR OXT HXT  sing N N 357 
VAL N   CA   sing N N 358 
VAL N   H    sing N N 359 
VAL N   H2   sing N N 360 
VAL CA  C    sing N N 361 
VAL CA  CB   sing N N 362 
VAL CA  HA   sing N N 363 
VAL C   O    doub N N 364 
VAL C   OXT  sing N N 365 
VAL CB  CG1  sing N N 366 
VAL CB  CG2  sing N N 367 
VAL CB  HB   sing N N 368 
VAL CG1 HG11 sing N N 369 
VAL CG1 HG12 sing N N 370 
VAL CG1 HG13 sing N N 371 
VAL CG2 HG21 sing N N 372 
VAL CG2 HG22 sing N N 373 
VAL CG2 HG23 sing N N 374 
VAL OXT HXT  sing N N 375 
# 
_pdbx_entity_nonpoly.entity_id   2 
_pdbx_entity_nonpoly.name        water 
_pdbx_entity_nonpoly.comp_id     HOH 
# 
_pdbx_initial_refinement_model.id               1 
_pdbx_initial_refinement_model.entity_id_list   ? 
_pdbx_initial_refinement_model.type             'experimental model' 
_pdbx_initial_refinement_model.source_name      PDB 
_pdbx_initial_refinement_model.accession_code   3A76 
_pdbx_initial_refinement_model.details          ? 
# 
